data_4BNJ
#
_entry.id   4BNJ
#
_cell.length_a   89.860
_cell.length_b   94.520
_cell.length_c   94.830
_cell.angle_alpha   98.17
_cell.angle_beta   111.87
_cell.angle_gamma   97.33
#
_symmetry.space_group_name_H-M   'P 1'
#
loop_
_entity.id
_entity.type
_entity.pdbx_description
1 polymer 'ENOYL-[ACYL-CARRIER-PROTEIN] REDUCTASE [NADPH]'
2 non-polymer 'NADP NICOTINAMIDE-ADENINE-DINUCLEOTIDE PHOSPHATE'
3 non-polymer 5-methyl-2-phenoxyphenol
4 non-polymer 'GLUTAMIC ACID'
5 water water
#
_entity_poly.entity_id   1
_entity_poly.type   'polypeptide(L)'
_entity_poly.pdbx_seq_one_letter_code
;MKHHHHHHPMSDYDIPTTENLYFQGAMVNLENKTYVIMGIANKRSIAFGVAKVLDQLGAKLVFTYRKERSRKELEKLLEQ
LNQPEAHLYQIDVQSDEEVINGFEQIGKDVGNIDGVYHSIAFANMEDLRGRFSETSREGFLLAQDISSYSLTIVAHEAKK
LMPEGGSIVATTYLGGEFAVQNYNVMGVAKASLEANVKYLALDLGPDNIRVNAISAGPIRTLSAKGVGGFNTILKEIEER
APLKRNVDQVEVGKTAAYLLSDLSSGVTGENIHVDSGFHAIK
;
_entity_poly.pdbx_strand_id   A,B,C,D,E,F,G,H
#
# COMPACT_ATOMS: atom_id res chain seq x y z
N VAL A 28 -32.11 7.44 19.93
CA VAL A 28 -31.77 6.44 18.86
C VAL A 28 -31.71 4.97 19.36
N ASN A 29 -32.86 4.37 19.66
CA ASN A 29 -32.93 2.95 20.08
C ASN A 29 -33.26 2.05 18.88
N LEU A 30 -32.40 1.08 18.58
CA LEU A 30 -32.51 0.41 17.28
C LEU A 30 -32.92 -1.07 17.34
N GLU A 31 -33.46 -1.51 18.48
CA GLU A 31 -34.10 -2.80 18.58
C GLU A 31 -35.19 -2.96 17.54
N ASN A 32 -35.33 -4.18 17.01
CA ASN A 32 -36.34 -4.48 15.99
C ASN A 32 -36.06 -3.83 14.63
N LYS A 33 -34.97 -3.09 14.50
CA LYS A 33 -34.46 -2.70 13.19
C LYS A 33 -33.40 -3.64 12.64
N THR A 34 -33.37 -3.79 11.32
CA THR A 34 -32.34 -4.55 10.65
C THR A 34 -31.63 -3.68 9.62
N TYR A 35 -30.29 -3.70 9.62
CA TYR A 35 -29.47 -2.95 8.70
C TYR A 35 -28.47 -3.89 8.01
N VAL A 36 -28.27 -3.71 6.71
CA VAL A 36 -27.22 -4.39 5.98
C VAL A 36 -25.93 -3.54 5.95
N ILE A 37 -24.80 -4.14 6.33
CA ILE A 37 -23.55 -3.42 6.32
C ILE A 37 -22.63 -4.01 5.26
N MET A 38 -22.22 -3.17 4.33
CA MET A 38 -21.43 -3.66 3.20
C MET A 38 -20.01 -3.16 3.36
N GLY A 39 -19.05 -4.05 3.41
CA GLY A 39 -17.66 -3.64 3.24
C GLY A 39 -16.81 -3.62 4.49
N ILE A 40 -17.05 -4.54 5.40
CA ILE A 40 -16.07 -4.85 6.43
C ILE A 40 -15.02 -5.82 5.88
N ALA A 41 -13.75 -5.42 5.98
CA ALA A 41 -12.64 -6.31 5.59
C ALA A 41 -11.89 -6.83 6.80
N ASN A 42 -11.70 -5.94 7.79
CA ASN A 42 -11.03 -6.28 9.06
C ASN A 42 -11.43 -5.35 10.21
N LYS A 43 -10.72 -5.39 11.33
CA LYS A 43 -11.16 -4.62 12.51
C LYS A 43 -10.92 -3.10 12.34
N ARG A 44 -10.11 -2.68 11.37
CA ARG A 44 -9.87 -1.26 11.13
CA ARG A 44 -9.90 -1.26 11.16
C ARG A 44 -10.88 -0.66 10.16
N SER A 45 -11.69 -1.50 9.50
CA SER A 45 -12.67 -0.98 8.54
C SER A 45 -13.61 0.02 9.14
N ILE A 46 -13.90 1.06 8.35
CA ILE A 46 -14.89 2.04 8.79
C ILE A 46 -16.22 1.34 9.05
N ALA A 47 -16.62 0.40 8.20
CA ALA A 47 -17.89 -0.30 8.44
C ALA A 47 -17.95 -1.14 9.71
N PHE A 48 -16.80 -1.49 10.29
CA PHE A 48 -16.84 -2.19 11.59
C PHE A 48 -17.10 -1.23 12.75
N GLY A 49 -16.63 0.01 12.62
CA GLY A 49 -17.07 1.15 13.44
C GLY A 49 -18.58 1.34 13.43
N VAL A 50 -19.15 1.40 12.23
CA VAL A 50 -20.58 1.45 12.12
C VAL A 50 -21.21 0.25 12.84
N ALA A 51 -20.73 -0.96 12.59
CA ALA A 51 -21.36 -2.14 13.17
C ALA A 51 -21.37 -2.15 14.69
N LYS A 52 -20.24 -1.90 15.33
CA LYS A 52 -20.19 -1.71 16.78
C LYS A 52 -21.23 -0.74 17.27
N VAL A 53 -21.39 0.39 16.59
CA VAL A 53 -22.37 1.33 17.10
C VAL A 53 -23.78 0.75 17.00
N LEU A 54 -24.13 0.24 15.82
CA LEU A 54 -25.49 -0.21 15.59
C LEU A 54 -25.79 -1.41 16.46
N ASP A 55 -24.82 -2.31 16.57
CA ASP A 55 -25.03 -3.53 17.34
C ASP A 55 -25.28 -3.16 18.79
N GLN A 56 -24.50 -2.20 19.26
CA GLN A 56 -24.60 -1.62 20.60
C GLN A 56 -25.97 -1.00 20.85
N LEU A 57 -26.63 -0.52 19.80
CA LEU A 57 -27.94 0.11 19.94
C LEU A 57 -29.09 -0.92 19.79
N GLY A 58 -28.75 -2.19 19.68
CA GLY A 58 -29.75 -3.26 19.66
C GLY A 58 -30.24 -3.66 18.27
N ALA A 59 -29.61 -3.15 17.21
CA ALA A 59 -29.94 -3.54 15.84
C ALA A 59 -29.59 -4.98 15.50
N LYS A 60 -30.37 -5.57 14.60
CA LYS A 60 -29.97 -6.80 13.93
C LYS A 60 -29.11 -6.41 12.73
N LEU A 61 -28.01 -7.13 12.53
CA LEU A 61 -27.08 -6.79 11.46
C LEU A 61 -26.87 -7.96 10.48
N VAL A 62 -26.79 -7.61 9.20
CA VAL A 62 -26.55 -8.52 8.11
C VAL A 62 -25.30 -8.01 7.42
N PHE A 63 -24.35 -8.88 7.07
CA PHE A 63 -23.10 -8.39 6.52
C PHE A 63 -22.84 -8.91 5.12
N THR A 64 -22.26 -8.06 4.28
CA THR A 64 -21.83 -8.52 2.98
C THR A 64 -20.33 -8.30 2.84
N TYR A 65 -19.65 -9.17 2.07
CA TYR A 65 -18.19 -9.15 1.89
C TYR A 65 -17.85 -9.60 0.45
N ARG A 66 -16.64 -9.30 -0.04
CA ARG A 66 -16.23 -9.82 -1.34
C ARG A 66 -15.31 -11.05 -1.25
N LYS A 67 -14.24 -10.90 -0.49
CA LYS A 67 -13.12 -11.81 -0.46
C LYS A 67 -13.30 -12.81 0.68
N GLU A 68 -12.89 -14.05 0.46
CA GLU A 68 -12.90 -15.11 1.47
CA GLU A 68 -13.05 -15.04 1.51
C GLU A 68 -12.32 -14.61 2.79
N ARG A 69 -11.15 -13.97 2.69
CA ARG A 69 -10.50 -13.40 3.87
C ARG A 69 -11.46 -12.54 4.73
N SER A 70 -12.31 -11.75 4.08
CA SER A 70 -13.21 -10.86 4.79
C SER A 70 -14.35 -11.62 5.48
N ARG A 71 -14.92 -12.67 4.88
CA ARG A 71 -15.79 -13.59 5.60
CA ARG A 71 -15.81 -13.55 5.63
C ARG A 71 -15.09 -14.04 6.90
N LYS A 72 -13.84 -14.50 6.78
CA LYS A 72 -13.06 -15.00 7.93
C LYS A 72 -12.94 -13.94 9.04
N GLU A 73 -12.43 -12.75 8.71
CA GLU A 73 -12.40 -11.64 9.68
C GLU A 73 -13.79 -11.35 10.25
N LEU A 74 -14.81 -11.34 9.40
CA LEU A 74 -16.18 -11.17 9.85
C LEU A 74 -16.63 -12.18 10.88
N GLU A 75 -16.30 -13.46 10.65
CA GLU A 75 -16.74 -14.53 11.55
C GLU A 75 -16.13 -14.38 12.94
N LYS A 76 -14.93 -13.81 12.98
CA LYS A 76 -14.17 -13.56 14.20
C LYS A 76 -14.58 -12.25 14.90
N LEU A 77 -14.88 -11.21 14.11
CA LEU A 77 -15.33 -9.95 14.66
C LEU A 77 -16.71 -10.08 15.30
N LEU A 78 -17.53 -11.01 14.81
CA LEU A 78 -18.86 -11.24 15.40
C LEU A 78 -18.83 -11.60 16.88
N GLU A 79 -17.74 -12.21 17.32
CA GLU A 79 -17.65 -12.66 18.72
C GLU A 79 -17.57 -11.52 19.71
N GLN A 80 -17.33 -10.30 19.22
CA GLN A 80 -17.46 -9.12 20.07
C GLN A 80 -18.74 -8.30 19.85
N LEU A 81 -19.64 -8.77 19.01
CA LEU A 81 -20.96 -8.17 18.93
C LEU A 81 -21.99 -9.05 19.66
N ASN A 82 -23.14 -8.49 20.00
CA ASN A 82 -24.22 -9.31 20.51
C ASN A 82 -25.22 -9.69 19.42
N GLN A 83 -24.74 -9.95 18.20
CA GLN A 83 -25.60 -10.56 17.18
C GLN A 83 -25.73 -12.02 17.53
N PRO A 84 -26.95 -12.48 17.88
CA PRO A 84 -27.10 -13.91 18.17
C PRO A 84 -26.74 -14.81 16.96
N GLU A 85 -27.00 -14.37 15.74
CA GLU A 85 -26.56 -15.15 14.58
C GLU A 85 -25.74 -14.35 13.57
N ALA A 86 -24.80 -15.04 12.95
CA ALA A 86 -24.08 -14.48 11.81
C ALA A 86 -25.00 -14.52 10.58
N HIS A 87 -25.29 -13.38 10.00
CA HIS A 87 -25.90 -13.38 8.67
C HIS A 87 -24.90 -12.83 7.64
N LEU A 88 -24.17 -13.69 6.95
CA LEU A 88 -23.11 -13.22 6.04
C LEU A 88 -23.33 -13.59 4.58
N TYR A 89 -23.25 -12.59 3.68
CA TYR A 89 -23.47 -12.81 2.26
C TYR A 89 -22.32 -12.34 1.37
N GLN A 90 -21.90 -13.16 0.42
CA GLN A 90 -20.83 -12.76 -0.50
C GLN A 90 -21.43 -11.92 -1.59
N ILE A 91 -21.06 -10.65 -1.63
CA ILE A 91 -21.55 -9.81 -2.68
C ILE A 91 -20.39 -8.98 -3.23
N ASP A 92 -19.91 -9.40 -4.40
CA ASP A 92 -19.02 -8.56 -5.20
C ASP A 92 -19.87 -7.59 -6.01
N VAL A 93 -19.82 -6.31 -5.65
CA VAL A 93 -20.65 -5.36 -6.36
C VAL A 93 -20.30 -5.15 -7.83
N GLN A 94 -19.29 -5.83 -8.38
CA GLN A 94 -19.01 -5.72 -9.82
C GLN A 94 -19.98 -6.58 -10.62
N SER A 95 -20.69 -7.48 -9.96
CA SER A 95 -21.64 -8.27 -10.72
C SER A 95 -23.09 -8.00 -10.31
N ASP A 96 -23.91 -7.69 -11.31
CA ASP A 96 -25.32 -7.45 -11.04
C ASP A 96 -25.94 -8.67 -10.36
N GLU A 97 -25.64 -9.86 -10.87
CA GLU A 97 -26.24 -11.12 -10.43
CA GLU A 97 -26.38 -11.03 -10.41
C GLU A 97 -26.08 -11.30 -8.93
N GLU A 98 -24.93 -10.88 -8.43
CA GLU A 98 -24.58 -11.15 -7.04
C GLU A 98 -25.28 -10.17 -6.13
N VAL A 99 -25.43 -8.93 -6.60
CA VAL A 99 -26.20 -7.94 -5.84
C VAL A 99 -27.69 -8.34 -5.84
N ILE A 100 -28.23 -8.62 -7.01
CA ILE A 100 -29.64 -8.97 -7.13
C ILE A 100 -29.95 -10.19 -6.25
N ASN A 101 -29.18 -11.27 -6.41
CA ASN A 101 -29.35 -12.50 -5.64
C ASN A 101 -28.97 -12.39 -4.16
N GLY A 102 -27.91 -11.64 -3.86
CA GLY A 102 -27.57 -11.32 -2.49
C GLY A 102 -28.71 -10.68 -1.69
N PHE A 103 -29.31 -9.63 -2.23
CA PHE A 103 -30.39 -8.94 -1.52
C PHE A 103 -31.66 -9.78 -1.47
N GLU A 104 -31.88 -10.55 -2.52
CA GLU A 104 -33.01 -11.46 -2.56
C GLU A 104 -32.92 -12.49 -1.43
N GLN A 105 -31.75 -13.08 -1.19
CA GLN A 105 -31.56 -14.07 -0.12
C GLN A 105 -31.73 -13.41 1.23
N ILE A 106 -31.15 -12.22 1.34
CA ILE A 106 -31.23 -11.49 2.59
C ILE A 106 -32.72 -11.33 2.94
N GLY A 107 -33.52 -11.00 1.92
CA GLY A 107 -34.94 -10.78 2.10
C GLY A 107 -35.66 -12.02 2.60
N LYS A 108 -35.26 -13.18 2.07
CA LYS A 108 -35.81 -14.46 2.50
C LYS A 108 -35.31 -14.86 3.88
N ASP A 109 -34.09 -14.49 4.26
CA ASP A 109 -33.54 -14.98 5.52
C ASP A 109 -33.94 -14.14 6.72
N VAL A 110 -34.01 -12.82 6.58
CA VAL A 110 -34.31 -11.97 7.74
C VAL A 110 -35.51 -11.06 7.50
N GLY A 111 -36.12 -11.10 6.33
CA GLY A 111 -37.24 -10.20 6.06
C GLY A 111 -36.92 -8.80 5.59
N ASN A 112 -37.85 -7.87 5.78
CA ASN A 112 -37.61 -6.50 5.40
C ASN A 112 -36.51 -5.88 6.24
N ILE A 113 -35.78 -4.96 5.65
CA ILE A 113 -34.74 -4.24 6.33
C ILE A 113 -35.07 -2.74 6.49
N ASP A 114 -34.25 -2.07 7.28
CA ASP A 114 -34.46 -0.67 7.58
C ASP A 114 -33.43 0.23 6.89
N GLY A 115 -32.25 -0.32 6.56
CA GLY A 115 -31.29 0.48 5.84
C GLY A 115 -30.08 -0.30 5.38
N VAL A 116 -29.21 0.40 4.65
CA VAL A 116 -27.97 -0.12 4.12
C VAL A 116 -26.86 0.86 4.45
N TYR A 117 -25.76 0.36 4.98
CA TYR A 117 -24.56 1.16 5.07
C TYR A 117 -23.58 0.68 3.98
N HIS A 118 -23.24 1.55 3.04
CA HIS A 118 -22.35 1.19 1.94
C HIS A 118 -20.96 1.78 2.23
N SER A 119 -19.98 0.90 2.40
CA SER A 119 -18.63 1.32 2.72
C SER A 119 -17.62 0.68 1.77
N ILE A 120 -17.85 0.83 0.47
CA ILE A 120 -17.13 0.04 -0.55
C ILE A 120 -16.50 0.98 -1.56
N ALA A 121 -15.20 0.82 -1.81
CA ALA A 121 -14.58 1.55 -2.91
C ALA A 121 -13.39 0.71 -3.35
N PHE A 122 -12.85 1.01 -4.53
CA PHE A 122 -11.64 0.38 -4.98
C PHE A 122 -11.03 1.18 -6.14
N ALA A 123 -9.71 1.37 -6.14
CA ALA A 123 -8.98 1.75 -7.37
C ALA A 123 -7.62 1.05 -7.41
N ASN A 124 -7.00 0.90 -8.57
CA ASN A 124 -5.65 0.34 -8.66
C ASN A 124 -4.67 1.31 -8.04
N MET A 125 -3.67 0.74 -7.36
N MET A 125 -3.70 0.81 -7.28
CA MET A 125 -2.58 1.47 -6.71
CA MET A 125 -2.56 1.63 -6.90
C MET A 125 -2.03 2.66 -7.48
C MET A 125 -1.94 2.27 -8.14
N GLU A 126 -1.61 2.41 -8.71
N GLU A 126 -1.92 1.47 -9.20
CA GLU A 126 -0.89 3.39 -9.51
CA GLU A 126 -1.24 1.77 -10.45
C GLU A 126 -1.75 4.62 -9.78
C GLU A 126 -1.79 2.98 -11.21
N ASP A 127 -3.02 4.52 -9.37
N ASP A 127 -3.07 3.29 -10.98
CA ASP A 127 -4.00 5.57 -9.58
CA ASP A 127 -3.59 4.60 -11.39
C ASP A 127 -4.21 6.45 -8.34
C ASP A 127 -3.54 5.64 -10.25
N LEU A 128 -3.38 6.26 -7.30
N LEU A 128 -3.75 5.20 -9.01
CA LEU A 128 -3.50 6.98 -6.02
CA LEU A 128 -3.64 6.11 -7.87
C LEU A 128 -2.22 7.70 -5.59
C LEU A 128 -2.24 6.71 -7.75
N ARG A 129 -1.44 8.11 -6.59
N ARG A 129 -1.22 5.88 -7.87
CA ARG A 129 -0.14 8.78 -6.45
CA ARG A 129 0.18 6.32 -7.88
C ARG A 129 0.32 9.24 -7.84
C ARG A 129 0.71 6.55 -9.31
N GLY A 130 1.36 10.08 -7.87
N GLY A 130 0.01 7.41 -10.06
CA GLY A 130 1.84 10.63 -9.14
CA GLY A 130 0.53 8.03 -11.27
C GLY A 130 0.76 11.48 -9.75
C GLY A 130 -0.01 9.44 -11.26
N ARG A 131 0.58 11.31 -11.07
N ARG A 131 0.38 10.30 -12.21
CA ARG A 131 -0.12 12.27 -11.96
CA ARG A 131 -0.15 11.67 -12.31
C ARG A 131 -1.43 11.71 -12.50
C ARG A 131 -1.60 11.58 -12.75
N PHE A 132 -2.48 12.51 -12.37
CA PHE A 132 -3.88 12.18 -12.63
C PHE A 132 -4.13 12.15 -14.12
N SER A 133 -3.46 13.06 -14.85
CA SER A 133 -3.58 13.15 -16.29
C SER A 133 -3.16 11.85 -16.99
N GLU A 134 -2.43 11.00 -16.29
CA GLU A 134 -1.96 9.73 -16.86
C GLU A 134 -2.85 8.52 -16.55
N THR A 135 -3.96 8.72 -15.85
CA THR A 135 -4.89 7.64 -15.56
C THR A 135 -5.40 6.88 -16.81
N SER A 136 -5.43 5.55 -16.72
CA SER A 136 -5.95 4.70 -17.78
C SER A 136 -7.46 4.74 -17.74
N ARG A 137 -8.07 4.63 -18.92
CA ARG A 137 -9.51 4.38 -19.07
C ARG A 137 -9.99 3.22 -18.19
N GLU A 138 -9.30 2.08 -18.27
CA GLU A 138 -9.66 0.88 -17.52
C GLU A 138 -9.69 1.18 -16.01
N GLY A 139 -8.65 1.82 -15.50
CA GLY A 139 -8.58 2.25 -14.11
C GLY A 139 -9.63 3.29 -13.72
N PHE A 140 -9.91 4.28 -14.56
CA PHE A 140 -10.93 5.28 -14.23
C PHE A 140 -12.29 4.58 -14.15
N LEU A 141 -12.59 3.69 -15.08
CA LEU A 141 -13.93 3.12 -15.11
C LEU A 141 -14.13 2.06 -14.02
N LEU A 142 -13.05 1.36 -13.69
CA LEU A 142 -13.05 0.42 -12.57
C LEU A 142 -13.35 1.13 -11.24
N ALA A 143 -12.77 2.29 -11.01
CA ALA A 143 -13.12 3.04 -9.80
C ALA A 143 -14.58 3.51 -9.80
N GLN A 144 -15.14 3.93 -10.93
CA GLN A 144 -16.54 4.43 -10.95
C GLN A 144 -17.48 3.26 -10.67
N ASP A 145 -17.18 2.14 -11.31
CA ASP A 145 -17.98 0.93 -11.22
C ASP A 145 -18.14 0.50 -9.74
N ILE A 146 -17.02 0.32 -9.05
CA ILE A 146 -17.07 -0.21 -7.70
C ILE A 146 -17.48 0.85 -6.69
N SER A 147 -17.05 2.08 -6.94
CA SER A 147 -16.99 3.11 -5.91
C SER A 147 -18.22 4.03 -5.98
N SER A 148 -18.89 4.02 -7.13
CA SER A 148 -20.02 4.88 -7.36
C SER A 148 -21.22 4.11 -7.90
N TYR A 149 -21.06 3.45 -9.05
CA TYR A 149 -22.24 2.75 -9.60
C TYR A 149 -22.81 1.72 -8.64
N SER A 150 -21.96 1.18 -7.76
CA SER A 150 -22.40 0.12 -6.87
C SER A 150 -23.50 0.62 -5.95
N LEU A 151 -23.44 1.89 -5.57
CA LEU A 151 -24.55 2.42 -4.75
C LEU A 151 -25.89 2.40 -5.51
N THR A 152 -25.88 2.67 -6.80
CA THR A 152 -27.13 2.69 -7.58
C THR A 152 -27.87 1.34 -7.58
N ILE A 153 -27.11 0.28 -7.85
CA ILE A 153 -27.63 -1.09 -7.95
C ILE A 153 -27.96 -1.63 -6.55
N VAL A 154 -27.13 -1.34 -5.55
CA VAL A 154 -27.49 -1.70 -4.18
C VAL A 154 -28.80 -1.03 -3.75
N ALA A 155 -28.98 0.25 -4.06
CA ALA A 155 -30.21 0.95 -3.71
C ALA A 155 -31.39 0.33 -4.45
N HIS A 156 -31.25 0.09 -5.75
CA HIS A 156 -32.34 -0.52 -6.49
C HIS A 156 -32.75 -1.84 -5.86
N GLU A 157 -31.80 -2.68 -5.45
CA GLU A 157 -32.18 -4.01 -4.93
C GLU A 157 -32.65 -3.94 -3.49
N ALA A 158 -32.04 -3.09 -2.68
CA ALA A 158 -32.45 -2.91 -1.28
C ALA A 158 -33.84 -2.28 -1.11
N LYS A 159 -34.25 -1.43 -2.06
CA LYS A 159 -35.58 -0.85 -2.10
C LYS A 159 -36.68 -1.92 -2.07
N LYS A 160 -36.43 -3.08 -2.66
CA LYS A 160 -37.39 -4.17 -2.65
C LYS A 160 -37.62 -4.71 -1.22
N LEU A 161 -36.72 -4.39 -0.29
CA LEU A 161 -36.81 -4.88 1.07
C LEU A 161 -37.16 -3.76 2.04
N MET A 162 -37.48 -2.59 1.47
CA MET A 162 -37.88 -1.45 2.30
C MET A 162 -39.27 -0.94 1.89
N PRO A 163 -40.26 -1.83 1.90
CA PRO A 163 -41.52 -1.36 1.32
C PRO A 163 -42.16 -0.20 2.11
N GLU A 164 -41.75 0.03 3.35
CA GLU A 164 -42.26 1.03 4.27
CA GLU A 164 -42.37 1.16 4.07
C GLU A 164 -41.35 2.26 4.35
N GLY A 165 -40.26 2.25 3.58
CA GLY A 165 -39.27 3.30 3.75
C GLY A 165 -37.98 2.79 4.36
N GLY A 166 -36.96 3.64 4.40
CA GLY A 166 -35.74 3.27 5.06
C GLY A 166 -34.61 4.22 4.76
N SER A 167 -33.40 3.77 5.00
CA SER A 167 -32.32 4.74 4.97
C SER A 167 -31.06 4.11 4.40
N ILE A 168 -30.43 4.85 3.48
CA ILE A 168 -29.19 4.40 2.85
C ILE A 168 -28.06 5.43 2.98
N VAL A 169 -26.92 4.97 3.46
CA VAL A 169 -25.76 5.84 3.73
C VAL A 169 -24.53 5.27 3.04
N ALA A 170 -23.77 6.15 2.38
CA ALA A 170 -22.51 5.81 1.70
C ALA A 170 -21.35 6.62 2.30
N THR A 171 -20.14 6.10 2.18
CA THR A 171 -18.98 6.74 2.76
C THR A 171 -18.20 7.53 1.71
N THR A 172 -18.05 8.83 1.90
CA THR A 172 -17.27 9.57 0.90
C THR A 172 -16.05 10.21 1.52
N TYR A 173 -15.24 10.88 0.70
CA TYR A 173 -14.10 11.64 1.23
C TYR A 173 -14.07 13.06 0.65
N LEU A 174 -13.65 14.01 1.46
CA LEU A 174 -13.48 15.41 1.03
C LEU A 174 -12.78 15.56 -0.35
N GLY A 175 -12.00 14.57 -0.77
CA GLY A 175 -11.44 14.55 -2.14
C GLY A 175 -12.39 14.47 -3.35
N GLY A 176 -13.64 14.16 -3.10
CA GLY A 176 -14.68 14.27 -4.11
C GLY A 176 -15.19 15.68 -4.28
N GLU A 177 -14.86 16.61 -3.36
CA GLU A 177 -15.32 18.00 -3.47
C GLU A 177 -14.23 18.98 -3.89
N PHE A 178 -12.98 18.63 -3.59
CA PHE A 178 -11.79 19.38 -3.97
C PHE A 178 -10.70 18.45 -4.49
N ALA A 179 -9.79 18.96 -5.31
CA ALA A 179 -8.64 18.20 -5.69
C ALA A 179 -7.63 18.13 -4.53
N VAL A 180 -7.42 16.92 -4.00
CA VAL A 180 -6.41 16.64 -2.98
C VAL A 180 -5.24 15.94 -3.65
N GLN A 181 -4.01 16.23 -3.24
CA GLN A 181 -2.86 15.50 -3.77
C GLN A 181 -3.02 13.97 -3.68
N ASN A 182 -2.62 13.27 -4.74
CA ASN A 182 -2.59 11.81 -4.77
C ASN A 182 -3.91 11.05 -4.80
N TYR A 183 -5.00 11.64 -4.30
CA TYR A 183 -6.26 10.93 -4.31
C TYR A 183 -6.78 10.66 -5.72
N ASN A 184 -6.58 11.59 -6.64
CA ASN A 184 -6.65 11.29 -8.07
C ASN A 184 -7.93 10.58 -8.53
N VAL A 185 -7.84 9.40 -9.11
CA VAL A 185 -8.99 8.77 -9.75
C VAL A 185 -10.09 8.50 -8.71
N MET A 186 -9.74 8.40 -7.44
CA MET A 186 -10.78 8.20 -6.44
C MET A 186 -11.55 9.49 -6.06
N GLY A 187 -10.91 10.66 -6.20
CA GLY A 187 -11.59 11.94 -6.06
C GLY A 187 -12.75 12.09 -7.04
N VAL A 188 -12.49 11.73 -8.30
CA VAL A 188 -13.52 11.71 -9.33
C VAL A 188 -14.56 10.59 -9.08
N ALA A 189 -14.14 9.43 -8.61
CA ALA A 189 -15.11 8.41 -8.23
C ALA A 189 -15.98 8.88 -7.06
N LYS A 190 -15.41 9.64 -6.14
CA LYS A 190 -16.19 10.17 -5.03
C LYS A 190 -17.07 11.34 -5.47
N ALA A 191 -16.65 12.14 -6.46
CA ALA A 191 -17.52 13.26 -6.84
C ALA A 191 -18.77 12.66 -7.46
N SER A 192 -18.53 11.58 -8.20
CA SER A 192 -19.59 10.84 -8.84
C SER A 192 -20.50 10.15 -7.80
N LEU A 193 -19.94 9.55 -6.76
CA LEU A 193 -20.73 8.96 -5.67
C LEU A 193 -21.64 10.00 -4.98
N GLU A 194 -21.09 11.17 -4.72
CA GLU A 194 -21.83 12.23 -4.06
C GLU A 194 -23.03 12.71 -4.89
N ALA A 195 -22.87 12.83 -6.21
CA ALA A 195 -24.00 13.11 -7.10
C ALA A 195 -25.00 11.96 -7.11
N ASN A 196 -24.51 10.72 -7.08
CA ASN A 196 -25.28 9.49 -7.07
C ASN A 196 -26.21 9.47 -5.86
N VAL A 197 -25.68 9.93 -4.72
CA VAL A 197 -26.48 10.13 -3.51
C VAL A 197 -27.58 11.17 -3.73
N LYS A 198 -27.28 12.29 -4.37
CA LYS A 198 -28.34 13.26 -4.63
C LYS A 198 -29.41 12.74 -5.60
N TYR A 199 -28.98 12.10 -6.69
CA TYR A 199 -29.95 11.62 -7.67
C TYR A 199 -30.80 10.48 -7.10
N LEU A 200 -30.16 9.63 -6.29
CA LEU A 200 -30.91 8.59 -5.60
C LEU A 200 -31.89 9.20 -4.60
N ALA A 201 -31.45 10.23 -3.87
CA ALA A 201 -32.33 10.89 -2.87
C ALA A 201 -33.61 11.42 -3.51
N LEU A 202 -33.46 11.96 -4.72
CA LEU A 202 -34.56 12.56 -5.46
C LEU A 202 -35.42 11.43 -5.98
N ASP A 203 -34.80 10.42 -6.57
CA ASP A 203 -35.55 9.28 -7.12
C ASP A 203 -36.36 8.55 -6.02
N LEU A 204 -35.71 8.26 -4.90
CA LEU A 204 -36.28 7.30 -3.95
C LEU A 204 -37.03 7.94 -2.80
N GLY A 205 -36.99 9.27 -2.70
CA GLY A 205 -37.69 10.03 -1.68
C GLY A 205 -39.18 9.74 -1.63
N PRO A 206 -39.85 9.65 -2.80
CA PRO A 206 -41.29 9.41 -2.68
C PRO A 206 -41.60 8.01 -2.18
N ASP A 207 -40.61 7.11 -2.16
CA ASP A 207 -40.81 5.77 -1.59
C ASP A 207 -40.42 5.78 -0.13
N ASN A 208 -40.21 6.99 0.41
CA ASN A 208 -39.79 7.26 1.79
C ASN A 208 -38.42 6.64 2.13
N ILE A 209 -37.48 6.67 1.18
CA ILE A 209 -36.15 6.14 1.38
C ILE A 209 -35.17 7.30 1.28
N ARG A 210 -34.45 7.55 2.38
CA ARG A 210 -33.49 8.65 2.45
C ARG A 210 -32.13 8.15 2.03
N VAL A 211 -31.37 8.98 1.34
CA VAL A 211 -30.06 8.56 0.89
C VAL A 211 -29.13 9.68 1.29
N ASN A 212 -28.05 9.33 1.98
CA ASN A 212 -27.12 10.33 2.46
C ASN A 212 -25.69 9.83 2.36
N ALA A 213 -24.74 10.70 2.67
CA ALA A 213 -23.33 10.29 2.70
C ALA A 213 -22.65 10.83 3.95
N ILE A 214 -21.71 10.06 4.47
CA ILE A 214 -20.78 10.59 5.49
C ILE A 214 -19.43 10.80 4.81
N SER A 215 -18.92 12.01 4.92
CA SER A 215 -17.60 12.36 4.43
C SER A 215 -16.65 12.20 5.60
N ALA A 216 -15.95 11.08 5.67
CA ALA A 216 -15.08 10.79 6.81
C ALA A 216 -13.73 11.46 6.61
N GLY A 217 -13.16 11.95 7.71
CA GLY A 217 -11.78 12.37 7.71
C GLY A 217 -10.91 11.12 7.62
N PRO A 218 -9.59 11.31 7.49
CA PRO A 218 -8.74 10.13 7.17
C PRO A 218 -8.57 9.21 8.40
N ILE A 219 -8.54 7.90 8.19
CA ILE A 219 -8.50 6.94 9.26
C ILE A 219 -7.63 5.78 8.79
N ARG A 220 -6.78 5.25 9.65
CA ARG A 220 -5.92 4.14 9.19
C ARG A 220 -6.73 2.88 8.97
N THR A 221 -6.79 2.45 7.72
CA THR A 221 -7.45 1.23 7.28
C THR A 221 -6.60 0.55 6.21
N LEU A 222 -6.95 -0.65 5.79
CA LEU A 222 -6.24 -1.33 4.71
C LEU A 222 -6.24 -0.53 3.41
N SER A 223 -7.38 0.02 3.01
CA SER A 223 -7.45 0.88 1.82
C SER A 223 -6.64 2.18 1.87
N ALA A 224 -6.47 2.75 3.06
CA ALA A 224 -5.61 3.93 3.19
C ALA A 224 -4.16 3.72 2.74
N LYS A 225 -3.71 2.46 2.75
CA LYS A 225 -2.35 2.18 2.35
C LYS A 225 -2.12 2.38 0.86
N GLY A 226 -3.20 2.54 0.10
CA GLY A 226 -3.09 2.91 -1.31
C GLY A 226 -3.10 4.40 -1.58
N VAL A 227 -3.50 5.21 -0.60
CA VAL A 227 -3.42 6.64 -0.81
C VAL A 227 -2.02 7.21 -0.54
N GLY A 228 -1.28 7.58 -1.59
CA GLY A 228 0.01 8.20 -1.38
C GLY A 228 -0.11 9.35 -0.39
N GLY A 229 0.96 9.63 0.35
CA GLY A 229 0.97 10.72 1.33
C GLY A 229 0.02 10.54 2.50
N PHE A 230 -0.50 9.35 2.72
CA PHE A 230 -1.52 9.22 3.79
C PHE A 230 -1.13 9.84 5.16
N ASN A 231 0.09 9.56 5.64
CA ASN A 231 0.53 10.07 6.93
C ASN A 231 0.54 11.60 7.00
N THR A 232 1.00 12.22 5.91
CA THR A 232 0.91 13.67 5.70
C THR A 232 -0.52 14.21 5.88
N ILE A 233 -1.53 13.47 5.43
CA ILE A 233 -2.93 13.86 5.56
C ILE A 233 -3.37 13.81 7.02
N LEU A 234 -3.07 12.70 7.68
CA LEU A 234 -3.29 12.54 9.10
C LEU A 234 -2.73 13.72 9.91
N LYS A 235 -1.46 14.06 9.68
CA LYS A 235 -0.83 15.12 10.45
C LYS A 235 -1.44 16.47 10.11
N GLU A 236 -1.82 16.70 8.85
CA GLU A 236 -2.43 18.01 8.54
C GLU A 236 -3.75 18.26 9.31
N ILE A 237 -4.57 17.22 9.47
CA ILE A 237 -5.77 17.33 10.26
C ILE A 237 -5.41 17.75 11.69
N GLU A 238 -4.51 17.01 12.32
CA GLU A 238 -4.07 17.31 13.67
C GLU A 238 -3.61 18.76 13.83
N GLU A 239 -2.93 19.30 12.82
CA GLU A 239 -2.40 20.67 12.95
C GLU A 239 -3.38 21.77 12.57
N ARG A 240 -4.32 21.48 11.68
CA ARG A 240 -5.13 22.53 11.07
C ARG A 240 -6.64 22.43 11.32
N ALA A 241 -7.21 21.23 11.49
CA ALA A 241 -8.66 21.09 11.65
C ALA A 241 -9.14 21.76 12.94
N PRO A 242 -10.33 22.37 12.92
CA PRO A 242 -10.83 22.99 14.15
C PRO A 242 -10.61 22.16 15.42
N LEU A 243 -10.78 20.84 15.35
CA LEU A 243 -10.69 20.08 16.58
C LEU A 243 -9.27 19.60 16.84
N LYS A 244 -8.33 19.85 15.94
CA LYS A 244 -6.93 19.52 16.23
C LYS A 244 -6.71 18.05 16.65
N ARG A 245 -7.46 17.13 16.06
CA ARG A 245 -7.28 15.72 16.38
C ARG A 245 -7.92 14.97 15.23
N ASN A 246 -7.48 13.73 14.96
CA ASN A 246 -8.18 12.88 13.99
C ASN A 246 -9.45 12.21 14.48
N VAL A 247 -10.29 11.75 13.57
CA VAL A 247 -11.50 11.02 13.92
C VAL A 247 -11.16 9.53 13.91
N ASP A 248 -12.09 8.72 14.38
CA ASP A 248 -11.98 7.29 14.22
C ASP A 248 -13.30 6.66 13.77
N GLN A 249 -13.25 5.34 13.59
CA GLN A 249 -14.30 4.58 12.96
C GLN A 249 -15.60 4.67 13.73
N VAL A 250 -15.51 4.74 15.07
CA VAL A 250 -16.67 4.73 15.93
C VAL A 250 -17.40 6.08 15.78
N GLU A 251 -16.65 7.14 15.49
CA GLU A 251 -17.27 8.46 15.33
C GLU A 251 -18.08 8.48 14.04
N VAL A 252 -17.54 7.89 12.99
CA VAL A 252 -18.30 7.67 11.75
C VAL A 252 -19.50 6.77 12.05
N GLY A 253 -19.34 5.71 12.84
CA GLY A 253 -20.47 4.88 13.21
C GLY A 253 -21.59 5.62 13.96
N LYS A 254 -21.22 6.61 14.76
CA LYS A 254 -22.22 7.32 15.58
C LYS A 254 -23.07 8.21 14.70
N THR A 255 -22.45 8.85 13.73
CA THR A 255 -23.17 9.62 12.74
C THR A 255 -24.01 8.74 11.81
N ALA A 256 -23.47 7.60 11.37
CA ALA A 256 -24.24 6.57 10.67
C ALA A 256 -25.51 6.17 11.47
N ALA A 257 -25.38 6.01 12.79
CA ALA A 257 -26.57 5.68 13.58
C ALA A 257 -27.62 6.78 13.47
N TYR A 258 -27.17 8.04 13.54
CA TYR A 258 -28.09 9.15 13.34
C TYR A 258 -28.78 9.09 11.96
N LEU A 259 -28.02 8.85 10.90
CA LEU A 259 -28.56 8.87 9.54
C LEU A 259 -29.46 7.66 9.23
N LEU A 260 -29.15 6.51 9.83
CA LEU A 260 -29.91 5.30 9.61
C LEU A 260 -31.19 5.21 10.45
N SER A 261 -31.29 6.06 11.49
CA SER A 261 -32.42 6.02 12.40
C SER A 261 -33.40 7.16 12.12
N ASP A 262 -34.50 7.16 12.86
CA ASP A 262 -35.54 8.15 12.66
C ASP A 262 -35.10 9.52 13.17
N LEU A 263 -33.99 9.57 13.92
CA LEU A 263 -33.46 10.86 14.32
C LEU A 263 -33.25 11.84 13.15
N SER A 264 -32.86 11.33 11.97
CA SER A 264 -32.65 12.18 10.81
C SER A 264 -33.80 12.17 9.78
N SER A 265 -35.02 11.95 10.25
N SER A 265 -35.05 12.04 10.22
CA SER A 265 -36.16 12.10 9.36
CA SER A 265 -36.13 11.78 9.26
C SER A 265 -36.12 13.55 8.88
C SER A 265 -36.37 12.88 8.22
N GLY A 266 -36.32 13.75 7.58
N GLY A 266 -35.87 14.08 8.48
CA GLY A 266 -36.22 15.09 7.05
CA GLY A 266 -36.03 15.22 7.60
C GLY A 266 -34.87 15.35 6.43
C GLY A 266 -34.89 15.40 6.63
N VAL A 267 -33.88 14.52 6.74
CA VAL A 267 -32.56 14.73 6.20
C VAL A 267 -32.36 13.73 5.07
N THR A 268 -32.21 14.25 3.86
CA THR A 268 -31.87 13.39 2.73
C THR A 268 -31.05 14.18 1.68
N GLY A 269 -30.32 13.46 0.84
CA GLY A 269 -29.47 14.08 -0.17
C GLY A 269 -28.33 14.84 0.49
N GLU A 270 -28.11 14.65 1.79
CA GLU A 270 -27.12 15.41 2.53
C GLU A 270 -25.75 14.70 2.61
N ASN A 271 -24.71 15.53 2.80
CA ASN A 271 -23.36 15.02 2.98
C ASN A 271 -22.81 15.48 4.32
N ILE A 272 -22.73 14.60 5.33
CA ILE A 272 -22.29 15.03 6.67
C ILE A 272 -20.80 14.79 6.90
N HIS A 273 -20.06 15.83 7.24
CA HIS A 273 -18.61 15.70 7.32
C HIS A 273 -18.20 15.34 8.72
N VAL A 274 -17.59 14.16 8.87
CA VAL A 274 -17.14 13.68 10.17
C VAL A 274 -15.62 13.67 10.15
N ASP A 275 -15.06 14.87 10.27
CA ASP A 275 -13.69 15.14 9.89
C ASP A 275 -13.05 16.22 10.75
N SER A 276 -13.51 16.41 11.98
CA SER A 276 -12.88 17.38 12.90
C SER A 276 -13.04 18.83 12.44
N GLY A 277 -13.91 19.03 11.46
CA GLY A 277 -14.26 20.36 10.98
C GLY A 277 -13.41 20.77 9.80
N PHE A 278 -12.51 19.90 9.35
CA PHE A 278 -11.53 20.24 8.31
C PHE A 278 -12.15 20.76 7.00
N HIS A 279 -13.32 20.28 6.62
CA HIS A 279 -14.02 20.76 5.45
C HIS A 279 -14.41 22.26 5.55
N ALA A 280 -14.58 22.79 6.76
CA ALA A 280 -14.99 24.20 6.91
C ALA A 280 -13.82 25.17 6.80
N ILE A 281 -12.60 24.67 6.73
CA ILE A 281 -11.49 25.60 6.78
C ILE A 281 -10.67 25.54 5.51
N LYS A 282 -9.75 26.49 5.39
CA LYS A 282 -8.89 26.55 4.21
C LYS A 282 -7.66 27.38 4.55
N VAL B 28 -11.33 39.99 -26.88
CA VAL B 28 -9.86 39.70 -26.75
C VAL B 28 -9.04 40.11 -28.02
N ASN B 29 -7.98 39.35 -28.32
CA ASN B 29 -7.37 39.22 -29.68
C ASN B 29 -6.58 37.91 -29.80
N LEU B 30 -6.99 37.03 -30.71
CA LEU B 30 -6.43 35.68 -30.74
C LEU B 30 -5.69 35.35 -32.04
N GLU B 31 -5.15 36.38 -32.70
CA GLU B 31 -4.33 36.14 -33.88
C GLU B 31 -3.06 35.39 -33.47
N ASN B 32 -2.61 34.46 -34.30
CA ASN B 32 -1.44 33.64 -33.93
C ASN B 32 -1.74 32.52 -32.95
N LYS B 33 -2.98 32.46 -32.46
CA LYS B 33 -3.44 31.36 -31.61
C LYS B 33 -4.08 30.22 -32.40
N THR B 34 -3.88 28.99 -31.91
CA THR B 34 -4.60 27.86 -32.46
C THR B 34 -5.36 27.14 -31.35
N TYR B 35 -6.60 26.78 -31.64
CA TYR B 35 -7.44 26.06 -30.68
C TYR B 35 -8.10 24.88 -31.36
N VAL B 36 -8.08 23.72 -30.71
CA VAL B 36 -8.81 22.55 -31.16
C VAL B 36 -10.24 22.56 -30.60
N ILE B 37 -11.23 22.52 -31.47
CA ILE B 37 -12.60 22.48 -30.97
C ILE B 37 -13.24 21.10 -31.16
N MET B 38 -13.62 20.47 -30.05
CA MET B 38 -14.24 19.13 -30.11
C MET B 38 -15.74 19.15 -29.90
N GLY B 39 -16.50 18.62 -30.84
CA GLY B 39 -17.91 18.34 -30.57
C GLY B 39 -18.91 19.25 -31.30
N ILE B 40 -18.55 19.73 -32.49
CA ILE B 40 -19.55 20.24 -33.42
C ILE B 40 -20.21 19.09 -34.17
N ALA B 41 -21.54 18.98 -34.07
CA ALA B 41 -22.33 18.13 -34.96
C ALA B 41 -23.18 18.91 -35.98
N ASN B 42 -23.63 20.12 -35.62
CA ASN B 42 -24.44 20.92 -36.55
C ASN B 42 -24.37 22.37 -36.16
N LYS B 43 -25.19 23.19 -36.82
CA LYS B 43 -25.23 24.63 -36.57
C LYS B 43 -25.70 24.96 -35.15
N ARG B 44 -26.46 24.07 -34.50
CA ARG B 44 -26.94 24.36 -33.14
C ARG B 44 -25.97 23.97 -32.02
N SER B 45 -24.91 23.22 -32.35
CA SER B 45 -23.96 22.84 -31.33
C SER B 45 -23.40 24.03 -30.55
N ILE B 46 -23.35 23.88 -29.24
CA ILE B 46 -22.65 24.81 -28.38
C ILE B 46 -21.25 25.12 -28.93
N ALA B 47 -20.52 24.10 -29.33
CA ALA B 47 -19.15 24.28 -29.79
C ALA B 47 -19.09 25.13 -31.07
N PHE B 48 -20.17 25.13 -31.84
CA PHE B 48 -20.17 25.98 -32.99
C PHE B 48 -20.23 27.46 -32.60
N GLY B 49 -21.02 27.78 -31.58
CA GLY B 49 -20.95 29.11 -30.97
C GLY B 49 -19.57 29.50 -30.46
N VAL B 50 -18.87 28.57 -29.83
CA VAL B 50 -17.48 28.81 -29.47
C VAL B 50 -16.69 29.14 -30.73
N ALA B 51 -16.83 28.29 -31.74
CA ALA B 51 -16.12 28.45 -32.99
C ALA B 51 -16.36 29.82 -33.66
N LYS B 52 -17.61 30.27 -33.79
CA LYS B 52 -17.86 31.60 -34.37
C LYS B 52 -17.15 32.69 -33.59
N VAL B 53 -17.22 32.64 -32.26
CA VAL B 53 -16.51 33.64 -31.45
C VAL B 53 -14.98 33.65 -31.67
N LEU B 54 -14.32 32.49 -31.60
CA LEU B 54 -12.86 32.45 -31.74
C LEU B 54 -12.44 32.81 -33.16
N ASP B 55 -13.31 32.51 -34.12
CA ASP B 55 -12.97 32.78 -35.50
C ASP B 55 -13.04 34.29 -35.77
N GLN B 56 -14.13 34.91 -35.33
CA GLN B 56 -14.26 36.35 -35.31
C GLN B 56 -13.04 37.01 -34.67
N LEU B 57 -12.48 36.39 -33.63
CA LEU B 57 -11.38 36.98 -32.86
C LEU B 57 -10.00 36.73 -33.45
N GLY B 58 -9.92 36.01 -34.57
CA GLY B 58 -8.63 35.81 -35.22
C GLY B 58 -7.93 34.47 -35.04
N ALA B 59 -8.55 33.55 -34.30
CA ALA B 59 -7.98 32.20 -34.07
C ALA B 59 -7.85 31.35 -35.32
N LYS B 60 -6.84 30.49 -35.33
CA LYS B 60 -6.83 29.39 -36.27
C LYS B 60 -7.55 28.30 -35.55
N LEU B 61 -8.53 27.67 -36.20
CA LEU B 61 -9.31 26.57 -35.58
C LEU B 61 -9.05 25.18 -36.18
N VAL B 62 -8.93 24.15 -35.34
CA VAL B 62 -8.97 22.79 -35.87
C VAL B 62 -10.11 22.06 -35.21
N PHE B 63 -10.79 21.18 -35.95
CA PHE B 63 -12.06 20.62 -35.50
C PHE B 63 -11.99 19.10 -35.49
N THR B 64 -12.54 18.52 -34.42
CA THR B 64 -12.65 17.08 -34.34
C THR B 64 -14.11 16.60 -34.25
N TYR B 65 -14.39 15.48 -34.93
CA TYR B 65 -15.77 15.01 -35.05
C TYR B 65 -15.77 13.48 -34.88
N ARG B 66 -16.94 12.92 -34.55
CA ARG B 66 -17.14 11.46 -34.54
C ARG B 66 -17.81 10.89 -35.80
N LYS B 67 -19.02 11.35 -36.13
CA LYS B 67 -19.83 10.72 -37.17
C LYS B 67 -19.50 11.33 -38.52
N GLU B 68 -19.51 10.52 -39.57
CA GLU B 68 -19.32 11.05 -40.91
CA GLU B 68 -19.44 10.95 -40.96
C GLU B 68 -20.24 12.24 -41.14
N ARG B 69 -21.45 12.23 -40.57
CA ARG B 69 -22.39 13.35 -40.78
C ARG B 69 -21.92 14.66 -40.15
N SER B 70 -21.29 14.59 -38.98
CA SER B 70 -20.71 15.79 -38.40
C SER B 70 -19.58 16.42 -39.28
N ARG B 71 -18.72 15.60 -39.88
CA ARG B 71 -17.72 16.16 -40.77
CA ARG B 71 -17.73 16.12 -40.80
C ARG B 71 -18.45 16.97 -41.83
N LYS B 72 -19.51 16.41 -42.44
CA LYS B 72 -20.22 17.07 -43.55
C LYS B 72 -20.86 18.40 -43.12
N GLU B 73 -21.45 18.43 -41.92
CA GLU B 73 -21.97 19.67 -41.36
C GLU B 73 -20.84 20.70 -41.16
N LEU B 74 -19.71 20.25 -40.62
CA LEU B 74 -18.51 21.08 -40.51
C LEU B 74 -18.05 21.63 -41.86
N GLU B 75 -18.10 20.83 -42.93
CA GLU B 75 -17.70 21.34 -44.23
C GLU B 75 -18.60 22.53 -44.64
N LYS B 76 -19.91 22.37 -44.50
CA LYS B 76 -20.91 23.44 -44.68
C LYS B 76 -20.73 24.64 -43.73
N LEU B 77 -20.53 24.39 -42.43
CA LEU B 77 -20.41 25.50 -41.46
C LEU B 77 -19.15 26.34 -41.66
N LEU B 78 -18.06 25.68 -42.06
CA LEU B 78 -16.78 26.34 -42.35
C LEU B 78 -16.86 27.49 -43.34
N GLU B 79 -17.81 27.47 -44.26
CA GLU B 79 -17.98 28.57 -45.19
C GLU B 79 -18.53 29.84 -44.55
N GLN B 80 -19.08 29.74 -43.33
CA GLN B 80 -19.49 30.91 -42.54
C GLN B 80 -18.33 31.57 -41.77
N LEU B 81 -17.16 30.93 -41.77
CA LEU B 81 -16.06 31.29 -40.89
C LEU B 81 -14.96 31.95 -41.72
N ASN B 82 -14.00 32.61 -41.08
CA ASN B 82 -12.87 33.18 -41.78
C ASN B 82 -11.74 32.19 -42.02
N GLN B 83 -11.86 30.99 -41.45
CA GLN B 83 -10.82 29.98 -41.55
C GLN B 83 -10.39 29.78 -42.99
N PRO B 84 -9.11 29.98 -43.29
CA PRO B 84 -8.83 29.80 -44.72
C PRO B 84 -8.66 28.32 -45.08
N GLU B 85 -8.49 27.47 -44.08
CA GLU B 85 -8.24 26.04 -44.25
C GLU B 85 -9.19 25.24 -43.35
N ALA B 86 -9.72 24.16 -43.90
CA ALA B 86 -10.41 23.16 -43.12
C ALA B 86 -9.39 22.23 -42.46
N HIS B 87 -9.31 22.25 -41.13
CA HIS B 87 -8.54 21.23 -40.43
C HIS B 87 -9.49 20.30 -39.65
N LEU B 88 -9.87 19.17 -40.24
CA LEU B 88 -10.90 18.30 -39.64
C LEU B 88 -10.33 16.93 -39.27
N TYR B 89 -10.60 16.45 -38.06
CA TYR B 89 -10.04 15.19 -37.64
C TYR B 89 -11.09 14.33 -36.96
N GLN B 90 -11.21 13.10 -37.42
CA GLN B 90 -12.13 12.16 -36.80
C GLN B 90 -11.50 11.62 -35.53
N ILE B 91 -12.15 11.91 -34.40
CA ILE B 91 -11.76 11.39 -33.11
C ILE B 91 -13.01 10.94 -32.33
N ASP B 92 -13.21 9.63 -32.26
CA ASP B 92 -14.10 9.00 -31.28
C ASP B 92 -13.38 8.89 -29.93
N VAL B 93 -13.84 9.64 -28.92
CA VAL B 93 -13.13 9.66 -27.64
C VAL B 93 -13.27 8.37 -26.85
N GLN B 94 -14.03 7.41 -27.37
CA GLN B 94 -14.00 6.07 -26.81
C GLN B 94 -12.73 5.27 -27.14
N SER B 95 -11.97 5.70 -28.14
CA SER B 95 -10.74 4.95 -28.46
C SER B 95 -9.48 5.75 -28.06
N ASP B 96 -8.64 5.19 -27.21
CA ASP B 96 -7.38 5.85 -26.86
C ASP B 96 -6.54 6.10 -28.13
N GLU B 97 -6.51 5.09 -28.99
CA GLU B 97 -5.80 5.17 -30.26
C GLU B 97 -6.21 6.37 -31.10
N GLU B 98 -7.50 6.65 -31.24
CA GLU B 98 -7.89 7.78 -32.08
C GLU B 98 -7.59 9.14 -31.44
N VAL B 99 -7.75 9.25 -30.12
CA VAL B 99 -7.35 10.47 -29.41
C VAL B 99 -5.83 10.68 -29.54
N ILE B 100 -5.05 9.62 -29.33
CA ILE B 100 -3.58 9.74 -29.43
C ILE B 100 -3.16 10.03 -30.85
N ASN B 101 -3.65 9.29 -31.83
CA ASN B 101 -3.17 9.48 -33.19
C ASN B 101 -3.70 10.78 -33.77
N GLY B 102 -4.92 11.15 -33.38
CA GLY B 102 -5.55 12.40 -33.78
C GLY B 102 -4.77 13.63 -33.36
N PHE B 103 -4.43 13.71 -32.07
CA PHE B 103 -3.67 14.87 -31.58
C PHE B 103 -2.25 14.86 -32.12
N GLU B 104 -1.65 13.69 -32.31
CA GLU B 104 -0.30 13.67 -32.87
C GLU B 104 -0.28 14.21 -34.31
N GLN B 105 -1.33 13.90 -35.06
CA GLN B 105 -1.45 14.32 -36.45
C GLN B 105 -1.78 15.81 -36.43
N ILE B 106 -2.60 16.25 -35.47
CA ILE B 106 -2.83 17.69 -35.33
C ILE B 106 -1.52 18.46 -35.11
N GLY B 107 -0.71 17.95 -34.20
CA GLY B 107 0.61 18.55 -33.99
C GLY B 107 1.43 18.66 -35.25
N LYS B 108 1.42 17.62 -36.07
CA LYS B 108 2.22 17.59 -37.30
C LYS B 108 1.67 18.49 -38.42
N ASP B 109 0.36 18.73 -38.41
CA ASP B 109 -0.27 19.58 -39.41
C ASP B 109 -0.29 21.08 -39.06
N VAL B 110 -0.39 21.45 -37.78
CA VAL B 110 -0.47 22.86 -37.42
C VAL B 110 0.56 23.28 -36.36
N GLY B 111 1.35 22.33 -35.89
CA GLY B 111 2.29 22.59 -34.80
C GLY B 111 1.61 22.73 -33.44
N ASN B 112 2.27 23.41 -32.54
CA ASN B 112 1.77 23.56 -31.18
C ASN B 112 0.45 24.32 -31.09
N ILE B 113 -0.34 24.06 -30.05
CA ILE B 113 -1.63 24.74 -29.92
C ILE B 113 -1.71 25.57 -28.65
N ASP B 114 -2.72 26.43 -28.60
CA ASP B 114 -2.93 27.22 -27.41
C ASP B 114 -4.04 26.67 -26.50
N GLY B 115 -4.88 25.77 -27.00
CA GLY B 115 -5.92 25.26 -26.13
C GLY B 115 -6.92 24.38 -26.80
N VAL B 116 -7.83 23.83 -25.99
CA VAL B 116 -8.82 22.84 -26.42
C VAL B 116 -10.16 23.20 -25.79
N TYR B 117 -11.18 23.31 -26.64
CA TYR B 117 -12.56 23.32 -26.19
C TYR B 117 -13.17 21.93 -26.27
N HIS B 118 -13.56 21.39 -25.11
CA HIS B 118 -14.14 20.06 -25.06
C HIS B 118 -15.66 20.21 -24.93
N SER B 119 -16.41 19.77 -25.94
CA SER B 119 -17.86 19.91 -25.89
C SER B 119 -18.54 18.56 -26.20
N ILE B 120 -18.13 17.51 -25.50
CA ILE B 120 -18.54 16.12 -25.81
C ILE B 120 -19.23 15.42 -24.63
N ALA B 121 -20.37 14.79 -24.91
CA ALA B 121 -21.06 14.04 -23.89
C ALA B 121 -21.97 13.06 -24.59
N PHE B 122 -22.31 11.98 -23.92
CA PHE B 122 -23.29 11.10 -24.52
C PHE B 122 -23.84 10.18 -23.44
N ALA B 123 -25.13 9.84 -23.55
CA ALA B 123 -25.73 8.78 -22.75
C ALA B 123 -26.90 8.21 -23.57
N ASN B 124 -27.27 6.95 -23.35
CA ASN B 124 -28.49 6.37 -23.92
C ASN B 124 -29.76 7.07 -23.48
N MET B 125 -30.65 7.35 -24.43
N MET B 125 -30.69 7.32 -24.41
CA MET B 125 -32.05 7.64 -24.11
CA MET B 125 -31.92 8.08 -24.13
C MET B 125 -32.57 6.61 -23.13
C MET B 125 -32.67 7.64 -22.87
N GLU B 126 -32.11 5.37 -23.32
N GLU B 126 -32.77 6.33 -22.67
CA GLU B 126 -32.63 4.22 -22.61
CA GLU B 126 -33.59 5.81 -21.59
C GLU B 126 -32.39 4.32 -21.10
C GLU B 126 -32.91 6.03 -20.25
N ASP B 127 -31.18 4.71 -20.72
N ASP B 127 -31.75 6.69 -20.28
CA ASP B 127 -30.89 5.03 -19.32
CA ASP B 127 -31.09 7.09 -19.05
C ASP B 127 -31.35 6.45 -18.94
C ASP B 127 -31.27 8.58 -18.80
N LEU B 128 -31.23 7.43 -19.85
N LEU B 128 -32.28 9.18 -19.42
CA LEU B 128 -31.70 8.79 -19.51
CA LEU B 128 -32.42 10.64 -19.47
C LEU B 128 -33.18 8.84 -19.09
C LEU B 128 -33.86 11.11 -19.22
N ARG B 129 -34.00 7.98 -19.69
N ARG B 129 -34.64 10.21 -18.61
CA ARG B 129 -35.45 8.02 -19.47
CA ARG B 129 -35.96 10.51 -18.06
C ARG B 129 -36.01 6.83 -18.68
C ARG B 129 -36.41 9.34 -17.20
N GLY B 130 -35.32 6.45 -17.61
N GLY B 130 -37.52 9.52 -16.49
CA GLY B 130 -35.88 5.63 -16.54
CA GLY B 130 -37.96 8.53 -15.52
C GLY B 130 -35.82 6.42 -15.24
C GLY B 130 -36.96 8.45 -14.38
N ARG B 131 -36.20 5.79 -14.13
N ARG B 131 -36.60 7.22 -14.01
CA ARG B 131 -35.86 6.29 -12.80
CA ARG B 131 -36.00 6.93 -12.70
C ARG B 131 -34.37 6.22 -12.70
C ARG B 131 -34.56 6.45 -12.76
N PHE B 132 -33.73 7.16 -12.01
CA PHE B 132 -32.29 7.03 -11.94
C PHE B 132 -31.86 5.70 -11.30
N SER B 133 -32.67 5.13 -10.42
CA SER B 133 -32.27 3.96 -9.65
C SER B 133 -32.24 2.74 -10.56
N GLU B 134 -32.77 2.89 -11.77
CA GLU B 134 -32.89 1.75 -12.69
C GLU B 134 -31.80 1.78 -13.75
N THR B 135 -30.86 2.74 -13.65
CA THR B 135 -29.75 2.86 -14.59
C THR B 135 -28.92 1.58 -14.67
N SER B 136 -28.57 1.19 -15.89
CA SER B 136 -27.81 -0.04 -16.06
C SER B 136 -26.34 0.33 -15.85
N ARG B 137 -25.56 -0.63 -15.39
CA ARG B 137 -24.11 -0.52 -15.30
C ARG B 137 -23.52 -0.03 -16.63
N GLU B 138 -23.89 -0.68 -17.73
CA GLU B 138 -23.28 -0.37 -19.04
C GLU B 138 -23.61 1.07 -19.50
N GLY B 139 -24.84 1.52 -19.24
CA GLY B 139 -25.21 2.93 -19.48
C GLY B 139 -24.51 3.92 -18.56
N PHE B 140 -24.34 3.56 -17.29
CA PHE B 140 -23.63 4.42 -16.36
C PHE B 140 -22.18 4.60 -16.80
N LEU B 141 -21.49 3.51 -17.10
CA LEU B 141 -20.10 3.57 -17.48
C LEU B 141 -19.89 4.21 -18.85
N LEU B 142 -20.86 4.00 -19.76
CA LEU B 142 -20.85 4.65 -21.07
C LEU B 142 -20.89 6.16 -20.92
N ALA B 143 -21.79 6.68 -20.07
CA ALA B 143 -21.82 8.12 -19.83
C ALA B 143 -20.48 8.63 -19.26
N GLN B 144 -19.90 7.90 -18.30
CA GLN B 144 -18.65 8.34 -17.65
C GLN B 144 -17.48 8.35 -18.64
N ASP B 145 -17.43 7.32 -19.47
CA ASP B 145 -16.40 7.15 -20.47
C ASP B 145 -16.34 8.34 -21.42
N ILE B 146 -17.41 8.56 -22.16
CA ILE B 146 -17.50 9.65 -23.12
C ILE B 146 -17.54 11.05 -22.50
N SER B 147 -18.20 11.24 -21.36
CA SER B 147 -18.58 12.59 -20.95
C SER B 147 -17.59 13.13 -19.91
N SER B 148 -16.76 12.23 -19.40
CA SER B 148 -15.86 12.66 -18.33
C SER B 148 -14.44 12.17 -18.52
N TYR B 149 -14.28 10.87 -18.75
CA TYR B 149 -12.94 10.34 -18.95
C TYR B 149 -12.30 10.96 -20.18
N SER B 150 -13.07 11.17 -21.24
CA SER B 150 -12.50 11.71 -22.47
C SER B 150 -11.74 13.02 -22.17
N LEU B 151 -12.11 13.78 -21.14
CA LEU B 151 -11.32 14.99 -20.86
C LEU B 151 -9.89 14.66 -20.42
N THR B 152 -9.81 13.64 -19.58
CA THR B 152 -8.55 13.24 -19.00
C THR B 152 -7.56 12.84 -20.12
N ILE B 153 -8.00 11.99 -21.05
CA ILE B 153 -7.10 11.54 -22.11
C ILE B 153 -6.87 12.64 -23.15
N VAL B 154 -7.89 13.44 -23.42
CA VAL B 154 -7.68 14.59 -24.27
C VAL B 154 -6.59 15.53 -23.70
N ALA B 155 -6.64 15.78 -22.39
CA ALA B 155 -5.69 16.67 -21.74
C ALA B 155 -4.29 16.09 -21.78
N HIS B 156 -4.14 14.79 -21.54
CA HIS B 156 -2.83 14.16 -21.67
C HIS B 156 -2.23 14.34 -23.06
N GLU B 157 -3.04 14.18 -24.11
CA GLU B 157 -2.50 14.17 -25.46
C GLU B 157 -2.32 15.60 -25.95
N ALA B 158 -3.24 16.49 -25.56
CA ALA B 158 -3.09 17.90 -25.92
C ALA B 158 -1.90 18.61 -25.25
N LYS B 159 -1.62 18.30 -23.99
CA LYS B 159 -0.41 18.77 -23.29
C LYS B 159 0.87 18.63 -24.12
N LYS B 160 1.01 17.53 -24.88
CA LYS B 160 2.17 17.36 -25.74
C LYS B 160 2.36 18.50 -26.74
N LEU B 161 1.27 19.16 -27.12
CA LEU B 161 1.26 20.24 -28.09
C LEU B 161 1.24 21.62 -27.42
N MET B 162 1.38 21.62 -26.10
CA MET B 162 1.33 22.86 -25.33
C MET B 162 2.58 23.02 -24.46
N PRO B 163 3.77 23.01 -25.08
CA PRO B 163 5.01 23.04 -24.30
C PRO B 163 5.19 24.32 -23.47
N GLU B 164 4.62 25.45 -23.90
CA GLU B 164 4.70 26.66 -23.09
C GLU B 164 3.47 26.91 -22.25
N GLY B 165 2.52 25.99 -22.25
CA GLY B 165 1.28 26.23 -21.53
C GLY B 165 0.08 26.42 -22.46
N GLY B 166 -1.10 26.33 -21.88
CA GLY B 166 -2.30 26.66 -22.59
C GLY B 166 -3.55 26.54 -21.76
N SER B 167 -4.67 26.34 -22.44
CA SER B 167 -5.96 26.37 -21.72
C SER B 167 -6.90 25.31 -22.26
N ILE B 168 -7.58 24.63 -21.35
CA ILE B 168 -8.51 23.56 -21.70
C ILE B 168 -9.85 23.86 -21.03
N VAL B 169 -10.91 23.82 -21.82
CA VAL B 169 -12.23 24.17 -21.29
C VAL B 169 -13.21 23.04 -21.64
N ALA B 170 -13.99 22.60 -20.65
CA ALA B 170 -15.04 21.62 -20.90
C ALA B 170 -16.43 22.20 -20.60
N THR B 171 -17.46 21.53 -21.09
CA THR B 171 -18.81 22.03 -20.96
C THR B 171 -19.59 21.22 -19.94
N THR B 172 -20.10 21.87 -18.91
CA THR B 172 -20.89 21.14 -17.95
C THR B 172 -22.30 21.70 -17.80
N TYR B 173 -23.08 21.08 -16.93
CA TYR B 173 -24.43 21.55 -16.65
C TYR B 173 -24.68 21.48 -15.14
N LEU B 174 -25.42 22.46 -14.62
CA LEU B 174 -25.79 22.54 -13.22
C LEU B 174 -26.28 21.22 -12.65
N GLY B 175 -26.73 20.32 -13.51
CA GLY B 175 -27.17 18.99 -13.11
C GLY B 175 -26.06 18.11 -12.57
N GLY B 176 -24.80 18.56 -12.69
CA GLY B 176 -23.64 17.96 -12.02
C GLY B 176 -23.46 18.35 -10.57
N GLU B 177 -24.08 19.46 -10.16
CA GLU B 177 -23.99 19.92 -8.79
C GLU B 177 -25.23 19.64 -7.95
N PHE B 178 -26.40 19.55 -8.58
CA PHE B 178 -27.69 19.33 -7.90
C PHE B 178 -28.40 18.24 -8.67
N ALA B 179 -29.30 17.53 -8.00
CA ALA B 179 -30.18 16.60 -8.65
C ALA B 179 -31.28 17.36 -9.40
N VAL B 180 -31.24 17.34 -10.72
CA VAL B 180 -32.25 17.95 -11.60
C VAL B 180 -33.14 16.82 -12.15
N GLN B 181 -34.44 17.03 -12.27
CA GLN B 181 -35.34 15.96 -12.79
C GLN B 181 -34.92 15.50 -14.19
N ASN B 182 -34.95 14.19 -14.41
CA ASN B 182 -34.67 13.54 -15.70
C ASN B 182 -33.24 13.50 -16.16
N TYR B 183 -32.37 14.38 -15.67
CA TYR B 183 -31.02 14.42 -16.18
C TYR B 183 -30.20 13.19 -15.74
N ASN B 184 -30.54 12.63 -14.58
CA ASN B 184 -30.17 11.25 -14.23
C ASN B 184 -28.69 10.89 -14.41
N VAL B 185 -28.39 9.91 -15.26
CA VAL B 185 -27.03 9.45 -15.43
C VAL B 185 -26.10 10.56 -15.98
N MET B 186 -26.65 11.58 -16.61
CA MET B 186 -25.75 12.61 -17.10
C MET B 186 -25.34 13.56 -15.97
N GLY B 187 -26.15 13.64 -14.92
CA GLY B 187 -25.81 14.43 -13.76
C GLY B 187 -24.60 13.86 -13.04
N VAL B 188 -24.54 12.53 -12.95
CA VAL B 188 -23.45 11.85 -12.27
C VAL B 188 -22.15 11.95 -13.12
N ALA B 189 -22.28 11.83 -14.43
CA ALA B 189 -21.18 12.07 -15.37
C ALA B 189 -20.66 13.52 -15.33
N LYS B 190 -21.54 14.50 -15.16
CA LYS B 190 -21.11 15.89 -15.02
C LYS B 190 -20.47 16.18 -13.67
N ALA B 191 -20.96 15.55 -12.60
CA ALA B 191 -20.30 15.66 -11.30
C ALA B 191 -18.86 15.14 -11.40
N SER B 192 -18.77 13.96 -12.01
CA SER B 192 -17.48 13.39 -12.37
C SER B 192 -16.63 14.35 -13.21
N LEU B 193 -17.19 14.90 -14.28
CA LEU B 193 -16.44 15.80 -15.19
C LEU B 193 -15.97 17.06 -14.42
N GLU B 194 -16.80 17.55 -13.51
CA GLU B 194 -16.35 18.75 -12.82
C GLU B 194 -15.19 18.45 -11.86
N ALA B 195 -15.16 17.26 -11.27
CA ALA B 195 -14.03 16.87 -10.43
C ALA B 195 -12.81 16.66 -11.32
N ASN B 196 -13.05 16.11 -12.50
CA ASN B 196 -11.99 15.82 -13.46
C ASN B 196 -11.21 17.11 -13.81
N VAL B 197 -11.95 18.20 -14.04
CA VAL B 197 -11.40 19.53 -14.18
C VAL B 197 -10.51 19.99 -13.01
N LYS B 198 -10.95 19.81 -11.77
CA LYS B 198 -10.14 20.23 -10.62
C LYS B 198 -8.85 19.40 -10.50
N TYR B 199 -8.94 18.09 -10.70
CA TYR B 199 -7.79 17.21 -10.59
C TYR B 199 -6.85 17.43 -11.75
N LEU B 200 -7.38 17.68 -12.96
CA LEU B 200 -6.50 18.11 -14.05
C LEU B 200 -5.85 19.48 -13.79
N ALA B 201 -6.60 20.41 -13.23
CA ALA B 201 -6.02 21.73 -12.97
C ALA B 201 -4.86 21.60 -12.01
N LEU B 202 -5.02 20.78 -10.97
CA LEU B 202 -3.96 20.58 -9.98
C LEU B 202 -2.75 19.87 -10.59
N ASP B 203 -2.99 18.87 -11.43
CA ASP B 203 -1.94 18.14 -12.13
C ASP B 203 -1.21 19.00 -13.17
N LEU B 204 -1.95 19.72 -14.01
CA LEU B 204 -1.34 20.42 -15.15
C LEU B 204 -0.95 21.85 -14.85
N GLY B 205 -1.39 22.41 -13.72
CA GLY B 205 -0.94 23.73 -13.26
C GLY B 205 0.54 24.03 -13.44
N PRO B 206 1.41 23.14 -12.94
CA PRO B 206 2.84 23.46 -12.95
C PRO B 206 3.41 23.47 -14.36
N ASP B 207 2.63 23.03 -15.34
CA ASP B 207 3.04 23.05 -16.75
C ASP B 207 2.40 24.28 -17.38
N ASN B 208 1.74 25.09 -16.55
CA ASN B 208 1.10 26.32 -17.01
C ASN B 208 -0.08 26.05 -17.96
N ILE B 209 -0.80 24.97 -17.68
CA ILE B 209 -1.97 24.63 -18.47
C ILE B 209 -3.14 24.79 -17.50
N ARG B 210 -4.12 25.60 -17.89
CA ARG B 210 -5.24 25.88 -17.01
C ARG B 210 -6.40 25.01 -17.49
N VAL B 211 -7.25 24.56 -16.57
CA VAL B 211 -8.35 23.67 -16.93
C VAL B 211 -9.55 24.20 -16.19
N ASN B 212 -10.62 24.44 -16.92
CA ASN B 212 -11.81 25.10 -16.42
C ASN B 212 -13.07 24.55 -17.08
N ALA B 213 -14.24 24.88 -16.54
CA ALA B 213 -15.51 24.36 -17.03
C ALA B 213 -16.40 25.55 -17.28
N ILE B 214 -17.17 25.52 -18.37
CA ILE B 214 -18.34 26.37 -18.44
C ILE B 214 -19.61 25.60 -18.11
N SER B 215 -20.40 26.15 -17.19
CA SER B 215 -21.68 25.52 -16.88
C SER B 215 -22.79 26.27 -17.61
N ALA B 216 -23.23 25.70 -18.73
CA ALA B 216 -24.11 26.35 -19.66
C ALA B 216 -25.55 26.10 -19.21
N GLY B 217 -26.39 27.12 -19.37
CA GLY B 217 -27.82 26.96 -19.13
C GLY B 217 -28.40 26.21 -20.31
N PRO B 218 -29.70 25.92 -20.28
CA PRO B 218 -30.24 25.06 -21.35
C PRO B 218 -30.36 25.75 -22.73
N ILE B 219 -30.00 25.01 -23.78
CA ILE B 219 -29.95 25.49 -25.15
C ILE B 219 -30.50 24.40 -26.08
N ARG B 220 -31.40 24.74 -27.00
CA ARG B 220 -31.97 23.72 -27.87
C ARG B 220 -30.89 23.17 -28.82
N THR B 221 -30.44 21.95 -28.59
CA THR B 221 -29.46 21.33 -29.47
C THR B 221 -29.93 19.91 -29.80
N LEU B 222 -29.27 19.26 -30.74
CA LEU B 222 -29.54 17.84 -31.03
C LEU B 222 -29.53 16.97 -29.76
N SER B 223 -28.51 17.16 -28.91
CA SER B 223 -28.40 16.41 -27.66
C SER B 223 -29.47 16.76 -26.65
N ALA B 224 -29.88 18.02 -26.57
CA ALA B 224 -31.01 18.37 -25.68
C ALA B 224 -32.25 17.51 -25.92
N LYS B 225 -32.40 16.98 -27.13
CA LYS B 225 -33.58 16.17 -27.40
C LYS B 225 -33.61 14.91 -26.55
N GLY B 226 -32.53 14.63 -25.85
CA GLY B 226 -32.45 13.43 -25.03
C GLY B 226 -32.84 13.69 -23.59
N VAL B 227 -32.92 14.96 -23.22
CA VAL B 227 -33.29 15.28 -21.85
C VAL B 227 -34.82 15.38 -21.67
N GLY B 228 -35.43 14.43 -21.01
CA GLY B 228 -36.82 14.59 -20.62
C GLY B 228 -37.14 15.98 -20.09
N GLY B 229 -38.33 16.46 -20.43
CA GLY B 229 -38.82 17.72 -19.89
C GLY B 229 -38.03 18.95 -20.32
N PHE B 230 -37.18 18.82 -21.33
CA PHE B 230 -36.37 19.96 -21.77
C PHE B 230 -37.10 21.31 -21.97
N ASN B 231 -38.27 21.28 -22.59
CA ASN B 231 -39.08 22.46 -22.74
C ASN B 231 -39.41 23.14 -21.43
N THR B 232 -39.85 22.37 -20.45
CA THR B 232 -40.22 22.97 -19.19
C THR B 232 -39.01 23.53 -18.43
N ILE B 233 -37.79 23.11 -18.81
CA ILE B 233 -36.55 23.63 -18.21
C ILE B 233 -36.23 24.99 -18.77
N LEU B 234 -36.36 25.11 -20.09
CA LEU B 234 -36.20 26.39 -20.78
C LEU B 234 -37.13 27.46 -20.21
N LYS B 235 -38.35 27.04 -19.90
CA LYS B 235 -39.36 27.93 -19.36
C LYS B 235 -39.03 28.34 -17.92
N GLU B 236 -38.51 27.42 -17.12
CA GLU B 236 -38.19 27.78 -15.74
C GLU B 236 -37.10 28.86 -15.71
N ILE B 237 -36.15 28.79 -16.64
CA ILE B 237 -35.11 29.79 -16.69
C ILE B 237 -35.72 31.18 -16.94
N GLU B 238 -36.66 31.27 -17.88
CA GLU B 238 -37.27 32.54 -18.25
C GLU B 238 -38.05 33.13 -17.09
N GLU B 239 -38.70 32.29 -16.31
CA GLU B 239 -39.56 32.74 -15.21
C GLU B 239 -38.81 33.06 -13.91
N ARG B 240 -37.66 32.42 -13.72
CA ARG B 240 -36.99 32.45 -12.41
C ARG B 240 -35.53 32.92 -12.36
N ALA B 241 -34.73 32.72 -13.42
CA ALA B 241 -33.33 33.17 -13.46
C ALA B 241 -33.22 34.69 -13.35
N PRO B 242 -32.21 35.19 -12.61
CA PRO B 242 -31.99 36.61 -12.46
C PRO B 242 -32.26 37.40 -13.76
N LEU B 243 -31.66 36.98 -14.88
CA LEU B 243 -31.86 37.73 -16.13
C LEU B 243 -33.21 37.45 -16.78
N LYS B 244 -33.88 36.36 -16.41
CA LYS B 244 -35.20 36.16 -16.97
C LYS B 244 -35.22 35.88 -18.47
N ARG B 245 -34.20 35.22 -19.01
CA ARG B 245 -34.19 34.84 -20.42
C ARG B 245 -33.19 33.70 -20.56
N ASN B 246 -33.29 32.93 -21.64
CA ASN B 246 -32.33 31.85 -21.83
C ASN B 246 -31.03 32.36 -22.49
N VAL B 247 -29.97 31.56 -22.51
CA VAL B 247 -28.70 31.99 -23.11
C VAL B 247 -28.59 31.37 -24.47
N ASP B 248 -27.55 31.72 -25.22
CA ASP B 248 -27.37 31.02 -26.48
C ASP B 248 -25.92 30.60 -26.62
N GLN B 249 -25.65 29.86 -27.69
CA GLN B 249 -24.36 29.27 -27.94
C GLN B 249 -23.24 30.34 -27.98
N VAL B 250 -23.55 31.52 -28.52
CA VAL B 250 -22.57 32.59 -28.75
C VAL B 250 -22.16 33.07 -27.36
N GLU B 251 -23.10 33.05 -26.42
CA GLU B 251 -22.81 33.56 -25.08
C GLU B 251 -21.81 32.64 -24.42
N VAL B 252 -21.99 31.34 -24.62
CA VAL B 252 -21.05 30.36 -24.13
C VAL B 252 -19.70 30.58 -24.76
N GLY B 253 -19.69 30.87 -26.05
CA GLY B 253 -18.44 31.08 -26.74
C GLY B 253 -17.69 32.31 -26.25
N LYS B 254 -18.40 33.37 -25.85
CA LYS B 254 -17.72 34.52 -25.32
C LYS B 254 -17.04 34.17 -24.00
N THR B 255 -17.71 33.50 -23.06
CA THR B 255 -17.04 33.06 -21.87
C THR B 255 -15.90 32.07 -22.20
N ALA B 256 -16.03 31.29 -23.26
CA ALA B 256 -14.90 30.47 -23.69
C ALA B 256 -13.68 31.24 -24.24
N ALA B 257 -13.92 32.29 -25.02
CA ALA B 257 -12.85 33.16 -25.46
C ALA B 257 -12.06 33.71 -24.26
N TYR B 258 -12.76 34.10 -23.20
CA TYR B 258 -12.12 34.59 -21.99
C TYR B 258 -11.25 33.50 -21.37
N LEU B 259 -11.83 32.32 -21.12
CA LEU B 259 -11.10 31.20 -20.55
C LEU B 259 -9.92 30.70 -21.37
N LEU B 260 -10.02 30.78 -22.69
CA LEU B 260 -8.96 30.23 -23.55
C LEU B 260 -7.84 31.25 -23.80
N SER B 261 -8.08 32.48 -23.35
CA SER B 261 -7.16 33.54 -23.64
C SER B 261 -6.48 33.98 -22.34
N ASP B 262 -5.47 34.83 -22.50
CA ASP B 262 -4.72 35.36 -21.37
C ASP B 262 -5.56 36.28 -20.46
N LEU B 263 -6.80 36.57 -20.84
CA LEU B 263 -7.61 37.38 -19.95
C LEU B 263 -7.81 36.66 -18.63
N SER B 264 -7.87 35.34 -18.69
CA SER B 264 -8.18 34.53 -17.51
C SER B 264 -6.93 33.88 -16.92
N SER B 265 -5.77 34.53 -17.03
N SER B 265 -5.76 34.48 -17.17
CA SER B 265 -4.48 33.87 -16.71
CA SER B 265 -4.56 34.08 -16.47
C SER B 265 -4.32 33.42 -15.25
C SER B 265 -4.85 34.28 -14.99
N GLY B 266 -5.12 33.99 -14.36
N GLY B 266 -4.48 33.31 -14.17
CA GLY B 266 -5.07 33.62 -12.95
CA GLY B 266 -4.89 33.32 -12.77
C GLY B 266 -6.11 32.59 -12.52
C GLY B 266 -6.10 32.44 -12.46
N VAL B 267 -6.86 32.06 -13.48
CA VAL B 267 -8.08 31.33 -13.24
C VAL B 267 -7.92 29.86 -13.65
N THR B 268 -8.09 28.95 -12.70
CA THR B 268 -8.01 27.54 -13.07
C THR B 268 -8.79 26.74 -12.04
N GLY B 269 -9.27 25.57 -12.43
CA GLY B 269 -10.11 24.74 -11.57
C GLY B 269 -11.45 25.41 -11.35
N GLU B 270 -11.79 26.37 -12.20
CA GLU B 270 -13.04 27.12 -12.05
C GLU B 270 -14.23 26.54 -12.88
N ASN B 271 -15.44 26.81 -12.39
CA ASN B 271 -16.68 26.44 -13.09
C ASN B 271 -17.49 27.70 -13.37
N ILE B 272 -17.46 28.28 -14.57
CA ILE B 272 -18.17 29.55 -14.78
C ILE B 272 -19.59 29.30 -15.25
N HIS B 273 -20.59 29.73 -14.49
CA HIS B 273 -21.98 29.49 -14.88
C HIS B 273 -22.44 30.50 -15.93
N VAL B 274 -22.80 30.02 -17.12
CA VAL B 274 -23.30 30.88 -18.17
C VAL B 274 -24.78 30.58 -18.41
N ASP B 275 -25.61 31.06 -17.48
CA ASP B 275 -26.90 30.45 -17.29
C ASP B 275 -27.92 31.47 -16.77
N SER B 276 -27.66 32.75 -17.01
CA SER B 276 -28.54 33.82 -16.57
C SER B 276 -28.71 33.98 -15.07
N GLY B 277 -27.82 33.38 -14.28
CA GLY B 277 -27.81 33.53 -12.81
C GLY B 277 -28.58 32.42 -12.10
N PHE B 278 -29.18 31.53 -12.88
CA PHE B 278 -30.02 30.48 -12.35
C PHE B 278 -29.31 29.66 -11.28
N HIS B 279 -27.99 29.49 -11.37
CA HIS B 279 -27.28 28.73 -10.33
C HIS B 279 -27.37 29.42 -8.98
N ALA B 280 -27.67 30.72 -8.98
CA ALA B 280 -27.49 31.47 -7.75
C ALA B 280 -28.78 31.52 -6.95
N ILE B 281 -29.86 30.92 -7.44
CA ILE B 281 -31.19 31.04 -6.82
C ILE B 281 -31.78 29.68 -6.39
N LYS B 282 -32.63 29.66 -5.37
CA LYS B 282 -33.61 28.59 -5.19
C LYS B 282 -34.98 29.28 -5.09
N VAL C 28 -12.90 41.94 -26.41
CA VAL C 28 -13.03 43.06 -25.39
C VAL C 28 -12.38 44.39 -25.90
N ASN C 29 -13.19 45.25 -26.51
CA ASN C 29 -12.86 46.65 -26.78
C ASN C 29 -13.85 47.59 -26.10
N LEU C 30 -13.38 48.45 -25.19
CA LEU C 30 -14.30 49.22 -24.36
C LEU C 30 -14.37 50.73 -24.65
N GLU C 31 -14.13 51.15 -25.89
CA GLU C 31 -14.33 52.54 -26.28
C GLU C 31 -15.81 52.91 -26.14
N ASN C 32 -16.07 54.14 -25.69
CA ASN C 32 -17.43 54.63 -25.52
C ASN C 32 -18.10 54.00 -24.29
N LYS C 33 -17.33 53.22 -23.53
CA LYS C 33 -17.75 52.71 -22.23
C LYS C 33 -17.31 53.60 -21.06
N THR C 34 -18.08 53.63 -19.97
CA THR C 34 -17.65 54.36 -18.77
C THR C 34 -17.79 53.52 -17.51
N TYR C 35 -16.77 53.49 -16.67
CA TYR C 35 -16.77 52.68 -15.45
C TYR C 35 -16.38 53.50 -14.21
N VAL C 36 -17.18 53.42 -13.16
CA VAL C 36 -16.82 53.99 -11.87
C VAL C 36 -15.99 52.95 -11.10
N ILE C 37 -14.78 53.33 -10.67
CA ILE C 37 -13.91 52.46 -9.89
C ILE C 37 -13.79 52.99 -8.44
N MET C 38 -14.17 52.17 -7.47
CA MET C 38 -14.20 52.59 -6.07
C MET C 38 -13.12 51.85 -5.28
N GLY C 39 -12.21 52.60 -4.65
CA GLY C 39 -11.23 52.03 -3.74
C GLY C 39 -9.78 51.92 -4.22
N ILE C 40 -9.30 52.89 -5.00
CA ILE C 40 -7.86 53.04 -5.10
C ILE C 40 -7.36 53.87 -3.93
N ALA C 41 -6.35 53.35 -3.23
CA ALA C 41 -5.59 54.13 -2.24
C ALA C 41 -4.16 54.43 -2.71
N ASN C 42 -3.59 53.52 -3.49
CA ASN C 42 -2.26 53.76 -4.00
C ASN C 42 -1.92 52.81 -5.14
N LYS C 43 -0.65 52.79 -5.55
CA LYS C 43 -0.30 52.04 -6.77
C LYS C 43 -0.54 50.54 -6.59
N ARG C 44 -0.55 50.03 -5.36
CA ARG C 44 -0.68 48.59 -5.13
CA ARG C 44 -0.68 48.59 -5.19
C ARG C 44 -2.15 48.16 -5.02
N SER C 45 -3.07 49.10 -5.05
CA SER C 45 -4.46 48.72 -4.80
C SER C 45 -4.92 47.74 -5.88
N ILE C 46 -5.81 46.83 -5.50
CA ILE C 46 -6.42 45.97 -6.50
C ILE C 46 -7.15 46.81 -7.57
N ALA C 47 -7.88 47.85 -7.16
CA ALA C 47 -8.63 48.64 -8.11
C ALA C 47 -7.72 49.33 -9.14
N PHE C 48 -6.47 49.62 -8.79
CA PHE C 48 -5.56 50.25 -9.74
C PHE C 48 -5.14 49.28 -10.86
N GLY C 49 -4.97 48.00 -10.52
CA GLY C 49 -4.90 46.95 -11.54
C GLY C 49 -6.11 46.96 -12.46
N VAL C 50 -7.32 47.04 -11.89
CA VAL C 50 -8.53 47.18 -12.67
C VAL C 50 -8.40 48.43 -13.56
N ALA C 51 -8.02 49.55 -12.96
CA ALA C 51 -7.94 50.82 -13.69
C ALA C 51 -6.98 50.75 -14.88
N LYS C 52 -5.80 50.16 -14.69
CA LYS C 52 -4.81 50.07 -15.78
C LYS C 52 -5.37 49.23 -16.91
N VAL C 53 -6.09 48.15 -16.59
CA VAL C 53 -6.57 47.25 -17.62
C VAL C 53 -7.68 47.90 -18.43
N LEU C 54 -8.66 48.48 -17.74
CA LEU C 54 -9.76 49.19 -18.40
C LEU C 54 -9.30 50.43 -19.18
N ASP C 55 -8.21 51.06 -18.76
CA ASP C 55 -7.74 52.26 -19.39
C ASP C 55 -7.04 51.87 -20.70
N GLN C 56 -6.23 50.82 -20.62
CA GLN C 56 -5.61 50.17 -21.77
C GLN C 56 -6.59 49.74 -22.86
N LEU C 57 -7.79 49.36 -22.45
CA LEU C 57 -8.79 48.82 -23.36
C LEU C 57 -9.69 49.94 -23.86
N GLY C 58 -9.47 51.16 -23.39
CA GLY C 58 -10.11 52.30 -24.01
C GLY C 58 -11.29 52.90 -23.26
N ALA C 59 -11.59 52.39 -22.07
CA ALA C 59 -12.73 52.85 -21.29
C ALA C 59 -12.49 54.24 -20.74
N LYS C 60 -13.56 54.98 -20.47
CA LYS C 60 -13.47 56.21 -19.70
C LYS C 60 -13.75 55.85 -18.25
N LEU C 61 -12.93 56.38 -17.35
CA LEU C 61 -13.01 55.99 -15.93
C LEU C 61 -13.26 57.16 -14.98
N VAL C 62 -13.99 56.86 -13.92
CA VAL C 62 -14.36 57.83 -12.90
C VAL C 62 -13.88 57.12 -11.65
N PHE C 63 -13.27 57.85 -10.74
CA PHE C 63 -12.70 57.29 -9.51
C PHE C 63 -13.37 57.86 -8.28
N THR C 64 -13.54 57.04 -7.25
CA THR C 64 -14.07 57.49 -5.98
C THR C 64 -13.13 57.10 -4.85
N TYR C 65 -12.97 57.98 -3.88
CA TYR C 65 -11.96 57.76 -2.85
C TYR C 65 -12.55 58.16 -1.50
N ARG C 66 -11.90 57.81 -0.39
CA ARG C 66 -12.39 58.33 0.90
C ARG C 66 -11.47 59.41 1.50
N LYS C 67 -10.20 59.09 1.67
CA LYS C 67 -9.24 59.97 2.37
C LYS C 67 -8.59 60.93 1.38
N GLU C 68 -8.31 62.16 1.81
CA GLU C 68 -7.68 63.10 0.89
CA GLU C 68 -7.68 63.10 0.89
C GLU C 68 -6.38 62.48 0.37
N ARG C 69 -5.79 61.61 1.18
CA ARG C 69 -4.52 61.01 0.79
C ARG C 69 -4.69 60.15 -0.45
N SER C 70 -5.82 59.46 -0.55
CA SER C 70 -6.09 58.62 -1.72
C SER C 70 -6.34 59.49 -2.97
N ARG C 71 -6.97 60.64 -2.80
CA ARG C 71 -7.20 61.49 -3.95
C ARG C 71 -5.83 61.90 -4.45
N LYS C 72 -4.92 62.23 -3.54
CA LYS C 72 -3.57 62.67 -3.97
C LYS C 72 -2.78 61.56 -4.68
N GLU C 73 -2.90 60.31 -4.24
CA GLU C 73 -2.36 59.19 -5.02
C GLU C 73 -3.02 59.07 -6.39
N LEU C 74 -4.35 59.21 -6.46
CA LEU C 74 -5.07 59.19 -7.72
C LEU C 74 -4.58 60.27 -8.64
N GLU C 75 -4.43 61.49 -8.13
CA GLU C 75 -3.95 62.57 -8.99
C GLU C 75 -2.63 62.17 -9.64
N LYS C 76 -1.72 61.63 -8.84
CA LYS C 76 -0.43 61.14 -9.33
C LYS C 76 -0.47 59.87 -10.22
N LEU C 77 -1.38 58.94 -9.93
CA LEU C 77 -1.48 57.72 -10.74
C LEU C 77 -2.13 57.94 -12.10
N LEU C 78 -2.95 58.97 -12.22
CA LEU C 78 -3.57 59.32 -13.49
C LEU C 78 -2.62 59.72 -14.64
N GLU C 79 -1.41 60.17 -14.34
CA GLU C 79 -0.44 60.46 -15.38
C GLU C 79 0.11 59.22 -16.08
N GLN C 80 0.01 58.08 -15.41
CA GLN C 80 0.28 56.74 -16.00
C GLN C 80 -0.84 56.26 -16.92
N LEU C 81 -2.05 56.78 -16.71
CA LEU C 81 -3.21 56.37 -17.47
C LEU C 81 -3.36 57.19 -18.77
N ASN C 82 -4.24 56.76 -19.68
CA ASN C 82 -4.46 57.50 -20.91
C ASN C 82 -5.63 58.45 -20.72
N GLN C 83 -6.13 58.58 -19.50
CA GLN C 83 -7.41 59.26 -19.32
C GLN C 83 -7.27 60.73 -19.66
N PRO C 84 -8.19 61.26 -20.47
CA PRO C 84 -7.98 62.63 -20.89
C PRO C 84 -8.19 63.61 -19.71
N GLU C 85 -9.13 63.32 -18.83
CA GLU C 85 -9.32 64.09 -17.61
C GLU C 85 -9.50 63.24 -16.36
N ALA C 86 -9.14 63.84 -15.23
CA ALA C 86 -9.41 63.31 -13.91
C ALA C 86 -10.89 63.45 -13.64
N HIS C 87 -11.57 62.37 -13.27
CA HIS C 87 -12.91 62.49 -12.70
C HIS C 87 -12.90 61.85 -11.32
N LEU C 88 -12.85 62.66 -10.26
CA LEU C 88 -12.59 62.15 -8.91
C LEU C 88 -13.65 62.57 -7.91
N TYR C 89 -14.13 61.65 -7.07
CA TYR C 89 -15.22 62.00 -6.16
C TYR C 89 -14.98 61.38 -4.80
N GLN C 90 -15.16 62.18 -3.75
CA GLN C 90 -14.98 61.70 -2.41
C GLN C 90 -16.27 60.99 -2.07
N ILE C 91 -16.22 59.67 -1.89
CA ILE C 91 -17.34 58.94 -1.33
C ILE C 91 -16.87 57.99 -0.23
N ASP C 92 -17.24 58.36 0.99
CA ASP C 92 -17.20 57.46 2.13
C ASP C 92 -18.51 56.65 2.15
N VAL C 93 -18.42 55.35 1.87
CA VAL C 93 -19.62 54.52 1.77
C VAL C 93 -20.33 54.31 3.11
N GLN C 94 -19.81 54.91 4.18
CA GLN C 94 -20.53 54.89 5.45
C GLN C 94 -21.69 55.90 5.50
N SER C 95 -21.65 56.93 4.67
CA SER C 95 -22.76 57.90 4.69
C SER C 95 -23.64 57.72 3.46
N ASP C 96 -24.90 57.37 3.67
CA ASP C 96 -25.90 57.42 2.63
C ASP C 96 -25.79 58.68 1.74
N GLU C 97 -25.84 59.87 2.34
CA GLU C 97 -25.79 61.08 1.52
CA GLU C 97 -25.69 61.15 1.64
C GLU C 97 -24.53 61.20 0.66
N GLU C 98 -23.37 60.69 1.07
CA GLU C 98 -22.19 60.88 0.21
C GLU C 98 -22.22 59.98 -1.01
N VAL C 99 -22.75 58.79 -0.84
CA VAL C 99 -22.95 57.85 -1.94
C VAL C 99 -24.06 58.36 -2.85
N ILE C 100 -25.15 58.79 -2.23
CA ILE C 100 -26.26 59.34 -3.00
C ILE C 100 -25.83 60.58 -3.81
N ASN C 101 -25.25 61.58 -3.14
CA ASN C 101 -24.81 62.78 -3.85
C ASN C 101 -23.59 62.55 -4.77
N GLY C 102 -22.76 61.57 -4.47
CA GLY C 102 -21.63 61.20 -5.34
C GLY C 102 -22.05 60.64 -6.70
N PHE C 103 -22.93 59.63 -6.68
CA PHE C 103 -23.37 59.03 -7.94
C PHE C 103 -24.22 59.99 -8.76
N GLU C 104 -25.03 60.80 -8.08
CA GLU C 104 -25.86 61.77 -8.81
C GLU C 104 -25.00 62.87 -9.44
N GLN C 105 -23.87 63.16 -8.82
CA GLN C 105 -22.96 64.17 -9.31
C GLN C 105 -22.13 63.61 -10.47
N ILE C 106 -21.72 62.35 -10.34
CA ILE C 106 -21.11 61.59 -11.42
C ILE C 106 -22.03 61.57 -12.63
N GLY C 107 -23.32 61.34 -12.39
CA GLY C 107 -24.29 61.34 -13.47
C GLY C 107 -24.29 62.65 -14.21
N LYS C 108 -24.24 63.76 -13.47
CA LYS C 108 -24.28 65.09 -14.09
C LYS C 108 -23.01 65.35 -14.90
N ASP C 109 -21.90 64.72 -14.51
CA ASP C 109 -20.60 65.05 -15.08
C ASP C 109 -20.28 64.22 -16.33
N VAL C 110 -20.61 62.94 -16.29
CA VAL C 110 -20.26 62.02 -17.38
C VAL C 110 -21.48 61.36 -18.01
N GLY C 111 -22.66 61.62 -17.45
CA GLY C 111 -23.88 60.99 -17.93
C GLY C 111 -23.98 59.55 -17.44
N ASN C 112 -24.62 58.71 -18.24
CA ASN C 112 -24.80 57.29 -17.96
C ASN C 112 -23.50 56.49 -17.95
N ILE C 113 -23.44 55.48 -17.08
CA ILE C 113 -22.27 54.60 -16.98
C ILE C 113 -22.55 53.15 -17.43
N ASP C 114 -21.49 52.40 -17.64
CA ASP C 114 -21.65 50.98 -17.98
C ASP C 114 -21.44 50.00 -16.83
N GLY C 115 -20.86 50.45 -15.71
CA GLY C 115 -20.75 49.61 -14.55
C GLY C 115 -19.87 50.20 -13.47
N VAL C 116 -19.73 49.46 -12.39
CA VAL C 116 -19.03 49.86 -11.19
C VAL C 116 -18.14 48.70 -10.73
N TYR C 117 -16.87 49.02 -10.49
CA TYR C 117 -15.99 48.09 -9.82
C TYR C 117 -15.89 48.50 -8.37
N HIS C 118 -16.34 47.63 -7.47
CA HIS C 118 -16.31 47.92 -6.04
C HIS C 118 -15.15 47.21 -5.35
N SER C 119 -14.22 47.99 -4.80
CA SER C 119 -12.99 47.43 -4.28
C SER C 119 -12.75 47.98 -2.88
N ILE C 120 -13.75 47.81 -2.02
CA ILE C 120 -13.83 48.54 -0.75
C ILE C 120 -14.09 47.57 0.38
N ALA C 121 -13.32 47.72 1.46
CA ALA C 121 -13.52 46.91 2.65
C ALA C 121 -12.81 47.54 3.83
N PHE C 122 -13.22 47.19 5.05
CA PHE C 122 -12.53 47.73 6.23
C PHE C 122 -12.87 46.93 7.49
N ALA C 123 -11.92 46.76 8.39
CA ALA C 123 -12.18 46.14 9.67
C ALA C 123 -11.09 46.68 10.57
N ASN C 124 -11.38 46.96 11.85
CA ASN C 124 -10.31 47.35 12.76
C ASN C 124 -9.27 46.24 12.91
N MET C 125 -8.01 46.65 12.98
CA MET C 125 -6.91 45.74 13.29
C MET C 125 -7.13 44.78 14.45
N GLU C 126 -7.58 45.28 15.60
CA GLU C 126 -7.85 44.40 16.76
C GLU C 126 -8.66 43.15 16.37
N ASP C 127 -9.58 43.31 15.42
CA ASP C 127 -10.49 42.25 15.01
C ASP C 127 -9.94 41.47 13.81
N LEU C 128 -8.65 41.57 13.49
CA LEU C 128 -8.12 40.83 12.33
C LEU C 128 -7.00 39.83 12.68
N ARG C 129 -7.09 39.33 13.91
CA ARG C 129 -6.03 38.51 14.51
C ARG C 129 -6.45 37.98 15.89
N GLY C 130 -5.76 36.95 16.36
CA GLY C 130 -6.19 36.19 17.54
C GLY C 130 -7.59 35.62 17.36
N ARG C 131 -8.48 35.89 18.34
CA ARG C 131 -9.67 35.05 18.54
C ARG C 131 -10.93 35.72 18.02
N PHE C 132 -11.49 35.10 16.98
CA PHE C 132 -12.78 35.49 16.43
C PHE C 132 -13.86 35.67 17.51
N SER C 133 -13.93 34.75 18.48
CA SER C 133 -15.03 34.77 19.46
C SER C 133 -14.99 36.01 20.37
N GLU C 134 -13.91 36.79 20.28
CA GLU C 134 -13.79 38.02 21.09
C GLU C 134 -14.17 39.29 20.29
N THR C 135 -14.52 39.14 19.02
CA THR C 135 -14.92 40.29 18.21
C THR C 135 -15.97 41.13 18.95
N SER C 136 -15.79 42.45 18.90
CA SER C 136 -16.75 43.34 19.52
C SER C 136 -17.90 43.53 18.52
N ARG C 137 -19.08 43.87 19.03
CA ARG C 137 -20.25 44.28 18.22
C ARG C 137 -19.92 45.42 17.27
N GLU C 138 -19.42 46.51 17.83
CA GLU C 138 -19.00 47.68 17.06
C GLU C 138 -18.05 47.29 15.92
N GLY C 139 -17.10 46.40 16.19
CA GLY C 139 -16.15 45.96 15.15
C GLY C 139 -16.81 45.09 14.09
N PHE C 140 -17.70 44.22 14.54
CA PHE C 140 -18.41 43.34 13.63
C PHE C 140 -19.35 44.13 12.72
N LEU C 141 -20.12 45.06 13.28
CA LEU C 141 -21.02 45.86 12.46
C LEU C 141 -20.30 46.88 11.54
N LEU C 142 -19.18 47.44 12.00
CA LEU C 142 -18.37 48.32 11.17
C LEU C 142 -17.91 47.56 9.91
N ALA C 143 -17.46 46.32 10.08
CA ALA C 143 -16.95 45.57 8.95
C ALA C 143 -18.07 45.26 7.95
N GLN C 144 -19.25 44.88 8.45
CA GLN C 144 -20.42 44.64 7.61
C GLN C 144 -20.85 45.91 6.87
N ASP C 145 -20.83 47.04 7.56
CA ASP C 145 -21.30 48.27 6.98
C ASP C 145 -20.44 48.64 5.76
N ILE C 146 -19.12 48.65 5.92
CA ILE C 146 -18.25 49.17 4.91
C ILE C 146 -18.04 48.17 3.80
N SER C 147 -18.07 46.87 4.14
CA SER C 147 -17.54 45.83 3.28
C SER C 147 -18.67 45.09 2.59
N SER C 148 -19.87 45.15 3.16
CA SER C 148 -20.99 44.42 2.57
C SER C 148 -22.15 45.35 2.20
N TYR C 149 -22.70 46.06 3.17
CA TYR C 149 -23.82 46.99 2.88
C TYR C 149 -23.46 48.01 1.82
N SER C 150 -22.27 48.58 1.90
CA SER C 150 -21.86 49.52 0.87
C SER C 150 -22.15 49.02 -0.55
N LEU C 151 -22.08 47.72 -0.83
CA LEU C 151 -22.41 47.28 -2.20
C LEU C 151 -23.88 47.49 -2.56
N THR C 152 -24.78 47.25 -1.61
CA THR C 152 -26.19 47.40 -1.83
C THR C 152 -26.57 48.84 -2.16
N ILE C 153 -26.10 49.77 -1.33
CA ILE C 153 -26.45 51.15 -1.51
C ILE C 153 -25.79 51.70 -2.78
N VAL C 154 -24.54 51.34 -3.04
CA VAL C 154 -23.88 51.71 -4.31
C VAL C 154 -24.66 51.20 -5.53
N ALA C 155 -25.14 49.97 -5.48
CA ALA C 155 -25.90 49.40 -6.60
C ALA C 155 -27.23 50.10 -6.82
N HIS C 156 -27.93 50.41 -5.73
CA HIS C 156 -29.19 51.14 -5.81
C HIS C 156 -28.99 52.47 -6.51
N GLU C 157 -27.89 53.15 -6.20
CA GLU C 157 -27.68 54.51 -6.74
C GLU C 157 -27.04 54.44 -8.13
N ALA C 158 -26.15 53.49 -8.35
CA ALA C 158 -25.57 53.31 -9.67
C ALA C 158 -26.63 52.88 -10.69
N LYS C 159 -27.67 52.18 -10.25
CA LYS C 159 -28.73 51.73 -11.16
C LYS C 159 -29.36 52.93 -11.86
N LYS C 160 -29.50 54.05 -11.16
CA LYS C 160 -30.05 55.29 -11.73
C LYS C 160 -29.25 55.78 -12.93
N LEU C 161 -27.97 55.41 -12.99
CA LEU C 161 -27.12 55.78 -14.14
C LEU C 161 -26.99 54.68 -15.19
N MET C 162 -27.78 53.61 -15.07
CA MET C 162 -27.69 52.53 -16.05
C MET C 162 -29.05 52.17 -16.69
N PRO C 163 -29.72 53.14 -17.33
CA PRO C 163 -31.09 52.85 -17.79
C PRO C 163 -31.15 51.62 -18.70
N GLU C 164 -30.03 51.27 -19.31
CA GLU C 164 -30.01 50.35 -20.42
C GLU C 164 -29.31 49.06 -20.03
N GLY C 165 -29.08 48.88 -18.73
CA GLY C 165 -28.28 47.78 -18.26
C GLY C 165 -26.83 48.11 -17.93
N GLY C 166 -26.16 47.17 -17.26
CA GLY C 166 -24.76 47.33 -16.94
C GLY C 166 -24.25 46.21 -16.06
N SER C 167 -23.18 46.50 -15.34
CA SER C 167 -22.38 45.46 -14.71
C SER C 167 -21.71 45.94 -13.43
N ILE C 168 -21.92 45.22 -12.33
CA ILE C 168 -21.34 45.60 -11.05
C ILE C 168 -20.48 44.43 -10.54
N VAL C 169 -19.22 44.75 -10.21
CA VAL C 169 -18.27 43.75 -9.72
C VAL C 169 -17.70 44.19 -8.37
N ALA C 170 -17.69 43.27 -7.42
CA ALA C 170 -17.17 43.51 -6.09
C ALA C 170 -16.00 42.54 -5.88
N THR C 171 -15.19 42.81 -4.86
CA THR C 171 -14.01 42.02 -4.65
C THR C 171 -14.14 41.24 -3.36
N THR C 172 -13.92 39.95 -3.43
CA THR C 172 -14.05 39.19 -2.21
C THR C 172 -12.83 38.31 -2.00
N TYR C 173 -12.90 37.43 -1.00
CA TYR C 173 -11.77 36.58 -0.72
C TYR C 173 -12.32 35.26 -0.23
N LEU C 174 -11.61 34.19 -0.53
CA LEU C 174 -12.00 32.86 -0.12
C LEU C 174 -12.28 32.69 1.38
N GLY C 175 -11.78 33.59 2.22
CA GLY C 175 -12.15 33.63 3.65
C GLY C 175 -13.63 33.87 3.91
N GLY C 176 -14.35 34.27 2.87
CA GLY C 176 -15.80 34.34 2.88
C GLY C 176 -16.48 32.99 2.75
N GLU C 177 -15.77 32.00 2.24
CA GLU C 177 -16.42 30.73 1.98
C GLU C 177 -15.88 29.70 2.93
N PHE C 178 -14.65 29.90 3.41
CA PHE C 178 -14.07 28.99 4.40
C PHE C 178 -13.54 29.81 5.53
N ALA C 179 -13.55 29.24 6.72
CA ALA C 179 -12.88 29.82 7.87
C ALA C 179 -11.37 29.69 7.70
N VAL C 180 -10.70 30.83 7.57
CA VAL C 180 -9.27 30.88 7.32
C VAL C 180 -8.68 31.49 8.61
N GLN C 181 -7.47 31.14 9.02
CA GLN C 181 -6.91 31.70 10.28
C GLN C 181 -6.75 33.24 10.19
N ASN C 182 -7.10 33.96 11.26
CA ASN C 182 -6.87 35.40 11.39
C ASN C 182 -7.80 36.32 10.60
N TYR C 183 -8.38 35.86 9.49
CA TYR C 183 -9.23 36.72 8.71
C TYR C 183 -10.52 37.07 9.47
N ASN C 184 -10.96 36.18 10.37
CA ASN C 184 -11.94 36.55 11.42
C ASN C 184 -13.14 37.42 11.01
N VAL C 185 -13.28 38.63 11.56
CA VAL C 185 -14.43 39.47 11.22
C VAL C 185 -14.55 39.79 9.70
N MET C 186 -13.44 39.92 8.96
CA MET C 186 -13.59 40.13 7.54
C MET C 186 -14.20 38.93 6.75
N GLY C 187 -13.91 37.70 7.21
CA GLY C 187 -14.46 36.52 6.56
C GLY C 187 -15.99 36.49 6.62
N VAL C 188 -16.53 36.87 7.77
CA VAL C 188 -17.95 36.98 7.92
C VAL C 188 -18.45 38.18 7.09
N ALA C 189 -17.70 39.26 7.00
CA ALA C 189 -18.17 40.33 6.14
C ALA C 189 -18.13 39.91 4.65
N LYS C 190 -17.18 39.06 4.26
CA LYS C 190 -17.11 38.63 2.86
C LYS C 190 -18.21 37.61 2.54
N ALA C 191 -18.65 36.84 3.54
CA ALA C 191 -19.72 35.89 3.29
C ALA C 191 -21.02 36.68 3.04
N SER C 192 -21.16 37.73 3.84
CA SER C 192 -22.25 38.68 3.72
C SER C 192 -22.22 39.31 2.32
N LEU C 193 -21.04 39.78 1.91
CA LEU C 193 -20.81 40.35 0.59
C LEU C 193 -21.17 39.37 -0.55
N GLU C 194 -20.71 38.13 -0.49
CA GLU C 194 -21.01 37.23 -1.58
C GLU C 194 -22.52 36.95 -1.68
N ALA C 195 -23.23 36.91 -0.57
CA ALA C 195 -24.67 36.73 -0.62
C ALA C 195 -25.35 38.00 -1.17
N ASN C 196 -24.77 39.15 -0.87
CA ASN C 196 -25.24 40.46 -1.31
C ASN C 196 -25.19 40.53 -2.83
N VAL C 197 -24.15 39.94 -3.40
CA VAL C 197 -24.00 39.83 -4.85
C VAL C 197 -25.13 39.00 -5.43
N LYS C 198 -25.48 37.90 -4.78
CA LYS C 198 -26.50 37.01 -5.33
C LYS C 198 -27.89 37.64 -5.27
N TYR C 199 -28.23 38.23 -4.13
CA TYR C 199 -29.48 38.96 -3.95
C TYR C 199 -29.60 40.20 -4.85
N LEU C 200 -28.50 40.90 -5.09
CA LEU C 200 -28.51 42.01 -6.04
C LEU C 200 -28.72 41.52 -7.46
N ALA C 201 -28.09 40.40 -7.79
CA ALA C 201 -28.23 39.80 -9.11
C ALA C 201 -29.69 39.45 -9.36
N LEU C 202 -30.37 38.89 -8.37
CA LEU C 202 -31.75 38.45 -8.59
C LEU C 202 -32.68 39.67 -8.69
N ASP C 203 -32.39 40.67 -7.89
CA ASP C 203 -33.20 41.88 -7.85
C ASP C 203 -32.99 42.79 -9.08
N LEU C 204 -31.74 42.92 -9.53
CA LEU C 204 -31.41 43.85 -10.61
C LEU C 204 -31.36 43.23 -11.99
N GLY C 205 -31.39 41.90 -12.06
CA GLY C 205 -31.39 41.18 -13.35
C GLY C 205 -32.43 41.55 -14.39
N PRO C 206 -33.70 41.71 -13.97
CA PRO C 206 -34.73 42.17 -14.95
C PRO C 206 -34.45 43.53 -15.60
N ASP C 207 -33.65 44.36 -14.93
CA ASP C 207 -33.23 45.64 -15.48
C ASP C 207 -31.95 45.46 -16.27
N ASN C 208 -31.53 44.21 -16.47
CA ASN C 208 -30.34 43.94 -17.25
C ASN C 208 -29.01 44.42 -16.62
N ILE C 209 -28.96 44.47 -15.29
CA ILE C 209 -27.72 44.81 -14.60
C ILE C 209 -27.12 43.55 -13.99
N ARG C 210 -25.91 43.18 -14.42
CA ARG C 210 -25.29 41.96 -13.91
C ARG C 210 -24.52 42.28 -12.63
N VAL C 211 -24.56 41.38 -11.65
CA VAL C 211 -23.79 41.60 -10.44
C VAL C 211 -22.96 40.35 -10.18
N ASN C 212 -21.65 40.54 -10.09
CA ASN C 212 -20.75 39.43 -9.84
C ASN C 212 -19.66 39.83 -8.86
N ALA C 213 -18.88 38.83 -8.46
CA ALA C 213 -17.77 38.99 -7.53
C ALA C 213 -16.51 38.39 -8.16
N ILE C 214 -15.37 39.03 -7.90
CA ILE C 214 -14.08 38.38 -8.09
C ILE C 214 -13.47 38.02 -6.75
N SER C 215 -13.01 36.79 -6.65
CA SER C 215 -12.41 36.30 -5.42
C SER C 215 -10.91 36.30 -5.64
N ALA C 216 -10.23 37.38 -5.25
CA ALA C 216 -8.82 37.51 -5.55
C ALA C 216 -7.97 36.68 -4.60
N GLY C 217 -6.88 36.13 -5.10
CA GLY C 217 -5.88 35.50 -4.23
C GLY C 217 -5.17 36.58 -3.42
N PRO C 218 -4.31 36.19 -2.47
CA PRO C 218 -3.56 37.19 -1.67
C PRO C 218 -2.62 38.07 -2.51
N ILE C 219 -2.63 39.38 -2.30
CA ILE C 219 -1.82 40.34 -3.02
C ILE C 219 -1.28 41.37 -2.00
N ARG C 220 0.02 41.68 -2.05
CA ARG C 220 0.57 42.71 -1.17
C ARG C 220 -0.10 44.04 -1.44
N THR C 221 -0.97 44.46 -0.53
CA THR C 221 -1.51 45.81 -0.55
C THR C 221 -1.46 46.50 0.80
N LEU C 222 -1.78 47.79 0.83
CA LEU C 222 -1.98 48.52 2.09
C LEU C 222 -2.89 47.79 3.09
N SER C 223 -4.06 47.32 2.66
CA SER C 223 -4.95 46.61 3.56
C SER C 223 -4.46 45.22 3.99
N ALA C 224 -3.68 44.54 3.14
CA ALA C 224 -3.07 43.27 3.52
C ALA C 224 -2.22 43.39 4.78
N LYS C 225 -1.74 44.61 5.03
CA LYS C 225 -0.85 44.83 6.16
C LYS C 225 -1.55 44.65 7.51
N GLY C 226 -2.88 44.53 7.50
CA GLY C 226 -3.60 44.25 8.72
C GLY C 226 -4.12 42.83 8.82
N VAL C 227 -3.83 41.99 7.82
CA VAL C 227 -4.25 40.60 7.97
C VAL C 227 -3.17 39.81 8.73
N GLY C 228 -3.44 39.38 9.95
CA GLY C 228 -2.49 38.50 10.65
C GLY C 228 -1.95 37.45 9.70
N GLY C 229 -0.65 37.14 9.81
CA GLY C 229 -0.07 36.01 9.06
C GLY C 229 -0.09 36.11 7.54
N PHE C 230 -0.29 37.31 6.99
CA PHE C 230 -0.37 37.49 5.55
C PHE C 230 0.74 36.82 4.72
N ASN C 231 2.00 37.00 5.10
CA ASN C 231 3.11 36.38 4.38
C ASN C 231 3.03 34.85 4.36
N THR C 232 2.57 34.25 5.47
CA THR C 232 2.23 32.83 5.46
C THR C 232 1.20 32.41 4.40
N ILE C 233 0.25 33.29 4.08
CA ILE C 233 -0.80 33.03 3.11
C ILE C 233 -0.23 33.03 1.68
N LEU C 234 0.62 34.02 1.39
CA LEU C 234 1.25 34.14 0.09
C LEU C 234 2.08 32.92 -0.19
N LYS C 235 2.82 32.48 0.81
CA LYS C 235 3.79 31.41 0.64
C LYS C 235 3.04 30.10 0.41
N GLU C 236 1.91 29.92 1.08
CA GLU C 236 1.17 28.68 0.93
C GLU C 236 0.51 28.56 -0.46
N ILE C 237 0.17 29.69 -1.08
CA ILE C 237 -0.23 29.72 -2.48
C ILE C 237 0.86 29.19 -3.41
N GLU C 238 2.08 29.74 -3.30
CA GLU C 238 3.23 29.33 -4.10
C GLU C 238 3.45 27.83 -4.04
N GLU C 239 3.31 27.26 -2.84
CA GLU C 239 3.64 25.85 -2.67
C GLU C 239 2.51 24.91 -3.07
N ARG C 240 1.27 25.34 -2.85
CA ARG C 240 0.11 24.44 -2.91
C ARG C 240 -0.91 24.71 -4.02
N ALA C 241 -1.13 25.97 -4.43
CA ALA C 241 -2.07 26.25 -5.50
C ALA C 241 -1.59 25.56 -6.79
N PRO C 242 -2.52 25.11 -7.66
CA PRO C 242 -2.21 24.52 -8.93
C PRO C 242 -1.20 25.30 -9.77
N LEU C 243 -1.32 26.61 -9.87
CA LEU C 243 -0.37 27.32 -10.72
C LEU C 243 0.96 27.55 -9.99
N LYS C 244 1.01 27.31 -8.69
CA LYS C 244 2.28 27.38 -7.97
C LYS C 244 2.91 28.78 -8.04
N ARG C 245 2.11 29.83 -8.14
CA ARG C 245 2.64 31.19 -8.10
C ARG C 245 1.47 32.02 -7.57
N ASN C 246 1.80 33.18 -7.01
CA ASN C 246 0.78 34.17 -6.66
C ASN C 246 0.23 34.96 -7.87
N VAL C 247 -0.91 35.61 -7.67
CA VAL C 247 -1.50 36.39 -8.75
C VAL C 247 -1.14 37.84 -8.50
N ASP C 248 -1.42 38.70 -9.46
CA ASP C 248 -1.30 40.10 -9.18
C ASP C 248 -2.54 40.86 -9.61
N GLN C 249 -2.50 42.14 -9.26
CA GLN C 249 -3.58 43.10 -9.48
C GLN C 249 -4.06 43.17 -10.93
N VAL C 250 -3.14 43.12 -11.89
CA VAL C 250 -3.53 43.15 -13.31
C VAL C 250 -4.33 41.89 -13.72
N GLU C 251 -4.00 40.73 -13.14
CA GLU C 251 -4.78 39.53 -13.37
C GLU C 251 -6.22 39.65 -12.84
N VAL C 252 -6.41 40.36 -11.73
CA VAL C 252 -7.76 40.71 -11.27
C VAL C 252 -8.43 41.67 -12.24
N GLY C 253 -7.66 42.67 -12.67
CA GLY C 253 -8.10 43.58 -13.73
C GLY C 253 -8.54 42.93 -15.04
N LYS C 254 -7.77 41.95 -15.54
CA LYS C 254 -8.17 41.23 -16.76
C LYS C 254 -9.50 40.49 -16.53
N THR C 255 -9.72 39.94 -15.34
CA THR C 255 -11.01 39.30 -15.09
C THR C 255 -12.12 40.33 -14.83
N ALA C 256 -11.79 41.47 -14.24
CA ALA C 256 -12.77 42.57 -14.17
C ALA C 256 -13.22 42.99 -15.58
N ALA C 257 -12.26 43.09 -16.51
CA ALA C 257 -12.57 43.56 -17.87
C ALA C 257 -13.60 42.63 -18.50
N TYR C 258 -13.35 41.32 -18.38
CA TYR C 258 -14.32 40.34 -18.80
C TYR C 258 -15.70 40.53 -18.14
N LEU C 259 -15.77 40.64 -16.83
CA LEU C 259 -17.05 40.72 -16.11
C LEU C 259 -17.80 42.00 -16.42
N LEU C 260 -17.08 43.06 -16.80
CA LEU C 260 -17.62 44.40 -16.98
C LEU C 260 -17.99 44.60 -18.44
N SER C 261 -17.48 43.73 -19.31
CA SER C 261 -17.76 43.87 -20.73
C SER C 261 -18.87 42.92 -21.17
N ASP C 262 -19.25 43.04 -22.43
CA ASP C 262 -20.21 42.16 -23.05
C ASP C 262 -19.72 40.69 -23.16
N LEU C 263 -18.45 40.42 -22.87
CA LEU C 263 -17.98 39.03 -22.98
C LEU C 263 -18.72 38.15 -21.98
N SER C 264 -19.22 38.74 -20.90
CA SER C 264 -19.77 37.95 -19.81
C SER C 264 -21.28 38.09 -19.70
N SER C 265 -21.91 38.53 -20.79
N SER C 265 -21.94 38.25 -20.86
CA SER C 265 -23.38 38.54 -20.81
CA SER C 265 -23.35 38.66 -20.93
C SER C 265 -23.78 37.08 -20.66
C SER C 265 -24.37 37.69 -20.30
N GLY C 266 -24.83 36.85 -19.88
N GLY C 266 -23.98 36.43 -20.17
CA GLY C 266 -25.13 35.50 -19.42
CA GLY C 266 -24.85 35.41 -19.58
C GLY C 266 -24.66 35.19 -18.01
C GLY C 266 -24.51 35.10 -18.14
N VAL C 267 -23.64 35.90 -17.54
CA VAL C 267 -23.06 35.57 -16.25
C VAL C 267 -23.49 36.59 -15.21
N THR C 268 -24.19 36.11 -14.18
CA THR C 268 -24.54 36.99 -13.07
C THR C 268 -24.76 36.15 -11.83
N GLY C 269 -24.54 36.74 -10.65
CA GLY C 269 -24.64 36.00 -9.40
C GLY C 269 -23.45 35.06 -9.21
N GLU C 270 -22.40 35.33 -9.97
CA GLU C 270 -21.24 34.44 -10.03
C GLU C 270 -20.02 34.96 -9.22
N ASN C 271 -19.18 34.03 -8.76
CA ASN C 271 -17.97 34.35 -8.01
C ASN C 271 -16.74 33.74 -8.71
N ILE C 272 -15.98 34.56 -9.44
CA ILE C 272 -14.89 34.02 -10.18
C ILE C 272 -13.62 34.12 -9.36
N HIS C 273 -12.93 32.99 -9.20
CA HIS C 273 -11.73 32.93 -8.37
C HIS C 273 -10.48 33.21 -9.16
N VAL C 274 -9.80 34.30 -8.87
CA VAL C 274 -8.57 34.61 -9.60
C VAL C 274 -7.41 34.39 -8.64
N ASP C 275 -7.06 33.13 -8.46
CA ASP C 275 -6.28 32.78 -7.29
C ASP C 275 -5.38 31.59 -7.55
N SER C 276 -5.02 31.37 -8.81
CA SER C 276 -4.08 30.33 -9.12
C SER C 276 -4.64 28.93 -8.89
N GLY C 277 -5.97 28.84 -8.80
CA GLY C 277 -6.64 27.55 -8.58
C GLY C 277 -6.80 27.13 -7.14
N PHE C 278 -6.32 27.91 -6.17
CA PHE C 278 -6.32 27.53 -4.74
C PHE C 278 -7.71 27.16 -4.18
N HIS C 279 -8.77 27.75 -4.70
CA HIS C 279 -10.07 27.51 -4.07
C HIS C 279 -10.42 26.06 -4.37
N ALA C 280 -9.81 25.48 -5.40
CA ALA C 280 -10.27 24.20 -5.92
C ALA C 280 -9.61 23.02 -5.22
N ILE C 281 -8.64 23.25 -4.34
CA ILE C 281 -7.82 22.19 -3.80
C ILE C 281 -7.97 22.20 -2.27
N LYS C 282 -7.74 21.08 -1.64
CA LYS C 282 -7.59 21.02 -0.19
C LYS C 282 -6.37 20.14 0.12
N VAL D 28 -28.32 8.26 22.18
CA VAL D 28 -28.63 9.67 22.63
C VAL D 28 -29.48 9.77 23.93
N ASN D 29 -29.05 9.18 25.05
CA ASN D 29 -29.61 9.60 26.34
C ASN D 29 -29.00 10.89 26.93
N LEU D 30 -29.83 11.87 27.30
CA LEU D 30 -29.33 13.19 27.70
C LEU D 30 -29.46 13.53 29.19
N GLU D 31 -29.57 12.53 30.05
CA GLU D 31 -29.76 12.79 31.47
C GLU D 31 -28.49 13.40 32.00
N ASN D 32 -28.62 14.36 32.93
CA ASN D 32 -27.45 15.06 33.46
C ASN D 32 -26.67 15.83 32.40
N LYS D 33 -27.31 16.11 31.28
CA LYS D 33 -26.91 17.18 30.40
C LYS D 33 -27.75 18.42 30.67
N THR D 34 -27.15 19.59 30.51
CA THR D 34 -27.89 20.84 30.64
C THR D 34 -27.74 21.69 29.38
N TYR D 35 -28.86 22.12 28.80
CA TYR D 35 -28.81 22.92 27.59
C TYR D 35 -29.56 24.24 27.77
N VAL D 36 -29.05 25.31 27.16
CA VAL D 36 -29.70 26.61 27.13
C VAL D 36 -30.38 26.78 25.77
N ILE D 37 -31.69 27.01 25.78
CA ILE D 37 -32.43 27.18 24.55
C ILE D 37 -32.87 28.63 24.38
N MET D 38 -32.37 29.27 23.34
CA MET D 38 -32.65 30.70 23.15
C MET D 38 -33.65 30.88 22.01
N GLY D 39 -34.77 31.55 22.28
CA GLY D 39 -35.69 31.94 21.21
C GLY D 39 -37.04 31.24 21.09
N ILE D 40 -37.55 30.67 22.19
CA ILE D 40 -38.95 30.29 22.18
C ILE D 40 -39.83 31.54 22.33
N ALA D 41 -40.71 31.75 21.34
CA ALA D 41 -41.76 32.78 21.44
C ALA D 41 -43.12 32.18 21.80
N ASN D 42 -43.40 30.97 21.30
CA ASN D 42 -44.72 30.34 21.47
C ASN D 42 -44.69 28.86 21.12
N LYS D 43 -45.83 28.19 21.12
CA LYS D 43 -45.88 26.75 20.88
C LYS D 43 -45.33 26.36 19.49
N ARG D 44 -45.31 27.31 18.57
CA ARG D 44 -44.87 27.02 17.20
C ARG D 44 -43.38 27.26 16.92
N SER D 45 -42.68 27.95 17.81
CA SER D 45 -41.26 28.20 17.62
C SER D 45 -40.44 26.97 17.29
N ILE D 46 -39.49 27.11 16.38
CA ILE D 46 -38.60 26.00 16.10
C ILE D 46 -37.95 25.54 17.40
N ALA D 47 -37.60 26.50 18.26
CA ALA D 47 -36.88 26.17 19.48
C ALA D 47 -37.73 25.36 20.48
N PHE D 48 -39.06 25.41 20.36
CA PHE D 48 -39.89 24.60 21.24
C PHE D 48 -39.94 23.14 20.77
N GLY D 49 -39.86 22.92 19.46
CA GLY D 49 -39.56 21.60 18.90
C GLY D 49 -38.28 21.04 19.47
N VAL D 50 -37.21 21.85 19.40
CA VAL D 50 -35.95 21.47 19.98
C VAL D 50 -36.20 21.08 21.44
N ALA D 51 -36.91 21.93 22.18
CA ALA D 51 -37.08 21.73 23.63
C ALA D 51 -37.85 20.47 23.95
N LYS D 52 -38.92 20.17 23.23
CA LYS D 52 -39.64 18.93 23.49
C LYS D 52 -38.72 17.76 23.27
N VAL D 53 -37.87 17.77 22.25
CA VAL D 53 -37.06 16.58 22.02
C VAL D 53 -36.02 16.36 23.13
N LEU D 54 -35.30 17.41 23.51
CA LEU D 54 -34.29 17.29 24.56
C LEU D 54 -34.93 16.97 25.89
N ASP D 55 -36.18 17.41 26.06
CA ASP D 55 -36.84 17.14 27.32
C ASP D 55 -37.18 15.64 27.38
N GLN D 56 -37.84 15.13 26.35
CA GLN D 56 -38.13 13.69 26.21
C GLN D 56 -36.90 12.85 26.51
N LEU D 57 -35.74 13.34 26.08
CA LEU D 57 -34.51 12.60 26.29
C LEU D 57 -33.83 12.85 27.65
N GLY D 58 -34.45 13.64 28.53
CA GLY D 58 -33.97 13.79 29.91
C GLY D 58 -32.91 14.86 30.18
N ALA D 59 -32.66 15.75 29.24
CA ALA D 59 -31.89 16.95 29.51
C ALA D 59 -32.61 17.83 30.54
N LYS D 60 -31.82 18.59 31.29
CA LYS D 60 -32.29 19.78 31.99
C LYS D 60 -32.15 20.98 31.06
N LEU D 61 -33.22 21.75 30.92
CA LEU D 61 -33.19 22.90 30.03
C LEU D 61 -33.29 24.21 30.79
N VAL D 62 -32.59 25.22 30.27
CA VAL D 62 -32.68 26.61 30.71
C VAL D 62 -33.23 27.36 29.50
N PHE D 63 -34.11 28.35 29.71
CA PHE D 63 -34.65 29.07 28.57
C PHE D 63 -34.30 30.55 28.63
N THR D 64 -34.03 31.18 27.48
CA THR D 64 -33.93 32.62 27.45
C THR D 64 -34.95 33.23 26.50
N TYR D 65 -35.45 34.42 26.84
CA TYR D 65 -36.48 35.10 26.06
C TYR D 65 -36.18 36.59 25.92
N ARG D 66 -36.79 37.27 24.94
CA ARG D 66 -36.59 38.72 24.79
C ARG D 66 -37.54 39.57 25.64
N LYS D 67 -38.84 39.46 25.40
CA LYS D 67 -39.80 40.43 25.92
C LYS D 67 -40.69 39.74 26.95
N GLU D 68 -41.50 40.48 27.73
CA GLU D 68 -42.24 39.87 28.85
C GLU D 68 -43.38 38.92 28.47
N ARG D 69 -44.00 39.18 27.32
CA ARG D 69 -44.96 38.30 26.65
C ARG D 69 -44.39 36.90 26.42
N SER D 70 -43.13 36.83 25.99
CA SER D 70 -42.58 35.51 25.82
C SER D 70 -42.36 34.84 27.18
N ARG D 71 -42.34 35.60 28.28
CA ARG D 71 -42.13 35.00 29.61
C ARG D 71 -43.33 34.16 30.02
N LYS D 72 -44.40 34.86 30.38
CA LYS D 72 -45.74 34.31 30.61
C LYS D 72 -46.07 33.02 29.81
N GLU D 73 -46.35 33.17 28.53
CA GLU D 73 -46.09 32.17 27.48
C GLU D 73 -45.17 31.01 27.85
N LEU D 74 -43.88 31.29 27.99
CA LEU D 74 -42.93 30.24 28.32
C LEU D 74 -43.38 29.48 29.56
N GLU D 75 -43.79 30.22 30.58
CA GLU D 75 -44.22 29.59 31.82
C GLU D 75 -45.38 28.64 31.58
N LYS D 76 -46.31 29.00 30.68
CA LYS D 76 -47.40 28.10 30.23
C LYS D 76 -46.92 26.89 29.43
N LEU D 77 -45.98 27.13 28.51
CA LEU D 77 -45.50 26.07 27.65
C LEU D 77 -44.77 24.99 28.45
N LEU D 78 -44.07 25.42 29.50
CA LEU D 78 -43.26 24.52 30.30
C LEU D 78 -44.01 23.45 31.10
N GLU D 79 -45.34 23.51 31.12
CA GLU D 79 -46.10 22.48 31.82
C GLU D 79 -46.23 21.19 31.02
N GLN D 80 -45.98 21.29 29.72
CA GLN D 80 -45.95 20.16 28.80
C GLN D 80 -44.63 19.38 28.87
N LEU D 81 -43.63 19.97 29.52
CA LEU D 81 -42.30 19.39 29.60
C LEU D 81 -42.13 18.72 30.95
N ASN D 82 -41.07 17.96 31.13
CA ASN D 82 -40.80 17.27 32.38
C ASN D 82 -40.04 18.16 33.35
N GLN D 83 -39.50 19.28 32.87
CA GLN D 83 -38.63 20.12 33.70
C GLN D 83 -39.28 20.39 35.03
N PRO D 84 -38.64 19.97 36.14
CA PRO D 84 -39.20 20.26 37.46
C PRO D 84 -38.94 21.71 37.92
N GLU D 85 -37.78 22.28 37.58
CA GLU D 85 -37.59 23.71 37.80
C GLU D 85 -37.74 24.49 36.48
N ALA D 86 -38.42 25.63 36.56
CA ALA D 86 -38.47 26.57 35.44
C ALA D 86 -37.37 27.61 35.56
N HIS D 87 -36.35 27.48 34.70
CA HIS D 87 -35.25 28.44 34.66
C HIS D 87 -35.37 29.38 33.45
N LEU D 88 -35.80 30.62 33.69
CA LEU D 88 -36.03 31.57 32.60
C LEU D 88 -35.24 32.85 32.81
N TYR D 89 -34.60 33.30 31.74
CA TYR D 89 -33.73 34.45 31.81
C TYR D 89 -34.09 35.35 30.65
N GLN D 90 -34.33 36.62 31.00
CA GLN D 90 -34.50 37.63 29.98
C GLN D 90 -33.16 38.00 29.33
N ILE D 91 -32.99 37.73 28.04
CA ILE D 91 -31.78 38.17 27.36
C ILE D 91 -32.20 38.70 26.02
N ASP D 92 -32.09 40.02 25.85
CA ASP D 92 -32.11 40.64 24.53
C ASP D 92 -30.69 40.64 23.96
N VAL D 93 -30.49 39.99 22.81
CA VAL D 93 -29.13 39.83 22.27
C VAL D 93 -28.55 41.09 21.64
N GLN D 94 -29.30 42.17 21.70
CA GLN D 94 -28.81 43.43 21.19
C GLN D 94 -27.99 44.14 22.27
N SER D 95 -28.11 43.67 23.50
CA SER D 95 -27.39 44.24 24.63
C SER D 95 -26.27 43.29 25.08
N ASP D 96 -25.02 43.76 25.04
CA ASP D 96 -23.90 43.00 25.59
C ASP D 96 -24.17 42.64 27.06
N GLU D 97 -24.53 43.66 27.86
CA GLU D 97 -24.67 43.49 29.30
C GLU D 97 -25.66 42.36 29.59
N GLU D 98 -26.72 42.32 28.82
CA GLU D 98 -27.77 41.34 29.09
C GLU D 98 -27.34 39.90 28.79
N VAL D 99 -26.55 39.74 27.70
CA VAL D 99 -25.99 38.45 27.35
C VAL D 99 -24.94 38.06 28.40
N ILE D 100 -24.07 39.00 28.73
CA ILE D 100 -23.01 38.80 29.73
C ILE D 100 -23.61 38.42 31.08
N ASN D 101 -24.48 39.27 31.63
CA ASN D 101 -25.09 39.01 32.96
C ASN D 101 -26.01 37.79 32.92
N GLY D 102 -26.72 37.62 31.82
CA GLY D 102 -27.54 36.45 31.55
C GLY D 102 -26.81 35.12 31.72
N PHE D 103 -25.73 34.92 30.97
CA PHE D 103 -24.97 33.67 31.10
C PHE D 103 -24.25 33.55 32.47
N GLU D 104 -23.99 34.66 33.11
CA GLU D 104 -23.38 34.63 34.43
C GLU D 104 -24.34 34.14 35.52
N GLN D 105 -25.56 34.67 35.56
CA GLN D 105 -26.63 34.13 36.39
C GLN D 105 -26.89 32.64 36.17
N ILE D 106 -26.94 32.23 34.90
CA ILE D 106 -27.24 30.85 34.51
C ILE D 106 -26.16 29.93 35.10
N GLY D 107 -24.94 30.45 35.12
CA GLY D 107 -23.80 29.76 35.67
C GLY D 107 -23.94 29.63 37.17
N LYS D 108 -24.30 30.71 37.84
CA LYS D 108 -24.58 30.62 39.27
C LYS D 108 -25.79 29.73 39.59
N ASP D 109 -26.86 29.82 38.80
CA ASP D 109 -28.10 29.13 39.20
C ASP D 109 -28.11 27.64 38.88
N VAL D 110 -27.27 27.22 37.93
CA VAL D 110 -27.36 25.88 37.37
C VAL D 110 -25.99 25.20 37.25
N GLY D 111 -24.93 25.99 37.23
CA GLY D 111 -23.58 25.46 37.02
C GLY D 111 -23.27 25.36 35.55
N ASN D 112 -22.37 24.44 35.21
CA ASN D 112 -21.88 24.27 33.86
C ASN D 112 -22.91 23.63 32.95
N ILE D 113 -22.93 24.10 31.71
CA ILE D 113 -23.82 23.60 30.67
C ILE D 113 -23.07 22.77 29.62
N ASP D 114 -23.83 22.05 28.80
CA ASP D 114 -23.23 21.20 27.78
C ASP D 114 -23.47 21.74 26.37
N GLY D 115 -24.36 22.72 26.24
CA GLY D 115 -24.59 23.31 24.94
C GLY D 115 -25.57 24.45 24.97
N VAL D 116 -25.73 25.07 23.80
CA VAL D 116 -26.65 26.18 23.56
C VAL D 116 -27.33 25.99 22.21
N TYR D 117 -28.66 26.04 22.20
CA TYR D 117 -29.41 26.08 20.94
C TYR D 117 -29.77 27.53 20.64
N HIS D 118 -29.25 28.07 19.54
CA HIS D 118 -29.54 29.45 19.18
C HIS D 118 -30.60 29.46 18.10
N SER D 119 -31.73 30.06 18.44
CA SER D 119 -32.87 30.08 17.52
C SER D 119 -33.38 31.50 17.38
N ILE D 120 -32.48 32.45 17.14
CA ILE D 120 -32.85 33.87 17.21
C ILE D 120 -32.58 34.60 15.86
N ALA D 121 -33.57 35.35 15.39
CA ALA D 121 -33.35 36.22 14.23
C ALA D 121 -34.40 37.31 14.17
N PHE D 122 -34.07 38.36 13.44
CA PHE D 122 -35.01 39.45 13.29
C PHE D 122 -34.65 40.32 12.09
N ALA D 123 -35.68 40.75 11.38
CA ALA D 123 -35.58 41.83 10.40
C ALA D 123 -36.85 42.66 10.46
N ASN D 124 -36.80 43.92 10.01
CA ASN D 124 -38.03 44.70 9.82
C ASN D 124 -38.84 44.14 8.65
N MET D 125 -40.16 44.08 8.83
CA MET D 125 -41.00 43.41 7.83
C MET D 125 -40.83 43.94 6.39
N GLU D 126 -40.69 45.26 6.21
CA GLU D 126 -40.50 45.86 4.88
C GLU D 126 -39.27 45.39 4.10
N ASP D 127 -38.29 44.91 4.84
CA ASP D 127 -37.10 44.37 4.25
C ASP D 127 -37.25 42.87 3.93
N LEU D 128 -38.45 42.31 4.03
CA LEU D 128 -38.62 40.86 3.74
C LEU D 128 -39.62 40.61 2.64
N ARG D 129 -39.69 41.62 1.76
CA ARG D 129 -40.55 41.62 0.57
C ARG D 129 -40.00 42.67 -0.38
N GLY D 130 -40.52 42.69 -1.61
CA GLY D 130 -40.12 43.69 -2.60
C GLY D 130 -38.66 43.59 -2.98
N ARG D 131 -38.00 44.74 -3.15
CA ARG D 131 -36.69 44.82 -3.81
C ARG D 131 -35.57 44.87 -2.76
N PHE D 132 -34.64 43.92 -2.83
CA PHE D 132 -33.47 43.91 -1.96
C PHE D 132 -32.62 45.18 -2.07
N SER D 133 -32.54 45.75 -3.27
CA SER D 133 -31.69 46.91 -3.51
C SER D 133 -32.16 48.16 -2.76
N GLU D 134 -33.35 48.08 -2.18
CA GLU D 134 -33.92 49.24 -1.47
C GLU D 134 -33.76 49.10 0.05
N THR D 135 -33.14 48.02 0.51
CA THR D 135 -32.87 47.85 1.92
C THR D 135 -32.13 49.06 2.52
N SER D 136 -32.58 49.56 3.67
CA SER D 136 -31.88 50.63 4.38
C SER D 136 -30.66 50.10 5.13
N ARG D 137 -29.67 50.94 5.36
CA ARG D 137 -28.49 50.58 6.14
C ARG D 137 -28.90 50.13 7.52
N GLU D 138 -29.87 50.86 8.06
CA GLU D 138 -30.35 50.62 9.40
CA GLU D 138 -30.27 50.57 9.42
C GLU D 138 -30.93 49.19 9.51
N GLY D 139 -31.78 48.84 8.56
CA GLY D 139 -32.44 47.54 8.61
C GLY D 139 -31.49 46.40 8.26
N PHE D 140 -30.53 46.68 7.37
CA PHE D 140 -29.48 45.71 7.08
C PHE D 140 -28.58 45.46 8.30
N LEU D 141 -28.18 46.52 9.00
CA LEU D 141 -27.33 46.31 10.16
C LEU D 141 -28.11 45.65 11.32
N LEU D 142 -29.40 45.92 11.42
CA LEU D 142 -30.20 45.31 12.51
C LEU D 142 -30.32 43.77 12.37
N ALA D 143 -30.46 43.29 11.14
CA ALA D 143 -30.67 41.88 10.92
C ALA D 143 -29.33 41.15 11.17
N GLN D 144 -28.22 41.80 10.83
CA GLN D 144 -26.87 41.27 11.09
C GLN D 144 -26.65 41.16 12.58
N ASP D 145 -26.99 42.25 13.27
CA ASP D 145 -26.84 42.38 14.71
C ASP D 145 -27.54 41.22 15.43
N ILE D 146 -28.84 41.09 15.21
CA ILE D 146 -29.65 40.15 15.97
C ILE D 146 -29.46 38.72 15.49
N SER D 147 -29.18 38.54 14.20
CA SER D 147 -29.29 37.22 13.57
C SER D 147 -27.93 36.56 13.35
N SER D 148 -26.87 37.37 13.33
CA SER D 148 -25.54 36.85 13.12
C SER D 148 -24.62 37.17 14.28
N TYR D 149 -24.44 38.43 14.60
CA TYR D 149 -23.48 38.76 15.66
C TYR D 149 -23.89 38.14 17.00
N SER D 150 -25.19 38.07 17.28
CA SER D 150 -25.63 37.47 18.54
C SER D 150 -25.02 36.11 18.78
N LEU D 151 -24.74 35.32 17.74
CA LEU D 151 -24.16 33.99 17.96
C LEU D 151 -22.76 34.11 18.51
N THR D 152 -22.00 35.11 18.04
CA THR D 152 -20.62 35.31 18.48
C THR D 152 -20.55 35.66 19.97
N ILE D 153 -21.27 36.69 20.41
CA ILE D 153 -21.27 37.06 21.82
C ILE D 153 -21.88 35.93 22.69
N VAL D 154 -22.93 35.27 22.21
CA VAL D 154 -23.51 34.18 22.98
C VAL D 154 -22.46 33.07 23.18
N ALA D 155 -21.76 32.75 22.11
CA ALA D 155 -20.70 31.74 22.14
C ALA D 155 -19.58 32.11 23.11
N HIS D 156 -19.16 33.37 23.13
CA HIS D 156 -18.07 33.81 24.00
C HIS D 156 -18.47 33.66 25.46
N GLU D 157 -19.74 33.94 25.77
CA GLU D 157 -20.16 34.00 27.17
C GLU D 157 -20.49 32.60 27.66
N ALA D 158 -20.99 31.78 26.75
CA ALA D 158 -21.30 30.37 26.98
C ALA D 158 -20.06 29.48 27.19
N LYS D 159 -18.97 29.76 26.49
CA LYS D 159 -17.73 29.02 26.63
C LYS D 159 -17.28 29.06 28.09
N LYS D 160 -17.57 30.14 28.80
CA LYS D 160 -17.25 30.22 30.23
C LYS D 160 -17.90 29.13 31.05
N LEU D 161 -18.97 28.54 30.53
CA LEU D 161 -19.80 27.57 31.26
C LEU D 161 -19.55 26.16 30.72
N MET D 162 -18.63 26.07 29.77
CA MET D 162 -18.34 24.80 29.13
C MET D 162 -16.85 24.49 29.24
N PRO D 163 -16.32 24.46 30.47
CA PRO D 163 -14.87 24.25 30.60
C PRO D 163 -14.38 22.90 30.05
N GLU D 164 -15.26 21.90 29.98
CA GLU D 164 -14.88 20.57 29.50
C GLU D 164 -15.21 20.36 28.03
N GLY D 165 -15.63 21.44 27.38
CA GLY D 165 -16.25 21.35 26.06
C GLY D 165 -17.77 21.36 26.08
N GLY D 166 -18.32 21.37 24.87
CA GLY D 166 -19.75 21.31 24.66
C GLY D 166 -20.09 21.62 23.22
N SER D 167 -21.32 22.06 23.00
CA SER D 167 -21.85 22.08 21.67
C SER D 167 -22.77 23.28 21.47
N ILE D 168 -22.59 23.98 20.35
CA ILE D 168 -23.44 25.14 20.02
C ILE D 168 -24.11 24.99 18.66
N VAL D 169 -25.44 25.05 18.63
CA VAL D 169 -26.18 24.92 17.37
C VAL D 169 -26.98 26.19 17.06
N ALA D 170 -26.87 26.69 15.82
CA ALA D 170 -27.73 27.78 15.34
C ALA D 170 -28.71 27.33 14.22
N THR D 171 -29.73 28.15 13.99
CA THR D 171 -30.73 27.82 12.99
C THR D 171 -30.61 28.72 11.78
N THR D 172 -30.40 28.12 10.62
CA THR D 172 -30.26 28.91 9.42
C THR D 172 -31.28 28.52 8.38
N TYR D 173 -31.20 29.14 7.21
CA TYR D 173 -32.13 28.83 6.15
C TYR D 173 -31.37 28.84 4.82
N LEU D 174 -31.86 28.08 3.86
CA LEU D 174 -31.23 27.94 2.55
C LEU D 174 -31.05 29.30 1.85
N GLY D 175 -31.82 30.29 2.26
CA GLY D 175 -31.71 31.62 1.68
C GLY D 175 -30.39 32.32 2.03
N GLY D 176 -29.58 31.75 2.89
CA GLY D 176 -28.23 32.26 3.12
C GLY D 176 -27.21 31.62 2.19
N GLU D 177 -27.61 30.58 1.45
CA GLU D 177 -26.72 30.01 0.41
C GLU D 177 -27.16 30.37 -1.00
N PHE D 178 -28.43 30.69 -1.22
CA PHE D 178 -28.90 31.00 -2.56
C PHE D 178 -29.77 32.22 -2.41
N ALA D 179 -29.90 33.00 -3.46
CA ALA D 179 -30.83 34.12 -3.45
C ALA D 179 -32.23 33.56 -3.66
N VAL D 180 -33.08 33.76 -2.66
CA VAL D 180 -34.47 33.32 -2.65
C VAL D 180 -35.33 34.60 -2.71
N GLN D 181 -36.43 34.56 -3.45
CA GLN D 181 -37.26 35.73 -3.67
C GLN D 181 -37.79 36.17 -2.29
N ASN D 182 -37.81 37.47 -1.98
CA ASN D 182 -38.35 38.03 -0.71
C ASN D 182 -37.55 37.91 0.60
N TYR D 183 -36.71 36.90 0.73
CA TYR D 183 -36.07 36.70 2.01
C TYR D 183 -34.96 37.73 2.24
N ASN D 184 -34.47 38.30 1.14
CA ASN D 184 -33.75 39.57 1.12
C ASN D 184 -32.69 39.83 2.21
N VAL D 185 -32.95 40.78 3.10
CA VAL D 185 -31.97 41.12 4.14
C VAL D 185 -31.64 39.89 5.02
N MET D 186 -32.61 39.00 5.22
CA MET D 186 -32.38 37.93 6.17
C MET D 186 -31.47 36.88 5.53
N GLY D 187 -31.42 36.86 4.20
CA GLY D 187 -30.59 35.91 3.50
C GLY D 187 -29.13 36.34 3.57
N VAL D 188 -28.89 37.65 3.55
CA VAL D 188 -27.56 38.15 3.83
C VAL D 188 -27.21 37.93 5.33
N ALA D 189 -28.11 38.22 6.29
CA ALA D 189 -27.83 37.89 7.69
C ALA D 189 -27.53 36.39 7.91
N LYS D 190 -28.29 35.50 7.31
CA LYS D 190 -27.99 34.07 7.30
C LYS D 190 -26.68 33.70 6.59
N ALA D 191 -26.32 34.32 5.48
CA ALA D 191 -25.01 34.00 4.92
C ALA D 191 -23.96 34.35 5.96
N SER D 192 -24.20 35.47 6.63
CA SER D 192 -23.27 35.92 7.65
C SER D 192 -23.22 34.94 8.83
N LEU D 193 -24.39 34.44 9.27
CA LEU D 193 -24.51 33.43 10.34
C LEU D 193 -23.73 32.15 10.01
N GLU D 194 -23.84 31.69 8.76
CA GLU D 194 -23.27 30.41 8.36
C GLU D 194 -21.74 30.51 8.37
N ALA D 195 -21.21 31.66 7.98
CA ALA D 195 -19.78 31.92 8.12
C ALA D 195 -19.38 32.09 9.59
N ASN D 196 -20.20 32.80 10.37
CA ASN D 196 -19.99 32.92 11.82
C ASN D 196 -19.76 31.54 12.47
N VAL D 197 -20.54 30.54 12.02
CA VAL D 197 -20.41 29.17 12.47
C VAL D 197 -19.08 28.53 12.09
N LYS D 198 -18.65 28.66 10.84
CA LYS D 198 -17.31 28.21 10.51
C LYS D 198 -16.24 28.90 11.37
N TYR D 199 -16.31 30.23 11.53
CA TYR D 199 -15.21 30.91 12.23
C TYR D 199 -15.22 30.59 13.72
N LEU D 200 -16.39 30.41 14.32
CA LEU D 200 -16.46 29.96 15.71
C LEU D 200 -16.00 28.50 15.89
N ALA D 201 -16.27 27.67 14.89
CA ALA D 201 -15.79 26.29 14.89
C ALA D 201 -14.27 26.24 14.99
N LEU D 202 -13.61 27.03 14.13
CA LEU D 202 -12.16 27.10 14.03
C LEU D 202 -11.60 27.62 15.36
N ASP D 203 -12.14 28.74 15.86
CA ASP D 203 -11.73 29.36 17.12
C ASP D 203 -11.91 28.45 18.33
N LEU D 204 -13.09 27.85 18.47
CA LEU D 204 -13.46 27.14 19.72
C LEU D 204 -13.14 25.65 19.72
N GLY D 205 -12.77 25.11 18.56
CA GLY D 205 -12.41 23.70 18.40
C GLY D 205 -11.40 23.23 19.44
N PRO D 206 -10.30 23.98 19.62
CA PRO D 206 -9.31 23.52 20.57
C PRO D 206 -9.80 23.51 22.02
N ASP D 207 -10.90 24.20 22.30
CA ASP D 207 -11.50 24.11 23.63
C ASP D 207 -12.56 23.02 23.69
N ASN D 208 -12.69 22.28 22.60
CA ASN D 208 -13.62 21.17 22.52
C ASN D 208 -15.07 21.60 22.52
N ILE D 209 -15.33 22.71 21.85
CA ILE D 209 -16.66 23.22 21.69
C ILE D 209 -16.96 23.15 20.21
N ARG D 210 -17.99 22.40 19.86
CA ARG D 210 -18.31 22.27 18.44
C ARG D 210 -19.38 23.30 18.11
N VAL D 211 -19.28 23.88 16.92
CA VAL D 211 -20.29 24.81 16.48
C VAL D 211 -20.82 24.39 15.15
N ASN D 212 -22.15 24.21 15.12
CA ASN D 212 -22.84 23.78 13.92
C ASN D 212 -24.12 24.56 13.63
N ALA D 213 -24.66 24.38 12.43
CA ALA D 213 -25.93 24.97 12.04
C ALA D 213 -26.90 23.89 11.54
N ILE D 214 -28.16 24.07 11.87
CA ILE D 214 -29.26 23.35 11.24
C ILE D 214 -29.94 24.28 10.25
N SER D 215 -30.03 23.85 8.99
CA SER D 215 -30.71 24.66 7.98
C SER D 215 -32.12 24.09 7.80
N ALA D 216 -33.12 24.75 8.37
CA ALA D 216 -34.47 24.17 8.43
C ALA D 216 -35.24 24.50 7.18
N GLY D 217 -36.06 23.56 6.73
CA GLY D 217 -37.04 23.84 5.71
C GLY D 217 -38.07 24.84 6.21
N PRO D 218 -38.96 25.31 5.32
CA PRO D 218 -39.97 26.24 5.82
C PRO D 218 -40.97 25.62 6.82
N ILE D 219 -41.25 26.34 7.90
CA ILE D 219 -42.14 25.92 8.96
C ILE D 219 -43.02 27.11 9.35
N ARG D 220 -44.31 26.86 9.59
CA ARG D 220 -45.23 27.92 10.03
C ARG D 220 -44.93 28.38 11.47
N THR D 221 -44.32 29.55 11.60
CA THR D 221 -44.09 30.18 12.92
C THR D 221 -44.50 31.66 12.92
N LEU D 222 -44.45 32.31 14.09
CA LEU D 222 -44.62 33.76 14.20
C LEU D 222 -43.74 34.58 13.23
N SER D 223 -42.45 34.30 13.20
CA SER D 223 -41.55 35.02 12.32
C SER D 223 -41.80 34.67 10.85
N ALA D 224 -42.24 33.45 10.58
CA ALA D 224 -42.55 33.08 9.19
C ALA D 224 -43.66 33.94 8.59
N LYS D 225 -44.56 34.46 9.41
CA LYS D 225 -45.67 35.32 8.97
C LYS D 225 -45.10 36.57 8.35
N GLY D 226 -43.92 36.97 8.84
CA GLY D 226 -43.24 38.16 8.35
C GLY D 226 -42.49 38.02 7.04
N VAL D 227 -42.26 36.77 6.58
CA VAL D 227 -41.55 36.56 5.32
C VAL D 227 -42.53 36.69 4.16
N GLY D 228 -42.26 37.60 3.23
CA GLY D 228 -43.07 37.66 2.00
C GLY D 228 -43.19 36.31 1.30
N GLY D 229 -44.40 35.96 0.86
CA GLY D 229 -44.59 34.80 -0.04
C GLY D 229 -44.36 33.45 0.62
N PHE D 230 -44.41 33.41 1.94
CA PHE D 230 -44.15 32.19 2.71
C PHE D 230 -45.00 30.96 2.29
N ASN D 231 -46.29 31.14 2.03
CA ASN D 231 -47.14 29.99 1.69
C ASN D 231 -46.68 29.34 0.39
N THR D 232 -46.07 30.15 -0.47
CA THR D 232 -45.58 29.69 -1.75
C THR D 232 -44.29 28.89 -1.56
N ILE D 233 -43.52 29.22 -0.52
CA ILE D 233 -42.36 28.42 -0.15
C ILE D 233 -42.79 27.02 0.31
N LEU D 234 -43.81 26.95 1.17
CA LEU D 234 -44.35 25.69 1.68
C LEU D 234 -44.78 24.78 0.53
N LYS D 235 -45.62 25.29 -0.36
CA LYS D 235 -46.10 24.45 -1.44
C LYS D 235 -44.98 24.01 -2.39
N GLU D 236 -43.92 24.80 -2.52
CA GLU D 236 -42.85 24.40 -3.43
C GLU D 236 -42.12 23.19 -2.86
N ILE D 237 -41.83 23.18 -1.57
CA ILE D 237 -41.29 22.00 -0.93
C ILE D 237 -42.14 20.76 -1.21
N GLU D 238 -43.46 20.80 -0.99
CA GLU D 238 -44.32 19.63 -1.21
C GLU D 238 -44.16 19.10 -2.61
N GLU D 239 -44.06 19.97 -3.60
CA GLU D 239 -44.08 19.49 -4.98
C GLU D 239 -42.71 19.02 -5.45
N ARG D 240 -41.65 19.63 -4.91
CA ARG D 240 -40.35 19.52 -5.56
C ARG D 240 -39.30 18.81 -4.71
N ALA D 241 -39.41 18.84 -3.39
CA ALA D 241 -38.35 18.31 -2.56
C ALA D 241 -38.40 16.77 -2.64
N PRO D 242 -37.23 16.09 -2.59
CA PRO D 242 -37.21 14.63 -2.59
C PRO D 242 -38.30 13.96 -1.71
N LEU D 243 -38.52 14.43 -0.49
CA LEU D 243 -39.48 13.70 0.37
C LEU D 243 -40.91 14.15 0.11
N LYS D 244 -41.11 15.23 -0.65
CA LYS D 244 -42.42 15.59 -1.16
C LYS D 244 -43.32 15.92 0.02
N ARG D 245 -42.76 16.50 1.08
CA ARG D 245 -43.54 16.86 2.26
C ARG D 245 -42.72 17.91 3.00
N ASN D 246 -43.38 18.75 3.78
CA ASN D 246 -42.67 19.68 4.64
C ASN D 246 -42.13 19.05 5.90
N VAL D 247 -41.19 19.72 6.56
CA VAL D 247 -40.64 19.25 7.82
C VAL D 247 -41.42 19.94 8.93
N ASP D 248 -41.21 19.53 10.18
CA ASP D 248 -41.66 20.36 11.29
C ASP D 248 -40.62 20.54 12.41
N GLN D 249 -41.06 21.25 13.45
CA GLN D 249 -40.19 21.68 14.53
C GLN D 249 -39.51 20.51 15.25
N VAL D 250 -40.23 19.40 15.37
CA VAL D 250 -39.73 18.21 16.05
C VAL D 250 -38.64 17.54 15.20
N GLU D 251 -38.78 17.57 13.88
CA GLU D 251 -37.69 17.06 13.06
C GLU D 251 -36.44 17.90 13.24
N VAL D 252 -36.60 19.21 13.36
CA VAL D 252 -35.44 20.06 13.63
C VAL D 252 -34.81 19.67 14.94
N GLY D 253 -35.64 19.55 15.98
CA GLY D 253 -35.25 19.10 17.31
C GLY D 253 -34.52 17.78 17.37
N LYS D 254 -34.95 16.78 16.60
CA LYS D 254 -34.21 15.51 16.63
C LYS D 254 -32.80 15.66 16.06
N THR D 255 -32.63 16.47 15.02
CA THR D 255 -31.31 16.79 14.51
C THR D 255 -30.55 17.70 15.51
N ALA D 256 -31.23 18.60 16.21
CA ALA D 256 -30.60 19.35 17.28
C ALA D 256 -30.07 18.41 18.36
N ALA D 257 -30.88 17.44 18.76
CA ALA D 257 -30.43 16.36 19.65
C ALA D 257 -29.14 15.70 19.18
N TYR D 258 -29.04 15.38 17.88
CA TYR D 258 -27.80 14.76 17.39
C TYR D 258 -26.60 15.73 17.51
N LEU D 259 -26.81 16.99 17.11
CA LEU D 259 -25.73 17.96 17.15
C LEU D 259 -25.31 18.31 18.59
N LEU D 260 -26.23 18.29 19.53
CA LEU D 260 -25.91 18.64 20.90
C LEU D 260 -25.30 17.47 21.68
N SER D 261 -25.40 16.26 21.16
CA SER D 261 -24.90 15.12 21.91
C SER D 261 -23.61 14.58 21.33
N ASP D 262 -23.12 13.52 21.98
CA ASP D 262 -21.86 12.89 21.65
C ASP D 262 -22.03 12.08 20.38
N LEU D 263 -23.26 11.79 19.99
CA LEU D 263 -23.46 11.20 18.68
C LEU D 263 -22.70 11.95 17.58
N SER D 264 -22.56 13.27 17.69
CA SER D 264 -21.95 14.05 16.61
C SER D 264 -20.53 14.51 16.94
N SER D 265 -19.81 13.71 17.71
N SER D 265 -19.87 13.74 17.79
CA SER D 265 -18.60 14.23 18.37
CA SER D 265 -18.45 13.95 18.01
C SER D 265 -17.49 14.68 17.41
C SER D 265 -17.78 13.75 16.67
N GLY D 266 -17.52 14.20 16.17
N GLY D 266 -16.81 14.60 16.38
CA GLY D 266 -16.45 14.50 15.23
CA GLY D 266 -16.22 14.63 15.06
C GLY D 266 -16.87 15.52 14.19
C GLY D 266 -16.75 15.76 14.20
N VAL D 267 -18.00 16.17 14.43
CA VAL D 267 -18.68 17.04 13.48
C VAL D 267 -18.70 18.48 13.96
N THR D 268 -18.07 19.38 13.22
CA THR D 268 -18.11 20.81 13.58
C THR D 268 -17.94 21.66 12.31
N GLY D 269 -18.45 22.89 12.33
CA GLY D 269 -18.42 23.76 11.17
C GLY D 269 -19.42 23.31 10.10
N GLU D 270 -20.35 22.44 10.52
CA GLU D 270 -21.26 21.79 9.59
C GLU D 270 -22.63 22.50 9.55
N ASN D 271 -23.27 22.42 8.39
CA ASN D 271 -24.61 22.95 8.20
C ASN D 271 -25.50 21.78 7.77
N ILE D 272 -26.40 21.33 8.64
CA ILE D 272 -27.22 20.17 8.26
C ILE D 272 -28.59 20.61 7.82
N HIS D 273 -28.95 20.27 6.58
CA HIS D 273 -30.24 20.62 6.01
C HIS D 273 -31.31 19.66 6.47
N VAL D 274 -32.23 20.17 7.25
CA VAL D 274 -33.41 19.41 7.60
C VAL D 274 -34.61 20.01 6.89
N ASP D 275 -34.79 19.60 5.64
CA ASP D 275 -35.56 20.36 4.65
C ASP D 275 -36.10 19.46 3.53
N SER D 276 -36.31 18.19 3.85
CA SER D 276 -36.80 17.21 2.89
C SER D 276 -35.93 16.97 1.64
N GLY D 277 -34.67 17.40 1.66
CA GLY D 277 -33.75 17.24 0.51
C GLY D 277 -33.76 18.40 -0.46
N PHE D 278 -34.51 19.45 -0.15
CA PHE D 278 -34.67 20.55 -1.09
C PHE D 278 -33.35 21.18 -1.53
N HIS D 279 -32.39 21.25 -0.61
CA HIS D 279 -31.11 21.89 -0.88
C HIS D 279 -30.34 21.15 -1.97
N ALA D 280 -30.63 19.87 -2.23
CA ALA D 280 -29.78 19.06 -3.11
C ALA D 280 -30.40 19.00 -4.50
N ILE D 281 -31.55 19.62 -4.67
CA ILE D 281 -32.16 19.60 -5.99
C ILE D 281 -32.16 20.99 -6.60
N LYS D 282 -32.27 21.05 -7.91
CA LYS D 282 -32.55 22.33 -8.55
C LYS D 282 -33.51 22.12 -9.74
N VAL E 28 30.34 -8.85 -22.11
CA VAL E 28 28.87 -9.16 -22.30
C VAL E 28 28.20 -8.28 -23.40
N ASN E 29 28.45 -8.55 -24.69
CA ASN E 29 27.79 -7.82 -25.79
C ASN E 29 26.51 -8.49 -26.32
N LEU E 30 25.35 -7.85 -26.19
CA LEU E 30 24.08 -8.54 -26.44
C LEU E 30 23.38 -8.24 -27.78
N GLU E 31 24.13 -7.64 -28.70
CA GLU E 31 23.69 -7.39 -30.06
C GLU E 31 23.23 -8.68 -30.73
N ASN E 32 22.13 -8.61 -31.45
CA ASN E 32 21.53 -9.80 -32.07
C ASN E 32 20.91 -10.84 -31.15
N LYS E 33 20.81 -10.49 -29.87
CA LYS E 33 19.91 -11.18 -28.94
C LYS E 33 18.56 -10.50 -28.84
N THR E 34 17.54 -11.32 -28.62
CA THR E 34 16.22 -10.81 -28.29
C THR E 34 15.81 -11.42 -26.96
N TYR E 35 15.33 -10.58 -26.04
CA TYR E 35 14.84 -11.02 -24.73
C TYR E 35 13.43 -10.51 -24.51
N VAL E 36 12.60 -11.33 -23.88
CA VAL E 36 11.28 -10.92 -23.40
C VAL E 36 11.27 -10.59 -21.92
N ILE E 37 10.82 -9.38 -21.61
CA ILE E 37 10.80 -8.84 -20.26
C ILE E 37 9.37 -8.63 -19.81
N MET E 38 8.99 -9.30 -18.71
CA MET E 38 7.61 -9.43 -18.28
C MET E 38 7.46 -8.72 -16.96
N GLY E 39 6.60 -7.73 -16.87
CA GLY E 39 6.28 -7.12 -15.58
C GLY E 39 6.91 -5.77 -15.29
N ILE E 40 7.12 -4.95 -16.30
CA ILE E 40 7.24 -3.51 -16.06
C ILE E 40 5.86 -2.88 -15.86
N ALA E 41 5.69 -2.15 -14.77
CA ALA E 41 4.49 -1.33 -14.54
C ALA E 41 4.81 0.16 -14.57
N ASN E 42 6.02 0.53 -14.14
CA ASN E 42 6.49 1.92 -14.19
C ASN E 42 8.01 2.04 -14.10
N LYS E 43 8.48 3.25 -13.86
CA LYS E 43 9.92 3.54 -13.96
C LYS E 43 10.70 2.95 -12.77
N ARG E 44 9.97 2.53 -11.74
CA ARG E 44 10.58 1.94 -10.55
CA ARG E 44 10.63 1.95 -10.58
C ARG E 44 10.64 0.41 -10.62
N SER E 45 9.87 -0.19 -11.52
CA SER E 45 9.90 -1.64 -11.62
C SER E 45 11.29 -2.22 -11.76
N ILE E 46 11.49 -3.40 -11.17
CA ILE E 46 12.78 -4.07 -11.22
C ILE E 46 13.07 -4.41 -12.67
N ALA E 47 12.03 -4.81 -13.42
CA ALA E 47 12.25 -5.14 -14.83
C ALA E 47 12.65 -3.97 -15.71
N PHE E 48 12.33 -2.75 -15.29
CA PHE E 48 12.78 -1.62 -16.06
C PHE E 48 14.27 -1.33 -15.83
N GLY E 49 14.80 -1.69 -14.68
CA GLY E 49 16.26 -1.74 -14.50
C GLY E 49 16.90 -2.83 -15.35
N VAL E 50 16.27 -4.00 -15.41
CA VAL E 50 16.71 -5.01 -16.34
C VAL E 50 16.67 -4.45 -17.77
N ALA E 51 15.54 -3.86 -18.16
CA ALA E 51 15.43 -3.30 -19.51
C ALA E 51 16.55 -2.30 -19.83
N LYS E 52 16.78 -1.33 -18.96
CA LYS E 52 17.80 -0.35 -19.22
C LYS E 52 19.15 -1.01 -19.47
N VAL E 53 19.47 -2.07 -18.75
CA VAL E 53 20.79 -2.66 -18.86
C VAL E 53 20.89 -3.39 -20.19
N LEU E 54 19.90 -4.24 -20.47
CA LEU E 54 19.92 -5.07 -21.67
C LEU E 54 19.93 -4.20 -22.93
N ASP E 55 19.29 -3.05 -22.82
CA ASP E 55 19.13 -2.15 -23.93
C ASP E 55 20.46 -1.47 -24.16
N GLN E 56 21.10 -1.08 -23.06
CA GLN E 56 22.40 -0.47 -23.13
C GLN E 56 23.40 -1.42 -23.78
N LEU E 57 23.20 -2.73 -23.62
CA LEU E 57 24.13 -3.72 -24.15
C LEU E 57 23.83 -4.18 -25.59
N GLY E 58 22.74 -3.65 -26.18
CA GLY E 58 22.48 -3.83 -27.60
C GLY E 58 21.38 -4.83 -27.90
N ALA E 59 20.68 -5.31 -26.87
CA ALA E 59 19.64 -6.33 -27.04
C ALA E 59 18.39 -5.76 -27.71
N LYS E 60 17.67 -6.62 -28.43
CA LYS E 60 16.28 -6.31 -28.80
C LYS E 60 15.38 -6.75 -27.67
N LEU E 61 14.43 -5.89 -27.31
CA LEU E 61 13.54 -6.20 -26.21
C LEU E 61 12.06 -6.28 -26.61
N VAL E 62 11.33 -7.22 -26.01
CA VAL E 62 9.91 -7.39 -26.24
C VAL E 62 9.38 -7.29 -24.83
N PHE E 63 8.29 -6.53 -24.64
CA PHE E 63 7.75 -6.26 -23.32
C PHE E 63 6.35 -6.83 -23.14
N THR E 64 6.08 -7.48 -22.01
CA THR E 64 4.71 -7.87 -21.72
C THR E 64 4.14 -7.17 -20.49
N TYR E 65 2.82 -7.01 -20.43
CA TYR E 65 2.20 -6.14 -19.44
C TYR E 65 0.82 -6.72 -19.16
N ARG E 66 0.24 -6.42 -18.01
CA ARG E 66 -1.13 -6.84 -17.73
C ARG E 66 -2.13 -5.66 -17.81
N LYS E 67 -1.90 -4.60 -17.07
CA LYS E 67 -2.81 -3.46 -17.07
C LYS E 67 -2.57 -2.45 -18.21
N GLU E 68 -3.64 -1.87 -18.72
CA GLU E 68 -3.59 -0.73 -19.63
CA GLU E 68 -3.49 -0.80 -19.70
C GLU E 68 -2.59 0.32 -19.17
N ARG E 69 -2.66 0.61 -17.87
CA ARG E 69 -1.79 1.63 -17.31
C ARG E 69 -0.34 1.24 -17.57
N SER E 70 -0.04 -0.05 -17.44
CA SER E 70 1.35 -0.48 -17.63
C SER E 70 1.81 -0.31 -19.08
N ARG E 71 0.90 -0.55 -20.05
CA ARG E 71 1.27 -0.41 -21.45
C ARG E 71 1.56 1.06 -21.66
N LYS E 72 0.78 1.96 -21.05
CA LYS E 72 1.02 3.39 -21.21
C LYS E 72 2.36 3.85 -20.61
N GLU E 73 2.70 3.40 -19.41
CA GLU E 73 4.02 3.71 -18.87
C GLU E 73 5.12 3.17 -19.78
N LEU E 74 4.92 1.96 -20.30
CA LEU E 74 5.90 1.34 -21.20
C LEU E 74 6.08 2.19 -22.44
N GLU E 75 4.99 2.64 -23.04
CA GLU E 75 5.09 3.54 -24.19
C GLU E 75 5.98 4.75 -23.88
N LYS E 76 5.82 5.33 -22.70
CA LYS E 76 6.60 6.51 -22.26
C LYS E 76 8.06 6.17 -21.86
N LEU E 77 8.29 5.00 -21.27
CA LEU E 77 9.62 4.60 -20.86
C LEU E 77 10.49 4.15 -22.01
N LEU E 78 9.89 3.53 -23.03
CA LEU E 78 10.59 3.26 -24.30
C LEU E 78 11.35 4.43 -24.92
N GLU E 79 10.87 5.66 -24.71
CA GLU E 79 11.65 6.81 -25.20
C GLU E 79 13.03 7.01 -24.57
N GLN E 80 13.26 6.52 -23.35
CA GLN E 80 14.60 6.44 -22.76
C GLN E 80 15.51 5.34 -23.34
N LEU E 81 14.94 4.36 -24.03
CA LEU E 81 15.69 3.21 -24.52
C LEU E 81 16.07 3.42 -25.97
N ASN E 82 16.90 2.54 -26.52
CA ASN E 82 17.34 2.73 -27.87
C ASN E 82 16.58 1.80 -28.78
N GLN E 83 15.52 1.19 -28.26
CA GLN E 83 14.77 0.24 -29.06
C GLN E 83 14.21 0.90 -30.31
N PRO E 84 14.58 0.40 -31.50
CA PRO E 84 14.08 1.09 -32.68
C PRO E 84 12.55 0.91 -32.82
N GLU E 85 11.98 -0.13 -32.21
CA GLU E 85 10.53 -0.30 -32.19
C GLU E 85 10.01 -0.80 -30.85
N ALA E 86 8.72 -0.53 -30.64
CA ALA E 86 7.94 -0.99 -29.48
C ALA E 86 7.33 -2.37 -29.77
N HIS E 87 7.77 -3.40 -29.08
CA HIS E 87 7.11 -4.68 -29.19
C HIS E 87 6.37 -4.92 -27.86
N LEU E 88 5.08 -4.58 -27.80
CA LEU E 88 4.34 -4.67 -26.54
C LEU E 88 3.21 -5.70 -26.58
N TYR E 89 3.12 -6.60 -25.60
CA TYR E 89 2.09 -7.64 -25.58
C TYR E 89 1.37 -7.73 -24.24
N GLN E 90 0.04 -7.68 -24.27
CA GLN E 90 -0.74 -7.84 -23.05
C GLN E 90 -0.76 -9.32 -22.70
N ILE E 91 -0.11 -9.70 -21.60
CA ILE E 91 -0.21 -11.06 -21.14
C ILE E 91 -0.46 -11.04 -19.64
N ASP E 92 -1.69 -11.43 -19.32
CA ASP E 92 -2.09 -11.79 -17.96
C ASP E 92 -1.80 -13.27 -17.68
N VAL E 93 -0.78 -13.53 -16.87
CA VAL E 93 -0.33 -14.89 -16.61
C VAL E 93 -1.35 -15.72 -15.83
N GLN E 94 -2.49 -15.16 -15.46
CA GLN E 94 -3.58 -15.98 -14.92
C GLN E 94 -4.32 -16.79 -15.98
N SER E 95 -4.11 -16.42 -17.23
CA SER E 95 -4.79 -17.09 -18.33
C SER E 95 -3.82 -17.88 -19.22
N ASP E 96 -4.00 -19.19 -19.33
CA ASP E 96 -3.18 -20.00 -20.25
C ASP E 96 -3.26 -19.47 -21.67
N GLU E 97 -4.48 -19.25 -22.15
CA GLU E 97 -4.68 -18.80 -23.53
CA GLU E 97 -4.75 -18.73 -23.50
C GLU E 97 -3.87 -17.53 -23.84
N GLU E 98 -3.76 -16.61 -22.88
CA GLU E 98 -3.00 -15.38 -23.10
C GLU E 98 -1.48 -15.58 -23.18
N VAL E 99 -0.98 -16.53 -22.40
CA VAL E 99 0.43 -16.82 -22.41
C VAL E 99 0.81 -17.57 -23.70
N ILE E 100 -0.02 -18.54 -24.06
CA ILE E 100 0.12 -19.29 -25.31
C ILE E 100 0.06 -18.39 -26.53
N ASN E 101 -1.00 -17.59 -26.64
CA ASN E 101 -1.16 -16.69 -27.78
C ASN E 101 -0.17 -15.52 -27.77
N GLY E 102 0.16 -15.01 -26.59
CA GLY E 102 1.21 -13.99 -26.46
C GLY E 102 2.56 -14.39 -27.05
N PHE E 103 3.12 -15.49 -26.54
CA PHE E 103 4.41 -15.98 -27.05
C PHE E 103 4.31 -16.38 -28.52
N GLU E 104 3.20 -16.97 -28.93
CA GLU E 104 3.05 -17.29 -30.33
C GLU E 104 3.12 -16.03 -31.20
N GLN E 105 2.36 -14.99 -30.85
CA GLN E 105 2.45 -13.69 -31.53
C GLN E 105 3.90 -13.17 -31.54
N ILE E 106 4.56 -13.26 -30.39
CA ILE E 106 5.94 -12.79 -30.28
C ILE E 106 6.83 -13.52 -31.27
N GLY E 107 6.66 -14.84 -31.34
CA GLY E 107 7.42 -15.63 -32.32
C GLY E 107 7.21 -15.23 -33.76
N LYS E 108 6.02 -14.78 -34.13
CA LYS E 108 5.75 -14.34 -35.49
C LYS E 108 6.26 -12.94 -35.76
N ASP E 109 6.20 -12.07 -34.75
CA ASP E 109 6.67 -10.69 -34.89
C ASP E 109 8.20 -10.56 -34.84
N VAL E 110 8.89 -11.29 -33.97
CA VAL E 110 10.35 -11.12 -33.84
C VAL E 110 11.19 -12.40 -34.09
N GLY E 111 10.56 -13.56 -34.12
CA GLY E 111 11.29 -14.78 -34.38
C GLY E 111 11.81 -15.39 -33.10
N ASN E 112 12.81 -16.24 -33.21
CA ASN E 112 13.33 -16.91 -32.03
C ASN E 112 13.96 -15.94 -31.04
N ILE E 113 13.83 -16.24 -29.75
CA ILE E 113 14.37 -15.38 -28.71
C ILE E 113 15.52 -16.05 -27.95
N ASP E 114 16.20 -15.26 -27.14
CA ASP E 114 17.35 -15.80 -26.41
C ASP E 114 17.07 -16.02 -24.91
N GLY E 115 16.09 -15.31 -24.34
CA GLY E 115 15.52 -15.71 -23.05
C GLY E 115 14.39 -14.82 -22.54
N VAL E 116 14.00 -14.99 -21.28
CA VAL E 116 12.88 -14.27 -20.70
C VAL E 116 13.30 -13.79 -19.33
N TYR E 117 13.03 -12.53 -19.02
CA TYR E 117 13.13 -12.07 -17.64
C TYR E 117 11.73 -12.03 -17.05
N HIS E 118 11.47 -12.82 -16.01
CA HIS E 118 10.17 -12.87 -15.35
C HIS E 118 10.21 -12.01 -14.08
N SER E 119 9.36 -10.97 -14.06
CA SER E 119 9.33 -10.07 -12.92
C SER E 119 7.90 -9.84 -12.45
N ILE E 120 7.21 -10.94 -12.10
CA ILE E 120 5.75 -10.94 -11.94
C ILE E 120 5.39 -11.61 -10.59
N ALA E 121 4.65 -10.91 -9.74
CA ALA E 121 4.18 -11.51 -8.49
C ALA E 121 2.90 -10.79 -8.11
N PHE E 122 2.06 -11.40 -7.29
CA PHE E 122 0.93 -10.68 -6.74
C PHE E 122 0.34 -11.36 -5.50
N ALA E 123 -0.13 -10.58 -4.53
CA ALA E 123 -0.92 -11.15 -3.43
C ALA E 123 -1.88 -10.04 -3.00
N ASN E 124 -2.98 -10.40 -2.36
CA ASN E 124 -3.88 -9.42 -1.78
C ASN E 124 -3.19 -8.72 -0.61
N MET E 125 -3.45 -7.42 -0.47
N MET E 125 -3.45 -7.43 -0.41
CA MET E 125 -2.85 -6.57 0.57
CA MET E 125 -3.21 -6.79 0.89
C MET E 125 -2.94 -7.21 1.94
C MET E 125 -3.89 -7.61 1.98
N GLU E 126 -4.14 -7.70 2.30
N GLU E 126 -5.10 -8.04 1.63
CA GLU E 126 -4.40 -8.25 3.63
CA GLU E 126 -6.04 -8.70 2.53
C GLU E 126 -3.53 -9.45 3.99
C GLU E 126 -5.46 -9.94 3.23
N ASP E 127 -2.82 -9.98 2.98
N ASP E 127 -4.70 -10.74 2.50
CA ASP E 127 -1.96 -11.14 3.13
CA ASP E 127 -3.95 -11.82 3.12
C ASP E 127 -0.49 -10.74 3.23
C ASP E 127 -2.55 -11.39 3.63
N LEU E 128 -0.20 -9.44 3.28
N LEU E 128 -1.86 -10.50 2.92
CA LEU E 128 1.19 -8.95 3.42
CA LEU E 128 -0.56 -9.98 3.38
C LEU E 128 1.53 -8.22 4.72
C LEU E 128 -0.56 -9.27 4.75
N ARG E 129 0.84 -8.61 5.79
N ARG E 129 -1.57 -8.44 5.01
CA ARG E 129 0.95 -8.02 7.12
CA ARG E 129 -1.66 -7.68 6.26
C ARG E 129 0.19 -8.90 8.09
C ARG E 129 -2.63 -8.31 7.29
N GLY E 130 0.32 -8.63 9.39
N GLY E 130 -2.68 -9.64 7.32
CA GLY E 130 -0.40 -9.40 10.41
CA GLY E 130 -3.29 -10.38 8.41
C GLY E 130 0.03 -10.85 10.43
C GLY E 130 -2.27 -11.42 8.82
N ARG E 131 -0.96 -11.75 10.44
N ARG E 131 -2.45 -12.09 9.95
CA ARG E 131 -0.84 -13.13 10.94
CA ARG E 131 -1.44 -13.05 10.46
C ARG E 131 -1.09 -14.17 9.85
C ARG E 131 -1.19 -14.19 9.46
N PHE E 132 -0.02 -14.82 9.43
CA PHE E 132 0.06 -15.89 8.41
C PHE E 132 -1.04 -16.98 8.57
N SER E 133 -1.33 -17.35 9.82
CA SER E 133 -2.16 -18.51 10.12
C SER E 133 -3.58 -18.21 9.62
N GLU E 134 -3.86 -16.94 9.32
CA GLU E 134 -5.22 -16.53 9.00
C GLU E 134 -5.45 -16.36 7.50
N THR E 135 -4.38 -16.58 6.72
CA THR E 135 -4.46 -16.59 5.26
C THR E 135 -5.60 -17.43 4.69
N SER E 136 -6.35 -16.86 3.74
CA SER E 136 -7.45 -17.58 3.09
C SER E 136 -6.88 -18.50 2.04
N ARG E 137 -7.66 -19.51 1.67
CA ARG E 137 -7.29 -20.47 0.64
C ARG E 137 -7.20 -19.77 -0.72
N GLU E 138 -8.15 -18.89 -0.93
CA GLU E 138 -8.31 -18.10 -2.15
C GLU E 138 -7.05 -17.23 -2.35
N GLY E 139 -6.62 -16.55 -1.28
CA GLY E 139 -5.42 -15.70 -1.32
C GLY E 139 -4.10 -16.47 -1.46
N PHE E 140 -4.03 -17.61 -0.78
CA PHE E 140 -2.88 -18.49 -0.90
C PHE E 140 -2.70 -18.97 -2.33
N LEU E 141 -3.77 -19.49 -2.93
CA LEU E 141 -3.67 -20.09 -4.26
C LEU E 141 -3.53 -19.01 -5.31
N LEU E 142 -4.11 -17.82 -5.08
CA LEU E 142 -3.89 -16.70 -5.99
C LEU E 142 -2.40 -16.27 -6.06
N ALA E 143 -1.74 -16.19 -4.91
CA ALA E 143 -0.31 -15.89 -4.91
C ALA E 143 0.52 -16.98 -5.61
N GLN E 144 0.17 -18.24 -5.42
CA GLN E 144 0.89 -19.37 -6.04
C GLN E 144 0.73 -19.31 -7.53
N ASP E 145 -0.50 -19.04 -7.98
CA ASP E 145 -0.87 -19.03 -9.38
C ASP E 145 -0.01 -17.98 -10.14
N ILE E 146 -0.11 -16.74 -9.70
CA ILE E 146 0.55 -15.67 -10.38
C ILE E 146 2.06 -15.66 -10.18
N SER E 147 2.50 -15.91 -8.94
CA SER E 147 3.89 -15.64 -8.55
C SER E 147 4.79 -16.87 -8.71
N SER E 148 4.22 -18.06 -8.87
CA SER E 148 5.06 -19.23 -9.06
C SER E 148 4.66 -20.04 -10.28
N TYR E 149 3.41 -20.47 -10.36
CA TYR E 149 2.97 -21.22 -11.54
C TYR E 149 3.22 -20.48 -12.85
N SER E 150 3.09 -19.15 -12.84
CA SER E 150 3.31 -18.40 -14.07
C SER E 150 4.64 -18.75 -14.72
N LEU E 151 5.70 -18.93 -13.93
CA LEU E 151 7.00 -19.31 -14.52
C LEU E 151 6.97 -20.62 -15.29
N THR E 152 6.21 -21.58 -14.82
CA THR E 152 6.11 -22.88 -15.49
C THR E 152 5.51 -22.78 -16.91
N ILE E 153 4.37 -22.11 -17.01
CA ILE E 153 3.65 -21.96 -18.26
C ILE E 153 4.45 -21.04 -19.20
N VAL E 154 5.05 -19.98 -18.65
CA VAL E 154 5.88 -19.12 -19.47
C VAL E 154 7.08 -19.86 -20.02
N ALA E 155 7.75 -20.67 -19.18
CA ALA E 155 8.86 -21.51 -19.63
C ALA E 155 8.41 -22.46 -20.73
N HIS E 156 7.29 -23.15 -20.50
CA HIS E 156 6.76 -24.06 -21.53
C HIS E 156 6.52 -23.33 -22.85
N GLU E 157 5.95 -22.12 -22.82
CA GLU E 157 5.66 -21.39 -24.08
C GLU E 157 6.91 -20.76 -24.70
N ALA E 158 7.77 -20.15 -23.89
CA ALA E 158 9.02 -19.55 -24.38
C ALA E 158 9.97 -20.59 -24.98
N LYS E 159 9.99 -21.79 -24.42
CA LYS E 159 10.82 -22.89 -24.92
C LYS E 159 10.58 -23.10 -26.41
N LYS E 160 9.34 -22.98 -26.87
CA LYS E 160 9.04 -23.10 -28.31
C LYS E 160 9.79 -22.11 -29.21
N LEU E 161 10.30 -21.02 -28.64
CA LEU E 161 10.95 -19.95 -29.38
C LEU E 161 12.45 -19.99 -29.12
N MET E 162 12.88 -21.05 -28.44
CA MET E 162 14.30 -21.22 -28.17
C MET E 162 14.81 -22.57 -28.67
N PRO E 163 14.64 -22.86 -29.98
CA PRO E 163 15.10 -24.15 -30.52
C PRO E 163 16.56 -24.45 -30.18
N GLU E 164 17.32 -23.40 -29.96
CA GLU E 164 18.76 -23.48 -29.96
C GLU E 164 19.30 -23.47 -28.54
N GLY E 165 18.42 -23.19 -27.59
CA GLY E 165 18.86 -22.80 -26.26
C GLY E 165 18.51 -21.39 -25.84
N GLY E 166 18.63 -21.14 -24.55
CA GLY E 166 18.34 -19.84 -24.01
C GLY E 166 18.36 -19.78 -22.50
N SER E 167 17.84 -18.69 -21.96
CA SER E 167 18.01 -18.42 -20.55
C SER E 167 16.76 -17.79 -19.95
N ILE E 168 16.32 -18.31 -18.82
CA ILE E 168 15.15 -17.76 -18.18
C ILE E 168 15.46 -17.35 -16.76
N VAL E 169 15.07 -16.14 -16.38
CA VAL E 169 15.39 -15.61 -15.06
C VAL E 169 14.12 -15.14 -14.34
N ALA E 170 13.92 -15.61 -13.11
CA ALA E 170 12.87 -15.10 -12.25
C ALA E 170 13.42 -14.30 -11.05
N THR E 171 12.56 -13.44 -10.50
CA THR E 171 12.91 -12.57 -9.41
C THR E 171 12.28 -13.10 -8.12
N THR E 172 13.13 -13.35 -7.11
CA THR E 172 12.62 -13.85 -5.86
C THR E 172 13.09 -12.95 -4.71
N TYR E 173 12.74 -13.32 -3.48
CA TYR E 173 13.10 -12.51 -2.32
C TYR E 173 13.54 -13.43 -1.21
N LEU E 174 14.49 -13.02 -0.38
CA LEU E 174 14.96 -13.84 0.74
C LEU E 174 13.84 -14.45 1.60
N GLY E 175 12.70 -13.78 1.68
CA GLY E 175 11.53 -14.31 2.36
C GLY E 175 11.03 -15.66 1.85
N GLY E 176 11.49 -16.11 0.69
CA GLY E 176 11.22 -17.47 0.23
C GLY E 176 12.14 -18.49 0.86
N GLU E 177 13.20 -18.06 1.54
CA GLU E 177 14.11 -19.00 2.17
C GLU E 177 14.01 -18.98 3.68
N PHE E 178 13.46 -17.90 4.27
CA PHE E 178 13.35 -17.77 5.70
C PHE E 178 12.04 -17.08 5.97
N ALA E 179 11.52 -17.25 7.17
CA ALA E 179 10.32 -16.54 7.57
C ALA E 179 10.68 -15.10 7.96
N VAL E 180 10.08 -14.14 7.26
CA VAL E 180 10.30 -12.70 7.44
C VAL E 180 8.98 -12.11 7.87
N GLN E 181 8.97 -11.28 8.92
CA GLN E 181 7.78 -10.59 9.37
C GLN E 181 7.04 -10.00 8.17
N ASN E 182 5.71 -10.16 8.16
CA ASN E 182 4.82 -9.52 7.19
C ASN E 182 4.82 -10.06 5.76
N TYR E 183 5.88 -10.74 5.31
CA TYR E 183 5.88 -11.18 3.94
C TYR E 183 4.93 -12.36 3.68
N ASN E 184 4.75 -13.20 4.70
CA ASN E 184 3.61 -14.12 4.79
C ASN E 184 3.33 -14.97 3.55
N VAL E 185 2.20 -14.77 2.88
CA VAL E 185 1.80 -15.64 1.79
C VAL E 185 2.74 -15.44 0.59
N MET E 186 3.42 -14.31 0.50
CA MET E 186 4.36 -14.18 -0.60
C MET E 186 5.65 -14.99 -0.30
N GLY E 187 6.00 -15.14 0.98
CA GLY E 187 7.14 -15.98 1.36
C GLY E 187 6.92 -17.42 0.86
N VAL E 188 5.71 -17.93 1.05
CA VAL E 188 5.41 -19.29 0.58
C VAL E 188 5.34 -19.38 -0.96
N ALA E 189 4.83 -18.35 -1.63
CA ALA E 189 4.86 -18.33 -3.07
C ALA E 189 6.29 -18.23 -3.62
N LYS E 190 7.19 -17.52 -2.94
CA LYS E 190 8.60 -17.50 -3.39
C LYS E 190 9.33 -18.82 -3.09
N ALA E 191 9.03 -19.45 -1.96
CA ALA E 191 9.63 -20.77 -1.71
C ALA E 191 9.30 -21.68 -2.91
N SER E 192 8.04 -21.60 -3.31
CA SER E 192 7.51 -22.33 -4.46
C SER E 192 8.13 -21.91 -5.81
N LEU E 193 8.30 -20.62 -6.04
CA LEU E 193 9.04 -20.12 -7.20
C LEU E 193 10.48 -20.69 -7.27
N GLU E 194 11.15 -20.64 -6.15
CA GLU E 194 12.54 -21.07 -6.14
C GLU E 194 12.69 -22.55 -6.46
N ALA E 195 11.75 -23.38 -5.97
CA ALA E 195 11.70 -24.79 -6.36
C ALA E 195 11.34 -24.98 -7.85
N ASN E 196 10.41 -24.14 -8.33
CA ASN E 196 9.97 -24.14 -9.71
C ASN E 196 11.20 -23.92 -10.59
N VAL E 197 12.10 -23.04 -10.16
CA VAL E 197 13.31 -22.72 -10.90
C VAL E 197 14.24 -23.94 -10.97
N LYS E 198 14.35 -24.70 -9.88
CA LYS E 198 15.19 -25.90 -9.87
C LYS E 198 14.57 -27.01 -10.73
N TYR E 199 13.27 -27.26 -10.56
CA TYR E 199 12.60 -28.25 -11.40
C TYR E 199 12.61 -27.88 -12.91
N LEU E 200 12.41 -26.60 -13.26
CA LEU E 200 12.51 -26.20 -14.66
C LEU E 200 13.94 -26.42 -15.17
N ALA E 201 14.95 -26.01 -14.41
CA ALA E 201 16.35 -26.27 -14.77
C ALA E 201 16.63 -27.73 -15.07
N LEU E 202 16.12 -28.62 -14.22
CA LEU E 202 16.35 -30.04 -14.39
C LEU E 202 15.69 -30.51 -15.69
N ASP E 203 14.51 -29.99 -15.99
CA ASP E 203 13.71 -30.47 -17.13
C ASP E 203 14.17 -29.83 -18.44
N LEU E 204 14.45 -28.52 -18.42
CA LEU E 204 14.77 -27.82 -19.65
C LEU E 204 16.26 -27.86 -20.03
N GLY E 205 17.09 -28.29 -19.07
CA GLY E 205 18.53 -28.43 -19.23
C GLY E 205 18.98 -29.19 -20.47
N PRO E 206 18.36 -30.33 -20.76
CA PRO E 206 18.76 -31.04 -21.99
C PRO E 206 18.41 -30.29 -23.27
N ASP E 207 17.49 -29.33 -23.18
CA ASP E 207 17.25 -28.47 -24.34
C ASP E 207 18.17 -27.26 -24.36
N ASN E 208 19.15 -27.23 -23.45
CA ASN E 208 20.13 -26.14 -23.35
C ASN E 208 19.42 -24.83 -22.97
N ILE E 209 18.43 -24.98 -22.10
CA ILE E 209 17.75 -23.83 -21.51
C ILE E 209 18.05 -23.78 -20.01
N ARG E 210 18.69 -22.68 -19.59
CA ARG E 210 19.04 -22.44 -18.21
C ARG E 210 17.91 -21.68 -17.51
N VAL E 211 17.73 -21.97 -16.23
CA VAL E 211 16.69 -21.32 -15.46
C VAL E 211 17.28 -20.96 -14.11
N ASN E 212 17.18 -19.70 -13.72
CA ASN E 212 17.88 -19.23 -12.55
C ASN E 212 16.98 -18.17 -11.94
N ALA E 213 17.34 -17.69 -10.76
CA ALA E 213 16.58 -16.65 -10.13
C ALA E 213 17.56 -15.59 -9.67
N ILE E 214 17.10 -14.34 -9.57
CA ILE E 214 17.77 -13.32 -8.77
C ILE E 214 16.92 -13.05 -7.55
N SER E 215 17.53 -13.20 -6.38
CA SER E 215 16.95 -12.78 -5.13
C SER E 215 17.34 -11.32 -4.87
N ALA E 216 16.42 -10.42 -5.13
CA ALA E 216 16.73 -9.02 -4.92
C ALA E 216 16.53 -8.58 -3.45
N GLY E 217 17.41 -7.68 -3.01
CA GLY E 217 17.15 -6.96 -1.78
C GLY E 217 15.99 -5.98 -1.92
N PRO E 218 15.60 -5.33 -0.81
CA PRO E 218 14.36 -4.54 -0.89
C PRO E 218 14.57 -3.26 -1.72
N ILE E 219 13.62 -2.93 -2.59
CA ILE E 219 13.74 -1.78 -3.49
C ILE E 219 12.38 -1.10 -3.52
N ARG E 220 12.32 0.21 -3.41
CA ARG E 220 11.01 0.88 -3.49
C ARG E 220 10.35 0.74 -4.85
N THR E 221 9.22 0.05 -4.90
CA THR E 221 8.46 -0.12 -6.12
C THR E 221 6.99 -0.03 -5.75
N LEU E 222 6.12 -0.07 -6.76
CA LEU E 222 4.70 -0.11 -6.50
C LEU E 222 4.31 -1.29 -5.62
N SER E 223 4.84 -2.48 -5.92
CA SER E 223 4.51 -3.70 -5.18
C SER E 223 5.04 -3.73 -3.75
N ALA E 224 6.15 -3.05 -3.51
CA ALA E 224 6.65 -2.93 -2.13
C ALA E 224 5.66 -2.26 -1.15
N LYS E 225 4.73 -1.49 -1.67
CA LYS E 225 3.83 -0.71 -0.83
C LYS E 225 2.86 -1.64 -0.11
N GLY E 226 2.86 -2.90 -0.53
CA GLY E 226 1.95 -3.87 0.06
C GLY E 226 2.67 -4.71 1.09
N VAL E 227 4.00 -4.66 1.10
CA VAL E 227 4.75 -5.38 2.12
C VAL E 227 4.73 -4.58 3.44
N GLY E 228 3.94 -4.97 4.44
CA GLY E 228 4.07 -4.35 5.76
C GLY E 228 5.52 -4.12 6.19
N GLY E 229 5.76 -3.03 6.91
CA GLY E 229 7.06 -2.77 7.52
C GLY E 229 8.18 -2.58 6.53
N PHE E 230 7.84 -2.21 5.30
CA PHE E 230 8.84 -2.11 4.25
C PHE E 230 10.00 -1.12 4.59
N ASN E 231 9.68 0.08 5.04
CA ASN E 231 10.75 0.99 5.40
C ASN E 231 11.73 0.41 6.42
N THR E 232 11.20 -0.32 7.40
CA THR E 232 11.99 -1.02 8.42
C THR E 232 12.96 -2.04 7.84
N ILE E 233 12.55 -2.70 6.74
CA ILE E 233 13.35 -3.70 6.03
C ILE E 233 14.53 -3.00 5.38
N LEU E 234 14.23 -1.90 4.69
CA LEU E 234 15.25 -1.05 4.05
C LEU E 234 16.28 -0.52 5.04
N LYS E 235 15.81 0.03 6.17
CA LYS E 235 16.77 0.46 7.16
C LYS E 235 17.63 -0.70 7.63
N GLU E 236 17.04 -1.84 7.95
CA GLU E 236 17.90 -2.96 8.34
C GLU E 236 19.02 -3.34 7.35
N ILE E 237 18.78 -3.32 6.06
CA ILE E 237 19.87 -3.49 5.11
C ILE E 237 20.99 -2.47 5.31
N GLU E 238 20.69 -1.17 5.31
CA GLU E 238 21.71 -0.14 5.52
C GLU E 238 22.49 -0.39 6.79
N GLU E 239 21.80 -0.84 7.85
CA GLU E 239 22.50 -1.04 9.12
C GLU E 239 23.38 -2.29 9.19
N ARG E 240 22.95 -3.37 8.53
CA ARG E 240 23.48 -4.68 8.88
C ARG E 240 24.08 -5.42 7.71
N ALA E 241 23.61 -5.21 6.49
CA ALA E 241 24.15 -5.93 5.35
C ALA E 241 25.64 -5.63 5.19
N PRO E 242 26.45 -6.63 4.79
CA PRO E 242 27.86 -6.33 4.50
C PRO E 242 28.12 -5.00 3.80
N LEU E 243 27.37 -4.65 2.75
CA LEU E 243 27.76 -3.44 2.03
C LEU E 243 27.16 -2.21 2.69
N LYS E 244 26.30 -2.37 3.70
CA LYS E 244 25.78 -1.23 4.46
C LYS E 244 25.09 -0.18 3.60
N ARG E 245 24.39 -0.63 2.55
CA ARG E 245 23.66 0.24 1.66
C ARG E 245 22.63 -0.62 0.91
N ASN E 246 21.53 -0.05 0.47
CA ASN E 246 20.58 -0.79 -0.36
C ASN E 246 21.01 -0.96 -1.82
N VAL E 247 20.47 -1.98 -2.50
CA VAL E 247 20.70 -2.14 -3.92
C VAL E 247 19.69 -1.35 -4.75
N ASP E 248 19.86 -1.35 -6.06
CA ASP E 248 18.80 -0.75 -6.90
C ASP E 248 18.53 -1.57 -8.14
N GLN E 249 17.50 -1.15 -8.88
CA GLN E 249 17.00 -1.91 -10.01
C GLN E 249 18.07 -2.20 -11.08
N VAL E 250 18.96 -1.22 -11.30
CA VAL E 250 20.04 -1.39 -12.27
C VAL E 250 21.03 -2.46 -11.83
N GLU E 251 21.24 -2.61 -10.51
CA GLU E 251 22.14 -3.63 -10.02
C GLU E 251 21.54 -5.00 -10.23
N VAL E 252 20.24 -5.14 -10.04
CA VAL E 252 19.56 -6.39 -10.40
C VAL E 252 19.69 -6.63 -11.89
N GLY E 253 19.50 -5.57 -12.68
CA GLY E 253 19.65 -5.68 -14.14
C GLY E 253 21.03 -6.08 -14.63
N LYS E 254 22.10 -5.66 -13.93
CA LYS E 254 23.45 -6.11 -14.32
C LYS E 254 23.66 -7.60 -14.08
N THR E 255 23.10 -8.11 -12.98
CA THR E 255 23.13 -9.55 -12.78
C THR E 255 22.24 -10.29 -13.78
N ALA E 256 21.09 -9.72 -14.12
CA ALA E 256 20.24 -10.31 -15.13
C ALA E 256 21.01 -10.42 -16.47
N ALA E 257 21.77 -9.38 -16.82
CA ALA E 257 22.60 -9.41 -18.01
C ALA E 257 23.54 -10.60 -17.94
N TYR E 258 24.18 -10.80 -16.79
CA TYR E 258 25.04 -11.96 -16.64
C TYR E 258 24.30 -13.30 -16.81
N LEU E 259 23.14 -13.45 -16.17
CA LEU E 259 22.35 -14.68 -16.31
C LEU E 259 21.73 -14.90 -17.69
N LEU E 260 21.31 -13.84 -18.38
CA LEU E 260 20.70 -14.01 -19.70
C LEU E 260 21.78 -14.21 -20.76
N SER E 261 23.03 -13.95 -20.41
CA SER E 261 24.05 -14.02 -21.46
C SER E 261 24.89 -15.30 -21.34
N ASP E 262 25.81 -15.45 -22.28
CA ASP E 262 26.66 -16.62 -22.33
C ASP E 262 27.77 -16.57 -21.28
N LEU E 263 27.90 -15.45 -20.57
CA LEU E 263 28.84 -15.37 -19.43
C LEU E 263 28.51 -16.44 -18.42
N SER E 264 27.23 -16.78 -18.32
CA SER E 264 26.83 -17.66 -17.25
C SER E 264 26.50 -19.03 -17.80
N SER E 265 27.20 -19.46 -18.85
N SER E 265 27.17 -19.42 -18.88
CA SER E 265 26.74 -20.62 -19.65
CA SER E 265 27.09 -20.80 -19.31
C SER E 265 26.72 -21.93 -18.90
C SER E 265 27.58 -21.64 -18.15
N GLY E 266 27.25 -21.92 -17.67
N GLY E 266 26.88 -22.72 -17.86
CA GLY E 266 27.49 -23.12 -16.88
CA GLY E 266 27.28 -23.58 -16.75
C GLY E 266 26.70 -23.11 -15.58
C GLY E 266 26.40 -23.31 -15.54
N VAL E 267 25.82 -22.11 -15.48
CA VAL E 267 25.08 -21.77 -14.28
C VAL E 267 23.61 -22.03 -14.56
N THR E 268 23.03 -23.00 -13.87
CA THR E 268 21.59 -23.19 -13.91
C THR E 268 21.04 -23.71 -12.56
N GLY E 269 19.75 -23.50 -12.30
CA GLY E 269 19.12 -23.81 -11.02
C GLY E 269 19.72 -23.01 -9.90
N GLU E 270 20.36 -21.90 -10.24
CA GLU E 270 20.99 -21.08 -9.22
C GLU E 270 20.08 -19.92 -8.76
N ASN E 271 20.36 -19.46 -7.55
CA ASN E 271 19.66 -18.32 -6.97
C ASN E 271 20.72 -17.26 -6.61
N ILE E 272 20.86 -16.16 -7.36
CA ILE E 272 21.93 -15.19 -7.08
C ILE E 272 21.38 -14.03 -6.28
N HIS E 273 21.98 -13.81 -5.11
CA HIS E 273 21.45 -12.82 -4.18
C HIS E 273 22.10 -11.49 -4.50
N VAL E 274 21.29 -10.51 -4.92
CA VAL E 274 21.72 -9.15 -5.19
C VAL E 274 21.11 -8.29 -4.11
N ASP E 275 21.75 -8.36 -2.93
CA ASP E 275 21.17 -7.81 -1.75
C ASP E 275 22.22 -7.28 -0.81
N SER E 276 23.39 -6.86 -1.32
CA SER E 276 24.42 -6.25 -0.47
C SER E 276 25.02 -7.22 0.54
N GLY E 277 24.84 -8.52 0.30
CA GLY E 277 25.36 -9.57 1.20
C GLY E 277 24.42 -9.98 2.32
N PHE E 278 23.23 -9.39 2.38
CA PHE E 278 22.35 -9.58 3.55
C PHE E 278 22.00 -11.04 3.79
N HIS E 279 21.98 -11.81 2.72
CA HIS E 279 21.64 -13.22 2.82
C HIS E 279 22.69 -14.03 3.58
N ALA E 280 23.93 -13.55 3.63
CA ALA E 280 25.01 -14.28 4.27
C ALA E 280 25.10 -14.05 5.79
N ILE E 281 24.32 -13.13 6.32
CA ILE E 281 24.57 -12.72 7.68
C ILE E 281 23.37 -13.06 8.54
N LYS E 282 23.60 -13.17 9.84
CA LYS E 282 22.48 -13.43 10.71
C LYS E 282 22.65 -12.59 11.96
N VAL F 28 9.95 -41.33 25.72
CA VAL F 28 9.34 -40.04 26.19
C VAL F 28 7.86 -40.21 26.62
N ASN F 29 7.51 -40.19 27.92
CA ASN F 29 6.13 -40.53 28.33
C ASN F 29 4.98 -39.54 28.06
N LEU F 30 3.99 -39.98 27.28
CA LEU F 30 2.89 -39.14 26.76
C LEU F 30 1.47 -39.44 27.32
N GLU F 31 1.36 -39.84 28.58
CA GLU F 31 0.05 -40.05 29.20
C GLU F 31 -0.65 -38.72 29.48
N ASN F 32 -1.96 -38.69 29.28
CA ASN F 32 -2.70 -37.46 29.48
C ASN F 32 -2.54 -36.44 28.34
N LYS F 33 -1.68 -36.75 27.35
CA LYS F 33 -1.60 -36.02 26.08
C LYS F 33 -2.63 -36.46 25.07
N THR F 34 -3.09 -35.55 24.21
CA THR F 34 -3.98 -35.94 23.13
C THR F 34 -3.44 -35.43 21.80
N TYR F 35 -3.20 -36.31 20.84
CA TYR F 35 -2.72 -35.92 19.52
C TYR F 35 -3.73 -36.25 18.43
N VAL F 36 -3.86 -35.37 17.45
CA VAL F 36 -4.69 -35.62 16.28
C VAL F 36 -3.81 -36.10 15.13
N ILE F 37 -4.13 -37.24 14.52
CA ILE F 37 -3.31 -37.72 13.40
C ILE F 37 -4.06 -37.72 12.07
N MET F 38 -3.57 -36.96 11.10
CA MET F 38 -4.26 -36.84 9.82
C MET F 38 -3.53 -37.62 8.74
N GLY F 39 -4.26 -38.45 7.99
CA GLY F 39 -3.68 -39.14 6.83
C GLY F 39 -3.27 -40.59 6.97
N ILE F 40 -3.97 -41.38 7.78
CA ILE F 40 -3.87 -42.83 7.63
C ILE F 40 -4.83 -43.35 6.58
N ALA F 41 -4.32 -43.95 5.50
CA ALA F 41 -5.15 -44.71 4.55
C ALA F 41 -5.13 -46.20 4.82
N ASN F 42 -3.98 -46.74 5.26
CA ASN F 42 -3.80 -48.18 5.51
C ASN F 42 -2.64 -48.48 6.45
N LYS F 43 -2.24 -49.75 6.55
CA LYS F 43 -1.19 -50.16 7.47
C LYS F 43 0.17 -49.61 7.06
N ARG F 44 0.37 -49.32 5.78
CA ARG F 44 1.66 -48.87 5.28
CA ARG F 44 1.68 -48.87 5.37
C ARG F 44 1.82 -47.35 5.49
N SER F 45 0.73 -46.65 5.79
CA SER F 45 0.81 -45.21 5.86
C SER F 45 1.88 -44.76 6.85
N ILE F 46 2.64 -43.72 6.51
CA ILE F 46 3.59 -43.13 7.44
C ILE F 46 2.89 -42.77 8.76
N ALA F 47 1.72 -42.13 8.67
CA ALA F 47 0.95 -41.79 9.86
C ALA F 47 0.56 -43.00 10.74
N PHE F 48 0.43 -44.19 10.18
CA PHE F 48 0.20 -45.32 11.06
C PHE F 48 1.47 -45.66 11.88
N GLY F 49 2.65 -45.38 11.34
CA GLY F 49 3.89 -45.52 12.11
C GLY F 49 3.94 -44.54 13.25
N VAL F 50 3.53 -43.30 12.98
CA VAL F 50 3.39 -42.30 14.02
C VAL F 50 2.41 -42.78 15.10
N ALA F 51 1.24 -43.23 14.65
CA ALA F 51 0.22 -43.75 15.56
C ALA F 51 0.70 -44.90 16.46
N LYS F 52 1.36 -45.93 15.93
CA LYS F 52 1.89 -47.02 16.78
C LYS F 52 2.86 -46.47 17.83
N VAL F 53 3.71 -45.51 17.43
CA VAL F 53 4.67 -44.98 18.39
C VAL F 53 3.98 -44.19 19.48
N LEU F 54 3.12 -43.24 19.11
CA LEU F 54 2.45 -42.44 20.14
C LEU F 54 1.56 -43.33 21.01
N ASP F 55 0.93 -44.35 20.42
CA ASP F 55 0.05 -45.22 21.21
C ASP F 55 0.87 -45.99 22.24
N GLN F 56 2.01 -46.55 21.82
CA GLN F 56 2.92 -47.26 22.71
C GLN F 56 3.34 -46.38 23.88
N LEU F 57 3.28 -45.06 23.70
CA LEU F 57 3.81 -44.11 24.66
C LEU F 57 2.75 -43.57 25.62
N GLY F 58 1.51 -44.04 25.48
CA GLY F 58 0.42 -43.60 26.34
C GLY F 58 -0.48 -42.46 25.87
N ALA F 59 -0.25 -41.91 24.68
CA ALA F 59 -1.08 -40.81 24.14
C ALA F 59 -2.52 -41.24 23.84
N LYS F 60 -3.50 -40.34 24.03
CA LYS F 60 -4.83 -40.50 23.45
C LYS F 60 -4.68 -40.00 22.02
N LEU F 61 -5.20 -40.74 21.05
CA LEU F 61 -5.15 -40.36 19.64
C LEU F 61 -6.53 -40.17 19.00
N VAL F 62 -6.63 -39.15 18.14
CA VAL F 62 -7.83 -38.90 17.37
C VAL F 62 -7.35 -39.01 15.94
N PHE F 63 -8.17 -39.57 15.05
CA PHE F 63 -7.75 -39.84 13.68
C PHE F 63 -8.67 -39.11 12.70
N THR F 64 -8.10 -38.52 11.66
CA THR F 64 -8.96 -37.94 10.64
C THR F 64 -8.62 -38.58 9.30
N TYR F 65 -9.65 -38.77 8.47
CA TYR F 65 -9.53 -39.49 7.21
C TYR F 65 -10.34 -38.74 6.13
N ARG F 66 -10.04 -38.99 4.85
CA ARG F 66 -10.88 -38.51 3.75
C ARG F 66 -11.86 -39.58 3.21
N LYS F 67 -11.34 -40.68 2.69
CA LYS F 67 -12.12 -41.66 1.95
C LYS F 67 -12.77 -42.65 2.90
N GLU F 68 -13.96 -43.14 2.55
CA GLU F 68 -14.63 -44.05 3.45
CA GLU F 68 -14.69 -44.13 3.33
C GLU F 68 -13.78 -45.32 3.63
N ARG F 69 -13.00 -45.69 2.63
CA ARG F 69 -12.07 -46.82 2.76
C ARG F 69 -11.05 -46.60 3.89
N SER F 70 -10.54 -45.39 4.04
CA SER F 70 -9.53 -45.15 5.08
C SER F 70 -10.15 -45.27 6.50
N ARG F 71 -11.38 -44.80 6.70
CA ARG F 71 -12.09 -45.02 7.95
CA ARG F 71 -12.08 -45.03 7.96
C ARG F 71 -12.18 -46.53 8.23
N LYS F 72 -12.46 -47.30 7.19
CA LYS F 72 -12.57 -48.76 7.35
C LYS F 72 -11.23 -49.40 7.72
N GLU F 73 -10.14 -48.93 7.12
CA GLU F 73 -8.83 -49.47 7.47
C GLU F 73 -8.47 -49.08 8.91
N LEU F 74 -8.86 -47.86 9.30
CA LEU F 74 -8.68 -47.34 10.63
C LEU F 74 -9.43 -48.14 11.69
N GLU F 75 -10.69 -48.53 11.42
CA GLU F 75 -11.43 -49.29 12.44
C GLU F 75 -10.71 -50.62 12.64
N LYS F 76 -10.09 -51.12 11.57
CA LYS F 76 -9.37 -52.41 11.62
C LYS F 76 -8.01 -52.23 12.32
N LEU F 77 -7.28 -51.18 11.95
CA LEU F 77 -5.96 -50.93 12.54
C LEU F 77 -6.02 -50.56 14.03
N LEU F 78 -7.13 -49.98 14.48
CA LEU F 78 -7.31 -49.71 15.91
C LEU F 78 -7.19 -50.93 16.82
N GLU F 79 -7.60 -52.10 16.33
CA GLU F 79 -7.53 -53.31 17.13
C GLU F 79 -6.13 -53.61 17.65
N GLN F 80 -5.09 -53.24 16.91
CA GLN F 80 -3.70 -53.39 17.37
C GLN F 80 -3.11 -52.21 18.13
N LEU F 81 -3.94 -51.24 18.51
CA LEU F 81 -3.49 -50.13 19.34
C LEU F 81 -4.05 -50.32 20.74
N ASN F 82 -3.64 -49.49 21.68
CA ASN F 82 -4.11 -49.56 23.04
C ASN F 82 -5.28 -48.62 23.28
N GLN F 83 -5.69 -47.88 22.25
CA GLN F 83 -6.72 -46.84 22.38
C GLN F 83 -8.05 -47.39 22.89
N PRO F 84 -8.52 -46.90 24.06
CA PRO F 84 -9.79 -47.44 24.54
C PRO F 84 -10.97 -47.06 23.65
N GLU F 85 -10.95 -45.86 23.08
CA GLU F 85 -12.02 -45.39 22.20
C GLU F 85 -11.49 -44.99 20.82
N ALA F 86 -12.22 -45.40 19.80
CA ALA F 86 -12.04 -44.91 18.45
C ALA F 86 -12.60 -43.49 18.38
N HIS F 87 -11.76 -42.50 18.11
CA HIS F 87 -12.21 -41.15 17.80
C HIS F 87 -11.87 -40.84 16.34
N LEU F 88 -12.83 -40.97 15.42
CA LEU F 88 -12.56 -40.82 13.98
C LEU F 88 -13.38 -39.73 13.30
N TYR F 89 -12.76 -38.90 12.48
CA TYR F 89 -13.46 -37.77 11.88
C TYR F 89 -13.13 -37.59 10.39
N GLN F 90 -14.14 -37.59 9.55
CA GLN F 90 -13.96 -37.31 8.12
C GLN F 90 -13.53 -35.87 7.94
N ILE F 91 -12.31 -35.64 7.49
CA ILE F 91 -11.92 -34.30 7.12
C ILE F 91 -11.15 -34.35 5.82
N ASP F 92 -11.81 -33.91 4.76
CA ASP F 92 -11.17 -33.53 3.49
C ASP F 92 -10.65 -32.10 3.62
N VAL F 93 -9.34 -31.94 3.70
CA VAL F 93 -8.72 -30.60 3.75
C VAL F 93 -8.92 -29.67 2.53
N GLN F 94 -9.57 -30.12 1.47
CA GLN F 94 -10.02 -29.19 0.43
C GLN F 94 -11.17 -28.26 0.83
N SER F 95 -11.83 -28.61 1.94
CA SER F 95 -13.00 -27.88 2.38
C SER F 95 -12.70 -27.23 3.73
N ASP F 96 -12.73 -25.89 3.75
CA ASP F 96 -12.64 -25.12 4.99
C ASP F 96 -13.68 -25.61 6.00
N GLU F 97 -14.93 -25.71 5.56
CA GLU F 97 -15.96 -26.07 6.51
CA GLU F 97 -16.05 -26.16 6.38
C GLU F 97 -15.72 -27.47 7.12
N GLU F 98 -15.12 -28.42 6.43
CA GLU F 98 -14.87 -29.71 7.07
C GLU F 98 -13.73 -29.64 8.10
N VAL F 99 -12.67 -28.88 7.79
CA VAL F 99 -11.58 -28.65 8.75
C VAL F 99 -12.08 -27.87 9.96
N ILE F 100 -12.82 -26.80 9.71
CA ILE F 100 -13.40 -26.03 10.80
C ILE F 100 -14.34 -26.89 11.66
N ASN F 101 -15.33 -27.53 11.04
CA ASN F 101 -16.28 -28.32 11.80
C ASN F 101 -15.65 -29.53 12.46
N GLY F 102 -14.64 -30.12 11.82
CA GLY F 102 -13.97 -31.29 12.32
C GLY F 102 -13.16 -31.03 13.57
N PHE F 103 -12.35 -29.98 13.57
CA PHE F 103 -11.65 -29.63 14.82
C PHE F 103 -12.58 -29.13 15.92
N GLU F 104 -13.59 -28.35 15.57
CA GLU F 104 -14.58 -27.94 16.58
C GLU F 104 -15.17 -29.16 17.30
N GLN F 105 -15.38 -30.24 16.56
CA GLN F 105 -16.11 -31.38 17.11
C GLN F 105 -15.15 -32.21 17.95
N ILE F 106 -13.89 -32.22 17.53
CA ILE F 106 -12.85 -32.90 18.27
C ILE F 106 -12.67 -32.25 19.64
N GLY F 107 -12.73 -30.92 19.66
CA GLY F 107 -12.60 -30.18 20.92
C GLY F 107 -13.76 -30.49 21.82
N LYS F 108 -14.93 -30.72 21.25
CA LYS F 108 -16.12 -31.03 22.05
C LYS F 108 -16.11 -32.44 22.57
N ASP F 109 -15.43 -33.34 21.88
CA ASP F 109 -15.46 -34.76 22.25
C ASP F 109 -14.32 -35.16 23.16
N VAL F 110 -13.12 -34.64 22.91
CA VAL F 110 -11.95 -34.98 23.70
C VAL F 110 -11.36 -33.80 24.47
N GLY F 111 -11.88 -32.60 24.26
CA GLY F 111 -11.28 -31.43 24.88
C GLY F 111 -10.08 -30.86 24.13
N ASN F 112 -9.16 -30.28 24.89
CA ASN F 112 -7.97 -29.67 24.32
C ASN F 112 -6.93 -30.72 23.88
N ILE F 113 -6.10 -30.37 22.90
CA ILE F 113 -5.19 -31.36 22.37
C ILE F 113 -3.79 -30.81 22.57
N ASP F 114 -2.80 -31.70 22.43
CA ASP F 114 -1.41 -31.29 22.60
C ASP F 114 -0.66 -31.11 21.27
N GLY F 115 -1.16 -31.68 20.17
CA GLY F 115 -0.62 -31.38 18.85
C GLY F 115 -1.27 -32.15 17.72
N VAL F 116 -0.76 -31.93 16.52
CA VAL F 116 -1.33 -32.47 15.28
C VAL F 116 -0.20 -33.06 14.46
N TYR F 117 -0.37 -34.28 13.97
CA TYR F 117 0.55 -34.83 12.98
C TYR F 117 -0.12 -34.74 11.60
N HIS F 118 0.52 -34.02 10.69
CA HIS F 118 -0.07 -33.80 9.37
C HIS F 118 0.67 -34.66 8.36
N SER F 119 -0.05 -35.58 7.74
CA SER F 119 0.59 -36.54 6.86
C SER F 119 -0.24 -36.64 5.58
N ILE F 120 -0.48 -35.48 4.95
CA ILE F 120 -1.42 -35.35 3.85
C ILE F 120 -0.76 -34.69 2.64
N ALA F 121 -0.89 -35.33 1.48
CA ALA F 121 -0.46 -34.72 0.22
C ALA F 121 -1.21 -35.40 -0.90
N PHE F 122 -1.23 -34.75 -2.05
CA PHE F 122 -1.88 -35.30 -3.22
C PHE F 122 -1.44 -34.57 -4.48
N ALA F 123 -1.32 -35.30 -5.58
CA ALA F 123 -1.16 -34.74 -6.92
C ALA F 123 -1.71 -35.77 -7.91
N ASN F 124 -2.14 -35.32 -9.08
CA ASN F 124 -2.50 -36.22 -10.18
C ASN F 124 -1.30 -37.00 -10.71
N MET F 125 -1.49 -38.29 -10.95
N MET F 125 -1.50 -38.31 -10.90
CA MET F 125 -0.58 -39.04 -11.81
CA MET F 125 -0.47 -39.26 -11.28
C MET F 125 -0.24 -38.26 -13.06
C MET F 125 0.52 -38.71 -12.30
N GLU F 126 -1.26 -37.65 -13.66
N GLU F 126 0.00 -38.12 -13.38
CA GLU F 126 -1.17 -37.10 -15.01
CA GLU F 126 0.87 -37.69 -14.48
C GLU F 126 -0.23 -35.89 -15.02
C GLU F 126 1.62 -36.41 -14.17
N ASP F 127 -0.26 -35.12 -13.95
N ASP F 127 1.58 -35.97 -12.91
CA ASP F 127 0.79 -34.13 -13.75
CA ASP F 127 2.42 -34.90 -12.44
C ASP F 127 2.11 -34.75 -13.24
C ASP F 127 3.47 -35.48 -11.50
N LEU F 128 2.05 -35.66 -12.28
N LEU F 128 3.84 -36.73 -11.72
CA LEU F 128 3.27 -36.31 -11.77
CA LEU F 128 4.80 -37.42 -10.87
C LEU F 128 4.15 -36.97 -12.83
C LEU F 128 5.69 -38.36 -11.68
N ARG F 129 3.50 -37.60 -13.80
N ARG F 129 5.75 -38.07 -12.98
CA ARG F 129 4.16 -38.53 -14.72
CA ARG F 129 6.67 -38.69 -13.93
C ARG F 129 4.44 -37.91 -16.11
C ARG F 129 6.94 -37.75 -15.12
N GLY F 130 5.41 -37.01 -16.16
N GLY F 130 7.87 -38.10 -16.00
CA GLY F 130 5.85 -36.42 -17.42
CA GLY F 130 8.12 -37.28 -17.17
C GLY F 130 6.11 -34.93 -17.31
C GLY F 130 8.43 -35.84 -16.79
N ARG F 131 7.04 -34.45 -18.13
N ARG F 131 7.75 -34.90 -17.45
CA ARG F 131 7.88 -33.25 -17.92
CA ARG F 131 8.24 -33.52 -17.61
C ARG F 131 7.29 -32.22 -16.97
C ARG F 131 7.41 -32.50 -16.85
N PHE F 132 8.11 -31.71 -16.05
CA PHE F 132 7.59 -30.72 -15.17
C PHE F 132 7.05 -29.47 -15.90
N SER F 133 7.71 -29.07 -16.99
CA SER F 133 7.30 -27.86 -17.72
C SER F 133 5.92 -28.00 -18.35
N GLU F 134 5.34 -29.19 -18.27
CA GLU F 134 4.04 -29.45 -18.91
C GLU F 134 2.93 -29.58 -17.87
N THR F 135 3.30 -29.41 -16.61
CA THR F 135 2.34 -29.39 -15.51
C THR F 135 1.21 -28.40 -15.81
N SER F 136 -0.03 -28.83 -15.54
CA SER F 136 -1.19 -27.99 -15.80
C SER F 136 -1.37 -27.08 -14.58
N ARG F 137 -1.92 -25.90 -14.81
CA ARG F 137 -2.36 -25.01 -13.74
C ARG F 137 -3.25 -25.69 -12.69
N GLU F 138 -4.28 -26.41 -13.14
CA GLU F 138 -5.20 -27.05 -12.23
C GLU F 138 -4.46 -28.11 -11.42
N GLY F 139 -3.54 -28.84 -12.04
CA GLY F 139 -2.74 -29.79 -11.27
C GLY F 139 -1.78 -29.18 -10.24
N PHE F 140 -1.08 -28.13 -10.66
CA PHE F 140 -0.18 -27.37 -9.79
C PHE F 140 -0.91 -26.85 -8.56
N LEU F 141 -2.05 -26.18 -8.75
CA LEU F 141 -2.84 -25.58 -7.67
C LEU F 141 -3.51 -26.62 -6.77
N LEU F 142 -3.89 -27.76 -7.35
CA LEU F 142 -4.45 -28.86 -6.54
C LEU F 142 -3.43 -29.43 -5.54
N ALA F 143 -2.22 -29.65 -6.06
CA ALA F 143 -1.11 -30.12 -5.24
C ALA F 143 -0.77 -29.10 -4.15
N GLN F 144 -0.79 -27.80 -4.45
CA GLN F 144 -0.58 -26.80 -3.41
C GLN F 144 -1.65 -26.79 -2.33
N ASP F 145 -2.89 -26.79 -2.78
CA ASP F 145 -4.07 -26.80 -1.93
C ASP F 145 -4.03 -27.92 -0.89
N ILE F 146 -3.86 -29.17 -1.32
CA ILE F 146 -3.93 -30.31 -0.42
C ILE F 146 -2.65 -30.48 0.37
N SER F 147 -1.52 -30.13 -0.24
CA SER F 147 -0.23 -30.61 0.26
C SER F 147 0.45 -29.53 1.07
N SER F 148 -0.03 -28.31 0.88
CA SER F 148 0.58 -27.19 1.58
C SER F 148 -0.40 -26.30 2.31
N TYR F 149 -1.37 -25.78 1.59
CA TYR F 149 -2.30 -24.84 2.21
C TYR F 149 -2.99 -25.51 3.38
N SER F 150 -3.27 -26.80 3.25
CA SER F 150 -3.97 -27.55 4.26
C SER F 150 -3.28 -27.45 5.63
N LEU F 151 -1.95 -27.37 5.64
CA LEU F 151 -1.25 -27.15 6.91
C LEU F 151 -1.70 -25.85 7.59
N THR F 152 -1.91 -24.79 6.82
CA THR F 152 -2.22 -23.47 7.36
C THR F 152 -3.60 -23.46 7.99
N ILE F 153 -4.58 -24.00 7.28
CA ILE F 153 -5.93 -24.04 7.83
C ILE F 153 -6.01 -25.00 9.02
N VAL F 154 -5.29 -26.12 8.98
CA VAL F 154 -5.35 -27.03 10.08
C VAL F 154 -4.78 -26.37 11.35
N ALA F 155 -3.61 -25.73 11.21
CA ALA F 155 -2.92 -25.04 12.30
C ALA F 155 -3.83 -23.96 12.87
N HIS F 156 -4.52 -23.24 12.01
CA HIS F 156 -5.40 -22.18 12.48
C HIS F 156 -6.53 -22.73 13.33
N GLU F 157 -7.06 -23.90 12.97
CA GLU F 157 -8.20 -24.49 13.69
C GLU F 157 -7.77 -25.29 14.90
N ALA F 158 -6.59 -25.91 14.81
CA ALA F 158 -6.04 -26.69 15.90
C ALA F 158 -5.60 -25.81 17.06
N LYS F 159 -5.07 -24.64 16.73
CA LYS F 159 -4.66 -23.67 17.74
C LYS F 159 -5.77 -23.33 18.76
N LYS F 160 -7.02 -23.33 18.34
CA LYS F 160 -8.11 -23.09 19.30
C LYS F 160 -8.20 -24.16 20.40
N LEU F 161 -7.67 -25.35 20.12
CA LEU F 161 -7.67 -26.47 21.06
C LEU F 161 -6.34 -26.62 21.80
N MET F 162 -5.49 -25.59 21.67
CA MET F 162 -4.20 -25.58 22.33
C MET F 162 -3.98 -24.27 23.09
N PRO F 163 -4.90 -23.89 24.00
CA PRO F 163 -4.77 -22.60 24.69
C PRO F 163 -3.43 -22.40 25.41
N GLU F 164 -2.80 -23.49 25.85
CA GLU F 164 -1.56 -23.40 26.61
C GLU F 164 -0.34 -23.82 25.80
N GLY F 165 -0.51 -24.00 24.50
CA GLY F 165 0.59 -24.35 23.62
C GLY F 165 0.50 -25.78 23.13
N GLY F 166 1.32 -26.10 22.14
CA GLY F 166 1.34 -27.45 21.62
C GLY F 166 2.28 -27.59 20.46
N SER F 167 2.06 -28.64 19.68
CA SER F 167 3.05 -28.96 18.65
C SER F 167 2.43 -29.50 17.36
N ILE F 168 2.96 -29.08 16.25
CA ILE F 168 2.40 -29.45 14.96
C ILE F 168 3.51 -29.89 14.04
N VAL F 169 3.33 -31.07 13.46
CA VAL F 169 4.38 -31.67 12.67
C VAL F 169 3.80 -31.97 11.30
N ALA F 170 4.54 -31.69 10.23
CA ALA F 170 4.11 -32.04 8.87
C ALA F 170 5.16 -32.95 8.20
N THR F 171 4.79 -33.67 7.16
CA THR F 171 5.69 -34.64 6.54
C THR F 171 6.17 -34.13 5.18
N THR F 172 7.48 -34.03 5.02
CA THR F 172 7.96 -33.50 3.74
C THR F 172 8.94 -34.50 3.13
N TYR F 173 9.53 -34.10 2.01
CA TYR F 173 10.47 -34.94 1.32
C TYR F 173 11.57 -34.05 0.72
N LEU F 174 12.78 -34.58 0.73
CA LEU F 174 13.95 -33.98 0.14
C LEU F 174 13.66 -33.32 -1.20
N GLY F 175 12.70 -33.82 -1.98
CA GLY F 175 12.41 -33.20 -3.28
C GLY F 175 11.80 -31.81 -3.16
N GLY F 176 11.51 -31.36 -1.94
CA GLY F 176 11.18 -29.94 -1.66
C GLY F 176 12.38 -29.00 -1.58
N GLU F 177 13.57 -29.58 -1.37
CA GLU F 177 14.77 -28.76 -1.28
C GLU F 177 15.63 -28.85 -2.56
N PHE F 178 15.51 -29.95 -3.31
CA PHE F 178 16.31 -30.17 -4.52
C PHE F 178 15.38 -30.71 -5.60
N ALA F 179 15.76 -30.52 -6.86
CA ALA F 179 14.99 -31.09 -7.95
C ALA F 179 15.39 -32.55 -8.11
N VAL F 180 14.42 -33.42 -7.90
CA VAL F 180 14.59 -34.85 -7.88
C VAL F 180 13.84 -35.35 -9.11
N GLN F 181 14.34 -36.35 -9.81
CA GLN F 181 13.68 -36.89 -11.01
C GLN F 181 12.26 -37.33 -10.69
N ASN F 182 11.30 -36.95 -11.54
CA ASN F 182 9.92 -37.43 -11.47
C ASN F 182 9.06 -36.86 -10.34
N TYR F 183 9.63 -36.19 -9.35
CA TYR F 183 8.79 -35.79 -8.25
C TYR F 183 8.04 -34.51 -8.61
N ASN F 184 8.56 -33.75 -9.58
CA ASN F 184 7.83 -32.69 -10.29
C ASN F 184 6.91 -31.78 -9.46
N VAL F 185 5.62 -31.72 -9.79
CA VAL F 185 4.69 -30.81 -9.13
C VAL F 185 4.71 -30.98 -7.61
N MET F 186 5.04 -32.16 -7.11
CA MET F 186 4.99 -32.37 -5.67
C MET F 186 6.24 -31.79 -4.95
N GLY F 187 7.36 -31.72 -5.68
CA GLY F 187 8.55 -31.00 -5.25
C GLY F 187 8.26 -29.54 -4.91
N VAL F 188 7.46 -28.88 -5.74
CA VAL F 188 7.21 -27.47 -5.60
C VAL F 188 6.20 -27.27 -4.48
N ALA F 189 5.26 -28.21 -4.32
CA ALA F 189 4.37 -28.23 -3.18
C ALA F 189 5.06 -28.50 -1.83
N LYS F 190 6.08 -29.36 -1.80
CA LYS F 190 6.86 -29.56 -0.58
C LYS F 190 7.77 -28.36 -0.27
N ALA F 191 8.24 -27.67 -1.30
CA ALA F 191 8.99 -26.43 -1.05
C ALA F 191 8.08 -25.39 -0.38
N SER F 192 6.86 -25.30 -0.90
CA SER F 192 5.81 -24.46 -0.33
C SER F 192 5.48 -24.93 1.08
N LEU F 193 5.39 -26.24 1.31
CA LEU F 193 5.01 -26.75 2.64
C LEU F 193 6.11 -26.42 3.68
N GLU F 194 7.39 -26.54 3.28
CA GLU F 194 8.44 -26.23 4.24
C GLU F 194 8.54 -24.74 4.55
N ALA F 195 8.18 -23.89 3.59
CA ALA F 195 8.11 -22.47 3.88
C ALA F 195 6.95 -22.22 4.82
N ASN F 196 5.87 -22.95 4.58
CA ASN F 196 4.64 -22.83 5.35
C ASN F 196 4.93 -23.15 6.82
N VAL F 197 5.73 -24.17 7.07
CA VAL F 197 6.18 -24.48 8.41
C VAL F 197 6.91 -23.33 9.09
N LYS F 198 7.80 -22.63 8.37
CA LYS F 198 8.57 -21.57 8.99
C LYS F 198 7.69 -20.37 9.28
N TYR F 199 6.84 -20.01 8.32
CA TYR F 199 5.91 -18.91 8.52
C TYR F 199 4.92 -19.25 9.62
N LEU F 200 4.49 -20.50 9.72
CA LEU F 200 3.62 -20.85 10.86
C LEU F 200 4.38 -20.81 12.17
N ALA F 201 5.64 -21.25 12.14
CA ALA F 201 6.50 -21.22 13.34
C ALA F 201 6.61 -19.81 13.89
N LEU F 202 6.81 -18.86 12.97
CA LEU F 202 7.04 -17.47 13.38
C LEU F 202 5.77 -16.86 13.94
N ASP F 203 4.64 -17.23 13.36
CA ASP F 203 3.32 -16.68 13.71
C ASP F 203 2.79 -17.27 15.02
N LEU F 204 2.97 -18.58 15.22
CA LEU F 204 2.34 -19.27 16.36
C LEU F 204 3.28 -19.43 17.53
N GLY F 205 4.55 -19.14 17.28
CA GLY F 205 5.59 -19.15 18.33
C GLY F 205 5.20 -18.40 19.59
N PRO F 206 4.62 -17.19 19.43
CA PRO F 206 4.26 -16.49 20.66
C PRO F 206 3.05 -17.08 21.41
N ASP F 207 2.26 -17.93 20.78
CA ASP F 207 1.21 -18.69 21.49
C ASP F 207 1.78 -19.98 22.03
N ASN F 208 3.09 -20.15 21.92
CA ASN F 208 3.80 -21.33 22.40
C ASN F 208 3.44 -22.61 21.62
N ILE F 209 3.10 -22.46 20.34
CA ILE F 209 2.84 -23.60 19.50
C ILE F 209 4.05 -23.78 18.61
N ARG F 210 4.65 -24.98 18.62
CA ARG F 210 5.81 -25.22 17.74
C ARG F 210 5.37 -25.84 16.43
N VAL F 211 6.03 -25.50 15.33
CA VAL F 211 5.70 -26.08 14.04
C VAL F 211 6.96 -26.59 13.35
N ASN F 212 6.97 -27.86 12.98
CA ASN F 212 8.19 -28.48 12.40
C ASN F 212 7.79 -29.47 11.33
N ALA F 213 8.80 -30.00 10.64
CA ALA F 213 8.63 -30.89 9.48
C ALA F 213 9.56 -32.06 9.68
N ILE F 214 9.10 -33.22 9.24
CA ILE F 214 9.94 -34.40 9.12
C ILE F 214 10.12 -34.70 7.65
N SER F 215 11.37 -34.69 7.23
CA SER F 215 11.71 -35.06 5.87
C SER F 215 11.95 -36.57 5.87
N ALA F 216 10.92 -37.33 5.53
CA ALA F 216 11.06 -38.77 5.50
C ALA F 216 11.85 -39.22 4.27
N GLY F 217 12.69 -40.25 4.43
CA GLY F 217 13.28 -40.92 3.29
C GLY F 217 12.19 -41.71 2.60
N PRO F 218 12.49 -42.34 1.46
CA PRO F 218 11.42 -43.05 0.74
C PRO F 218 10.96 -44.36 1.38
N ILE F 219 9.64 -44.55 1.41
CA ILE F 219 9.02 -45.65 2.10
C ILE F 219 7.89 -46.18 1.21
N ARG F 220 7.78 -47.50 1.07
CA ARG F 220 6.74 -48.05 0.18
C ARG F 220 5.36 -47.81 0.78
N THR F 221 4.60 -46.89 0.19
CA THR F 221 3.22 -46.64 0.63
C THR F 221 2.29 -46.62 -0.59
N LEU F 222 0.99 -46.55 -0.37
CA LEU F 222 0.03 -46.34 -1.45
C LEU F 222 0.36 -45.12 -2.34
N SER F 223 0.71 -43.99 -1.73
CA SER F 223 1.12 -42.80 -2.49
C SER F 223 2.46 -42.91 -3.24
N ALA F 224 3.39 -43.75 -2.78
CA ALA F 224 4.67 -43.91 -3.50
C ALA F 224 4.45 -44.39 -4.93
N LYS F 225 3.37 -45.13 -5.11
CA LYS F 225 3.01 -45.62 -6.42
C LYS F 225 2.71 -44.49 -7.42
N GLY F 226 2.76 -43.23 -7.00
CA GLY F 226 2.54 -42.17 -7.95
C GLY F 226 3.85 -41.50 -8.30
N VAL F 227 4.91 -41.87 -7.60
CA VAL F 227 6.20 -41.33 -7.93
C VAL F 227 6.93 -42.21 -8.96
N GLY F 228 7.02 -41.79 -10.21
CA GLY F 228 7.83 -42.50 -11.20
C GLY F 228 9.17 -42.91 -10.63
N GLY F 229 9.70 -44.05 -11.06
CA GLY F 229 11.01 -44.52 -10.58
C GLY F 229 11.16 -44.72 -9.08
N PHE F 230 10.09 -44.93 -8.32
CA PHE F 230 10.24 -45.23 -6.90
C PHE F 230 11.25 -46.34 -6.52
N ASN F 231 11.11 -47.52 -7.10
CA ASN F 231 12.08 -48.60 -6.90
C ASN F 231 13.55 -48.16 -7.04
N THR F 232 13.89 -47.35 -8.04
CA THR F 232 15.28 -46.97 -8.19
C THR F 232 15.75 -45.94 -7.15
N ILE F 233 14.80 -45.31 -6.45
CA ILE F 233 15.07 -44.32 -5.40
C ILE F 233 15.36 -45.08 -4.12
N LEU F 234 14.52 -46.06 -3.83
CA LEU F 234 14.78 -46.96 -2.73
C LEU F 234 16.21 -47.51 -2.82
N LYS F 235 16.57 -48.03 -3.99
CA LYS F 235 17.86 -48.70 -4.09
C LYS F 235 19.00 -47.69 -4.02
N GLU F 236 18.76 -46.43 -4.39
CA GLU F 236 19.85 -45.47 -4.36
C GLU F 236 20.20 -45.10 -2.91
N ILE F 237 19.19 -45.06 -2.05
CA ILE F 237 19.43 -44.90 -0.61
C ILE F 237 20.35 -45.99 -0.04
N GLU F 238 20.06 -47.27 -0.33
CA GLU F 238 20.78 -48.40 0.24
C GLU F 238 22.23 -48.33 -0.16
N GLU F 239 22.48 -47.82 -1.36
CA GLU F 239 23.83 -47.81 -1.89
C GLU F 239 24.60 -46.57 -1.46
N ARG F 240 23.90 -45.46 -1.23
CA ARG F 240 24.61 -44.21 -1.03
C ARG F 240 24.42 -43.53 0.32
N ALA F 241 23.28 -43.75 0.98
CA ALA F 241 22.96 -43.03 2.20
C ALA F 241 24.00 -43.47 3.23
N PRO F 242 24.46 -42.55 4.09
CA PRO F 242 25.44 -42.95 5.09
C PRO F 242 25.08 -44.25 5.80
N LEU F 243 23.81 -44.46 6.17
CA LEU F 243 23.44 -45.65 6.95
C LEU F 243 23.24 -46.86 6.07
N LYS F 244 23.23 -46.63 4.76
CA LYS F 244 23.18 -47.70 3.77
C LYS F 244 21.97 -48.61 3.92
N ARG F 245 20.82 -48.06 4.25
CA ARG F 245 19.62 -48.87 4.37
C ARG F 245 18.46 -47.84 4.31
N ASN F 246 17.26 -48.32 4.00
CA ASN F 246 16.11 -47.46 3.96
C ASN F 246 15.51 -47.33 5.34
N VAL F 247 14.64 -46.32 5.54
CA VAL F 247 13.99 -46.14 6.84
C VAL F 247 12.59 -46.71 6.76
N ASP F 248 11.88 -46.71 7.88
CA ASP F 248 10.51 -47.14 7.86
C ASP F 248 9.63 -46.19 8.64
N GLN F 249 8.36 -46.55 8.72
CA GLN F 249 7.32 -45.69 9.24
C GLN F 249 7.50 -45.47 10.73
N VAL F 250 7.88 -46.52 11.46
CA VAL F 250 8.19 -46.42 12.89
C VAL F 250 9.34 -45.42 13.15
N GLU F 251 10.35 -45.40 12.27
CA GLU F 251 11.44 -44.44 12.45
C GLU F 251 10.94 -43.02 12.35
N VAL F 252 9.96 -42.77 11.48
CA VAL F 252 9.40 -41.42 11.39
C VAL F 252 8.56 -41.15 12.62
N GLY F 253 7.83 -42.16 13.09
CA GLY F 253 7.06 -42.03 14.31
C GLY F 253 7.94 -41.76 15.53
N LYS F 254 9.10 -42.39 15.62
CA LYS F 254 9.95 -42.08 16.78
C LYS F 254 10.41 -40.63 16.73
N THR F 255 10.72 -40.08 15.55
CA THR F 255 11.06 -38.66 15.48
C THR F 255 9.85 -37.74 15.70
N ALA F 256 8.68 -38.10 15.20
CA ALA F 256 7.44 -37.41 15.57
C ALA F 256 7.14 -37.35 17.08
N ALA F 257 7.40 -38.45 17.79
CA ALA F 257 7.24 -38.48 19.24
C ALA F 257 8.11 -37.40 19.88
N TYR F 258 9.33 -37.27 19.35
CA TYR F 258 10.26 -36.29 19.86
C TYR F 258 9.71 -34.86 19.64
N LEU F 259 9.32 -34.59 18.40
CA LEU F 259 8.82 -33.29 17.99
C LEU F 259 7.49 -32.94 18.67
N LEU F 260 6.70 -33.93 19.08
CA LEU F 260 5.35 -33.66 19.58
C LEU F 260 5.43 -33.56 21.10
N SER F 261 6.56 -33.98 21.65
CA SER F 261 6.67 -34.04 23.09
C SER F 261 7.50 -32.85 23.57
N ASP F 262 7.57 -32.72 24.90
CA ASP F 262 8.36 -31.69 25.53
C ASP F 262 9.87 -31.86 25.34
N LEU F 263 10.30 -32.95 24.72
CA LEU F 263 11.72 -33.16 24.52
C LEU F 263 12.24 -32.14 23.53
N SER F 264 11.38 -31.68 22.63
CA SER F 264 11.84 -30.79 21.59
C SER F 264 11.42 -29.35 21.90
N SER F 265 11.33 -28.98 23.18
N SER F 265 11.16 -29.04 23.17
CA SER F 265 10.72 -27.70 23.56
CA SER F 265 11.04 -27.65 23.55
C SER F 265 11.36 -26.42 22.99
C SER F 265 12.32 -26.96 23.13
N GLY F 266 12.65 -26.45 22.71
N GLY F 266 12.20 -25.72 22.67
CA GLY F 266 13.34 -25.30 22.13
CA GLY F 266 13.32 -25.05 22.02
C GLY F 266 13.46 -25.39 20.61
C GLY F 266 13.33 -25.22 20.50
N VAL F 267 12.69 -26.27 20.00
CA VAL F 267 12.83 -26.53 18.58
C VAL F 267 11.60 -26.09 17.81
N THR F 268 11.75 -25.16 16.87
CA THR F 268 10.61 -24.85 16.02
C THR F 268 11.10 -24.34 14.67
N GLY F 269 10.28 -24.45 13.64
CA GLY F 269 10.67 -23.98 12.32
C GLY F 269 11.73 -24.90 11.73
N GLU F 270 11.87 -26.09 12.32
CA GLU F 270 12.93 -27.01 11.95
C GLU F 270 12.48 -28.08 10.95
N ASN F 271 13.43 -28.64 10.21
CA ASN F 271 13.13 -29.71 9.25
C ASN F 271 14.02 -30.92 9.53
N ILE F 272 13.51 -31.93 10.23
CA ILE F 272 14.40 -33.04 10.59
C ILE F 272 14.36 -34.16 9.57
N HIS F 273 15.53 -34.44 9.01
CA HIS F 273 15.66 -35.49 8.00
C HIS F 273 15.74 -36.88 8.64
N VAL F 274 14.71 -37.69 8.41
CA VAL F 274 14.73 -39.08 8.84
C VAL F 274 14.93 -39.95 7.59
N ASP F 275 16.15 -39.91 7.07
CA ASP F 275 16.40 -40.50 5.78
C ASP F 275 17.74 -41.23 5.73
N SER F 276 18.23 -41.75 6.85
CA SER F 276 19.52 -42.43 6.82
C SER F 276 20.73 -41.56 6.42
N GLY F 277 20.56 -40.24 6.50
CA GLY F 277 21.64 -39.29 6.20
C GLY F 277 21.79 -38.93 4.72
N PHE F 278 20.85 -39.40 3.90
CA PHE F 278 20.91 -39.11 2.48
C PHE F 278 20.94 -37.62 2.15
N HIS F 279 20.25 -36.78 2.92
CA HIS F 279 20.23 -35.34 2.65
C HIS F 279 21.63 -34.72 2.71
N ALA F 280 22.57 -35.41 3.33
CA ALA F 280 23.85 -34.77 3.67
C ALA F 280 24.94 -35.12 2.68
N ILE F 281 24.64 -35.93 1.67
CA ILE F 281 25.67 -36.40 0.74
C ILE F 281 25.36 -35.95 -0.69
N LYS F 282 26.40 -35.86 -1.51
CA LYS F 282 26.22 -35.77 -2.97
C LYS F 282 27.09 -36.82 -3.68
N VAL G 28 12.24 -43.09 25.40
CA VAL G 28 13.61 -42.66 25.81
C VAL G 28 13.97 -43.12 27.25
N ASN G 29 13.97 -44.42 27.52
CA ASN G 29 14.68 -44.88 28.70
C ASN G 29 16.13 -45.34 28.44
N LEU G 30 17.08 -44.79 29.19
CA LEU G 30 18.49 -45.05 28.93
C LEU G 30 19.22 -45.86 30.02
N GLU G 31 18.50 -46.73 30.74
CA GLU G 31 19.15 -47.61 31.70
C GLU G 31 20.01 -48.60 30.93
N ASN G 32 21.20 -48.88 31.44
CA ASN G 32 22.16 -49.75 30.77
C ASN G 32 22.70 -49.14 29.49
N LYS G 33 22.58 -47.82 29.36
CA LYS G 33 23.37 -47.05 28.41
C LYS G 33 24.50 -46.29 29.10
N THR G 34 25.58 -46.07 28.35
CA THR G 34 26.77 -45.38 28.84
C THR G 34 27.18 -44.34 27.81
N TYR G 35 27.25 -43.08 28.26
CA TYR G 35 27.68 -41.96 27.45
C TYR G 35 28.90 -41.21 28.01
N VAL G 36 29.82 -40.85 27.13
CA VAL G 36 30.93 -40.00 27.48
C VAL G 36 30.54 -38.55 27.22
N ILE G 37 30.55 -37.73 28.27
CA ILE G 37 30.33 -36.29 28.08
C ILE G 37 31.63 -35.48 28.16
N MET G 38 31.99 -34.85 27.04
CA MET G 38 33.23 -34.07 26.96
C MET G 38 32.94 -32.58 27.06
N GLY G 39 33.52 -31.90 28.05
CA GLY G 39 33.42 -30.44 28.10
C GLY G 39 32.54 -29.79 29.15
N ILE G 40 32.43 -30.37 30.34
CA ILE G 40 31.86 -29.66 31.47
C ILE G 40 32.95 -28.86 32.17
N ALA G 41 32.75 -27.56 32.35
CA ALA G 41 33.62 -26.75 33.18
C ALA G 41 32.93 -26.21 34.45
N ASN G 42 31.62 -25.96 34.40
CA ASN G 42 30.95 -25.53 35.63
C ASN G 42 29.44 -25.75 35.55
N LYS G 43 28.68 -25.23 36.51
CA LYS G 43 27.23 -25.53 36.53
C LYS G 43 26.49 -25.00 35.28
N ARG G 44 27.06 -24.01 34.60
CA ARG G 44 26.45 -23.30 33.47
CA ARG G 44 26.38 -23.37 33.49
C ARG G 44 26.80 -23.98 32.14
N SER G 45 27.69 -24.95 32.16
CA SER G 45 28.09 -25.56 30.91
C SER G 45 26.91 -26.17 30.17
N ILE G 46 26.90 -26.06 28.86
CA ILE G 46 25.91 -26.78 28.05
C ILE G 46 25.99 -28.29 28.29
N ALA G 47 27.21 -28.80 28.41
CA ALA G 47 27.38 -30.22 28.68
C ALA G 47 26.76 -30.64 30.01
N PHE G 48 26.71 -29.77 31.01
CA PHE G 48 26.07 -30.17 32.25
C PHE G 48 24.54 -30.23 32.10
N GLY G 49 24.00 -29.45 31.17
CA GLY G 49 22.60 -29.64 30.82
C GLY G 49 22.36 -31.03 30.25
N VAL G 50 23.24 -31.47 29.36
CA VAL G 50 23.14 -32.82 28.81
C VAL G 50 23.18 -33.83 29.96
N ALA G 51 24.18 -33.68 30.83
CA ALA G 51 24.35 -34.61 31.93
C ALA G 51 23.10 -34.78 32.82
N LYS G 52 22.49 -33.68 33.27
CA LYS G 52 21.28 -33.79 34.08
C LYS G 52 20.20 -34.55 33.34
N VAL G 53 20.09 -34.35 32.03
CA VAL G 53 19.02 -35.03 31.31
C VAL G 53 19.31 -36.51 31.18
N LEU G 54 20.54 -36.86 30.79
CA LEU G 54 20.88 -38.27 30.59
C LEU G 54 20.85 -39.02 31.93
N ASP G 55 21.18 -38.32 33.02
CA ASP G 55 21.35 -38.93 34.31
C ASP G 55 19.94 -39.17 34.85
N GLN G 56 19.05 -38.21 34.58
CA GLN G 56 17.64 -38.32 34.92
C GLN G 56 16.94 -39.52 34.24
N LEU G 57 17.45 -39.93 33.09
CA LEU G 57 16.84 -41.01 32.34
C LEU G 57 17.54 -42.33 32.61
N GLY G 58 18.47 -42.38 33.55
CA GLY G 58 19.07 -43.66 33.96
C GLY G 58 20.37 -44.12 33.32
N ALA G 59 20.98 -43.28 32.50
CA ALA G 59 22.27 -43.60 31.86
C ALA G 59 23.42 -43.61 32.85
N LYS G 60 24.45 -44.38 32.49
CA LYS G 60 25.76 -44.28 33.12
C LYS G 60 26.59 -43.28 32.33
N LEU G 61 27.20 -42.34 33.05
CA LEU G 61 28.01 -41.29 32.44
C LEU G 61 29.49 -41.33 32.82
N VAL G 62 30.29 -40.93 31.85
CA VAL G 62 31.72 -40.83 32.01
C VAL G 62 31.93 -39.38 31.60
N PHE G 63 32.81 -38.67 32.30
CA PHE G 63 33.11 -37.27 32.02
C PHE G 63 34.57 -37.03 31.68
N THR G 64 34.84 -36.17 30.70
CA THR G 64 36.21 -35.76 30.43
C THR G 64 36.38 -34.25 30.57
N TYR G 65 37.59 -33.83 30.92
CA TYR G 65 37.84 -32.42 31.22
C TYR G 65 39.28 -32.06 30.87
N ARG G 66 39.57 -30.77 30.79
CA ARG G 66 40.94 -30.34 30.52
C ARG G 66 41.64 -29.84 31.77
N LYS G 67 41.04 -28.89 32.47
CA LYS G 67 41.66 -28.14 33.55
C LYS G 67 41.37 -28.78 34.91
N GLU G 68 42.33 -28.77 35.81
CA GLU G 68 42.00 -29.33 37.11
CA GLU G 68 42.13 -29.16 37.21
C GLU G 68 40.83 -28.55 37.74
N ARG G 69 40.67 -27.26 37.44
CA ARG G 69 39.49 -26.56 37.94
C ARG G 69 38.20 -27.26 37.53
N SER G 70 38.15 -27.78 36.32
CA SER G 70 36.96 -28.43 35.79
C SER G 70 36.69 -29.80 36.47
N ARG G 71 37.76 -30.54 36.77
CA ARG G 71 37.59 -31.77 37.53
C ARG G 71 36.98 -31.45 38.90
N LYS G 72 37.48 -30.40 39.57
CA LYS G 72 36.94 -30.00 40.86
C LYS G 72 35.44 -29.65 40.79
N GLU G 73 35.03 -28.90 39.75
CA GLU G 73 33.63 -28.57 39.57
C GLU G 73 32.80 -29.83 39.33
N LEU G 74 33.36 -30.77 38.56
CA LEU G 74 32.72 -32.06 38.28
C LEU G 74 32.51 -32.87 39.55
N GLU G 75 33.50 -32.89 40.43
CA GLU G 75 33.35 -33.64 41.66
C GLU G 75 32.20 -33.06 42.50
N LYS G 76 32.10 -31.74 42.57
CA LYS G 76 31.00 -31.05 43.25
C LYS G 76 29.63 -31.27 42.56
N LEU G 77 29.59 -31.18 41.23
CA LEU G 77 28.33 -31.36 40.50
C LEU G 77 27.82 -32.80 40.46
N LEU G 78 28.72 -33.78 40.47
CA LEU G 78 28.31 -35.17 40.62
C LEU G 78 27.46 -35.46 41.86
N GLU G 79 27.57 -34.64 42.90
CA GLU G 79 26.75 -34.82 44.10
C GLU G 79 25.28 -34.46 43.86
N GLN G 80 25.00 -33.86 42.70
CA GLN G 80 23.63 -33.57 42.26
C GLN G 80 23.00 -34.64 41.39
N LEU G 81 23.83 -35.48 40.79
CA LEU G 81 23.43 -36.58 39.91
C LEU G 81 23.17 -37.90 40.65
N ASN G 82 22.66 -38.87 39.91
CA ASN G 82 22.32 -40.19 40.44
C ASN G 82 23.50 -41.13 40.28
N GLN G 83 24.44 -40.76 39.42
CA GLN G 83 25.67 -41.53 39.23
C GLN G 83 26.23 -42.05 40.54
N PRO G 84 26.30 -43.39 40.66
CA PRO G 84 26.73 -43.93 41.94
C PRO G 84 28.24 -43.86 42.05
N GLU G 85 28.93 -43.75 40.93
CA GLU G 85 30.37 -43.51 41.00
C GLU G 85 30.89 -42.54 39.94
N ALA G 86 32.00 -41.89 40.28
CA ALA G 86 32.50 -40.77 39.50
C ALA G 86 33.47 -41.37 38.52
N HIS G 87 33.19 -41.26 37.23
CA HIS G 87 34.13 -41.68 36.20
C HIS G 87 34.74 -40.48 35.50
N LEU G 88 35.95 -40.04 35.84
CA LEU G 88 36.50 -38.78 35.28
C LEU G 88 37.86 -38.91 34.60
N TYR G 89 37.99 -38.39 33.39
CA TYR G 89 39.23 -38.52 32.63
C TYR G 89 39.72 -37.16 32.08
N GLN G 90 40.98 -36.85 32.30
CA GLN G 90 41.56 -35.62 31.82
C GLN G 90 41.92 -35.90 30.39
N ILE G 91 41.24 -35.24 29.47
CA ILE G 91 41.58 -35.31 28.07
C ILE G 91 41.61 -33.88 27.57
N ASP G 92 42.81 -33.39 27.32
CA ASP G 92 43.03 -32.27 26.40
C ASP G 92 42.96 -32.74 24.95
N VAL G 93 41.93 -32.31 24.22
CA VAL G 93 41.85 -32.71 22.81
C VAL G 93 42.96 -32.17 21.86
N GLN G 94 43.84 -31.26 22.31
CA GLN G 94 45.00 -30.91 21.49
C GLN G 94 46.08 -32.02 21.37
N SER G 95 45.97 -33.07 22.18
CA SER G 95 46.99 -34.11 22.22
C SER G 95 46.42 -35.42 21.70
N ASP G 96 46.98 -35.91 20.60
CA ASP G 96 46.58 -37.21 20.08
C ASP G 96 46.66 -38.26 21.19
N GLU G 97 47.79 -38.27 21.89
CA GLU G 97 48.01 -39.24 22.98
C GLU G 97 46.96 -39.17 24.08
N GLU G 98 46.53 -37.96 24.44
CA GLU G 98 45.63 -37.85 25.57
C GLU G 98 44.24 -38.38 25.24
N VAL G 99 43.75 -38.08 24.04
CA VAL G 99 42.50 -38.64 23.48
C VAL G 99 42.60 -40.17 23.29
N ILE G 100 43.70 -40.62 22.67
CA ILE G 100 43.90 -42.04 22.40
C ILE G 100 43.94 -42.83 23.71
N ASN G 101 44.79 -42.42 24.64
CA ASN G 101 44.87 -43.12 25.93
C ASN G 101 43.67 -42.89 26.81
N GLY G 102 43.02 -41.73 26.68
CA GLY G 102 41.80 -41.42 27.43
C GLY G 102 40.66 -42.38 27.13
N PHE G 103 40.30 -42.52 25.86
CA PHE G 103 39.24 -43.47 25.48
C PHE G 103 39.60 -44.92 25.75
N GLU G 104 40.85 -45.27 25.46
CA GLU G 104 41.28 -46.64 25.69
C GLU G 104 41.08 -47.01 27.17
N GLN G 105 41.39 -46.05 28.04
CA GLN G 105 41.23 -46.20 29.48
C GLN G 105 39.77 -46.28 29.86
N ILE G 106 38.96 -45.36 29.30
CA ILE G 106 37.53 -45.41 29.50
C ILE G 106 36.99 -46.78 29.15
N GLY G 107 37.44 -47.34 28.03
CA GLY G 107 36.97 -48.65 27.60
C GLY G 107 37.23 -49.71 28.65
N LYS G 108 38.38 -49.63 29.31
CA LYS G 108 38.77 -50.66 30.27
C LYS G 108 38.09 -50.46 31.62
N ASP G 109 37.69 -49.23 31.92
CA ASP G 109 37.02 -48.93 33.18
C ASP G 109 35.52 -49.21 33.17
N VAL G 110 34.85 -48.90 32.05
CA VAL G 110 33.39 -49.10 31.94
C VAL G 110 32.98 -50.06 30.83
N GLY G 111 33.92 -50.50 29.99
CA GLY G 111 33.54 -51.31 28.84
C GLY G 111 33.05 -50.47 27.67
N ASN G 112 32.28 -51.08 26.78
CA ASN G 112 31.70 -50.41 25.61
C ASN G 112 30.72 -49.28 25.91
N ILE G 113 30.73 -48.24 25.09
CA ILE G 113 29.83 -47.11 25.28
C ILE G 113 28.74 -47.02 24.20
N ASP G 114 27.73 -46.20 24.50
CA ASP G 114 26.64 -45.98 23.54
C ASP G 114 26.72 -44.67 22.75
N GLY G 115 27.48 -43.71 23.25
CA GLY G 115 27.65 -42.47 22.51
C GLY G 115 28.58 -41.50 23.21
N VAL G 116 28.83 -40.39 22.54
CA VAL G 116 29.71 -39.30 23.00
C VAL G 116 28.96 -37.98 22.76
N TYR G 117 28.95 -37.15 23.79
CA TYR G 117 28.47 -35.81 23.61
C TYR G 117 29.67 -34.87 23.65
N HIS G 118 29.98 -34.26 22.51
CA HIS G 118 31.13 -33.40 22.38
C HIS G 118 30.69 -31.94 22.50
N SER G 119 31.24 -31.23 23.48
CA SER G 119 30.82 -29.87 23.80
C SER G 119 32.09 -29.05 24.01
N ILE G 120 33.00 -29.11 23.06
CA ILE G 120 34.34 -28.57 23.27
C ILE G 120 34.63 -27.53 22.21
N ALA G 121 35.12 -26.37 22.63
CA ALA G 121 35.53 -25.34 21.68
C ALA G 121 36.50 -24.35 22.30
N PHE G 122 37.31 -23.67 21.48
CA PHE G 122 38.18 -22.63 22.01
C PHE G 122 38.68 -21.69 20.91
N ALA G 123 38.73 -20.40 21.22
CA ALA G 123 39.46 -19.43 20.41
C ALA G 123 40.01 -18.43 21.40
N ASN G 124 41.15 -17.80 21.09
CA ASN G 124 41.64 -16.65 21.84
C ASN G 124 40.64 -15.49 21.78
N MET G 125 40.52 -14.74 22.88
CA MET G 125 39.74 -13.51 22.91
C MET G 125 40.09 -12.48 21.84
N GLU G 126 41.36 -12.21 21.59
CA GLU G 126 41.72 -11.34 20.46
C GLU G 126 40.89 -11.67 19.19
N ASP G 127 40.53 -12.94 18.99
CA ASP G 127 39.97 -13.34 17.71
C ASP G 127 38.46 -13.49 17.80
N LEU G 128 37.83 -12.81 18.76
CA LEU G 128 36.39 -12.99 18.94
C LEU G 128 35.65 -11.65 19.06
N ARG G 129 36.22 -10.67 18.35
CA ARG G 129 35.76 -9.27 18.37
C ARG G 129 36.55 -8.47 17.36
N GLY G 130 36.09 -7.25 17.06
CA GLY G 130 36.70 -6.44 15.99
C GLY G 130 36.77 -7.17 14.65
N ARG G 131 37.87 -7.02 13.92
CA ARG G 131 37.92 -7.33 12.49
C ARG G 131 38.41 -8.74 12.22
N PHE G 132 37.63 -9.49 11.45
CA PHE G 132 37.97 -10.89 11.14
C PHE G 132 39.13 -10.95 10.16
N SER G 133 39.26 -9.94 9.30
CA SER G 133 40.34 -9.95 8.32
C SER G 133 41.70 -9.83 9.00
N GLU G 134 41.72 -9.55 10.31
CA GLU G 134 42.98 -9.39 11.06
C GLU G 134 43.35 -10.64 11.88
N THR G 135 42.53 -11.68 11.83
CA THR G 135 42.85 -12.97 12.45
C THR G 135 44.26 -13.46 12.08
N SER G 136 45.01 -13.92 13.07
CA SER G 136 46.32 -14.55 12.90
C SER G 136 46.18 -16.00 12.48
N ARG G 137 47.15 -16.50 11.71
CA ARG G 137 47.24 -17.94 11.39
C ARG G 137 47.13 -18.81 12.63
N GLU G 138 47.96 -18.50 13.62
CA GLU G 138 48.02 -19.28 14.85
C GLU G 138 46.64 -19.31 15.55
N GLY G 139 45.95 -18.16 15.59
CA GLY G 139 44.63 -18.03 16.17
C GLY G 139 43.59 -18.83 15.42
N PHE G 140 43.73 -18.85 14.10
CA PHE G 140 42.81 -19.58 13.24
C PHE G 140 43.01 -21.08 13.35
N LEU G 141 44.25 -21.56 13.24
CA LEU G 141 44.49 -23.00 13.35
C LEU G 141 44.15 -23.55 14.74
N LEU G 142 44.43 -22.77 15.79
CA LEU G 142 44.08 -23.14 17.16
C LEU G 142 42.58 -23.39 17.32
N ALA G 143 41.73 -22.50 16.80
CA ALA G 143 40.28 -22.72 16.86
C ALA G 143 39.82 -23.96 16.09
N GLN G 144 40.35 -24.16 14.88
CA GLN G 144 40.10 -25.32 14.03
C GLN G 144 40.50 -26.62 14.75
N ASP G 145 41.67 -26.60 15.40
CA ASP G 145 42.24 -27.76 16.07
C ASP G 145 41.34 -28.22 17.23
N ILE G 146 40.96 -27.29 18.09
CA ILE G 146 40.20 -27.64 19.29
C ILE G 146 38.74 -27.87 18.95
N SER G 147 38.21 -27.03 18.06
CA SER G 147 36.78 -26.89 17.89
C SER G 147 36.23 -27.80 16.80
N SER G 148 37.09 -28.25 15.89
CA SER G 148 36.61 -29.06 14.76
C SER G 148 37.33 -30.40 14.66
N TYR G 149 38.65 -30.39 14.52
CA TYR G 149 39.43 -31.62 14.42
C TYR G 149 39.26 -32.53 15.63
N SER G 150 39.13 -31.96 16.84
CA SER G 150 38.92 -32.79 18.02
C SER G 150 37.76 -33.76 17.80
N LEU G 151 36.72 -33.37 17.07
CA LEU G 151 35.60 -34.29 16.82
C LEU G 151 36.00 -35.51 16.02
N THR G 152 36.89 -35.33 15.04
CA THR G 152 37.34 -36.40 14.16
C THR G 152 38.16 -37.46 14.90
N ILE G 153 39.11 -36.98 15.70
CA ILE G 153 39.97 -37.90 16.43
C ILE G 153 39.18 -38.53 17.57
N VAL G 154 38.29 -37.79 18.21
CA VAL G 154 37.44 -38.41 19.24
C VAL G 154 36.54 -39.51 18.64
N ALA G 155 35.96 -39.27 17.46
CA ALA G 155 35.11 -40.26 16.81
C ALA G 155 35.94 -41.50 16.48
N HIS G 156 37.13 -41.30 15.94
CA HIS G 156 37.97 -42.44 15.57
C HIS G 156 38.30 -43.33 16.76
N GLU G 157 38.53 -42.74 17.93
CA GLU G 157 38.88 -43.52 19.12
C GLU G 157 37.64 -44.04 19.80
N ALA G 158 36.56 -43.28 19.75
CA ALA G 158 35.30 -43.74 20.31
C ALA G 158 34.67 -44.88 19.50
N LYS G 159 34.87 -44.88 18.19
CA LYS G 159 34.41 -45.99 17.36
C LYS G 159 34.89 -47.34 17.93
N LYS G 160 36.11 -47.36 18.48
CA LYS G 160 36.67 -48.57 19.07
C LYS G 160 35.87 -49.16 20.25
N LEU G 161 35.12 -48.30 20.94
CA LEU G 161 34.24 -48.71 22.05
C LEU G 161 32.76 -48.85 21.65
N MET G 162 32.47 -48.79 20.36
CA MET G 162 31.08 -48.94 19.92
C MET G 162 30.98 -50.02 18.83
N PRO G 163 31.45 -51.26 19.13
CA PRO G 163 31.47 -52.31 18.10
C PRO G 163 30.08 -52.56 17.47
N GLU G 164 29.04 -52.22 18.23
CA GLU G 164 27.67 -52.54 17.91
C GLU G 164 26.89 -51.37 17.27
N GLY G 165 27.55 -50.22 17.12
CA GLY G 165 26.92 -48.97 16.76
C GLY G 165 26.84 -48.00 17.92
N GLY G 166 26.46 -46.77 17.64
CA GLY G 166 26.30 -45.79 18.69
C GLY G 166 26.00 -44.45 18.08
N SER G 167 26.12 -43.40 18.91
CA SER G 167 25.68 -42.07 18.51
C SER G 167 26.63 -40.97 18.99
N ILE G 168 27.04 -40.08 18.10
CA ILE G 168 27.96 -39.01 18.46
C ILE G 168 27.33 -37.65 18.13
N VAL G 169 27.37 -36.74 19.10
CA VAL G 169 26.71 -35.44 18.95
C VAL G 169 27.69 -34.32 19.31
N ALA G 170 27.75 -33.29 18.46
CA ALA G 170 28.61 -32.15 18.71
C ALA G 170 27.77 -30.85 18.80
N THR G 171 28.38 -29.81 19.36
CA THR G 171 27.60 -28.65 19.68
C THR G 171 28.08 -27.54 18.76
N THR G 172 27.17 -26.98 17.96
CA THR G 172 27.56 -25.88 17.09
C THR G 172 26.72 -24.63 17.32
N TYR G 173 26.95 -23.58 16.54
CA TYR G 173 26.17 -22.35 16.65
C TYR G 173 25.89 -21.87 15.22
N LEU G 174 24.74 -21.23 15.03
CA LEU G 174 24.32 -20.55 13.80
C LEU G 174 25.43 -19.79 13.11
N GLY G 175 26.33 -19.20 13.89
CA GLY G 175 27.49 -18.50 13.32
C GLY G 175 28.37 -19.33 12.39
N GLY G 176 28.22 -20.65 12.44
CA GLY G 176 28.82 -21.53 11.45
C GLY G 176 28.14 -21.52 10.09
N GLU G 177 26.89 -21.07 10.02
CA GLU G 177 26.19 -21.09 8.74
C GLU G 177 26.04 -19.71 8.15
N PHE G 178 26.14 -18.66 8.97
CA PHE G 178 26.06 -17.27 8.53
C PHE G 178 27.15 -16.45 9.22
N ALA G 179 27.59 -15.38 8.58
CA ALA G 179 28.52 -14.45 9.17
C ALA G 179 27.75 -13.60 10.15
N VAL G 180 28.02 -13.85 11.42
CA VAL G 180 27.45 -13.18 12.58
C VAL G 180 28.53 -12.23 13.12
N GLN G 181 28.17 -11.05 13.60
CA GLN G 181 29.15 -10.08 14.10
C GLN G 181 29.93 -10.66 15.33
N ASN G 182 31.24 -10.44 15.38
CA ASN G 182 32.12 -10.81 16.52
C ASN G 182 32.50 -12.29 16.65
N TYR G 183 31.69 -13.19 16.11
CA TYR G 183 31.98 -14.60 16.27
C TYR G 183 33.17 -15.03 15.39
N ASN G 184 33.39 -14.31 14.29
CA ASN G 184 34.72 -14.30 13.64
C ASN G 184 35.43 -15.66 13.48
N VAL G 185 36.59 -15.87 14.09
CA VAL G 185 37.31 -17.11 13.89
C VAL G 185 36.53 -18.35 14.39
N MET G 186 35.59 -18.18 15.32
CA MET G 186 34.88 -19.37 15.75
C MET G 186 33.80 -19.79 14.73
N GLY G 187 33.27 -18.83 13.98
CA GLY G 187 32.30 -19.16 12.94
C GLY G 187 32.90 -20.01 11.83
N VAL G 188 34.15 -19.75 11.47
CA VAL G 188 34.79 -20.55 10.45
C VAL G 188 35.10 -21.91 11.07
N ALA G 189 35.39 -21.94 12.37
CA ALA G 189 35.60 -23.21 13.05
C ALA G 189 34.31 -24.02 13.11
N LYS G 190 33.16 -23.38 13.36
CA LYS G 190 31.91 -24.13 13.41
C LYS G 190 31.48 -24.58 12.01
N ALA G 191 31.85 -23.84 10.97
CA ALA G 191 31.48 -24.31 9.63
C ALA G 191 32.19 -25.62 9.33
N SER G 192 33.47 -25.62 9.69
CA SER G 192 34.33 -26.76 9.66
C SER G 192 33.76 -27.94 10.45
N LEU G 193 33.33 -27.70 11.69
CA LEU G 193 32.72 -28.72 12.56
C LEU G 193 31.48 -29.36 11.90
N GLU G 194 30.56 -28.55 11.43
CA GLU G 194 29.41 -29.05 10.73
C GLU G 194 29.77 -29.89 9.48
N ALA G 195 30.85 -29.57 8.77
CA ALA G 195 31.17 -30.40 7.62
C ALA G 195 31.78 -31.70 8.13
N ASN G 196 32.54 -31.58 9.21
CA ASN G 196 33.15 -32.68 9.91
C ASN G 196 32.09 -33.68 10.32
N VAL G 197 30.94 -33.17 10.73
CA VAL G 197 29.82 -34.02 11.11
C VAL G 197 29.27 -34.78 9.90
N LYS G 198 29.16 -34.10 8.77
CA LYS G 198 28.67 -34.77 7.58
C LYS G 198 29.62 -35.84 7.07
N TYR G 199 30.91 -35.51 7.05
CA TYR G 199 31.89 -36.43 6.55
C TYR G 199 32.02 -37.62 7.51
N LEU G 200 31.89 -37.38 8.81
CA LEU G 200 31.92 -38.49 9.77
C LEU G 200 30.67 -39.35 9.64
N ALA G 201 29.50 -38.72 9.53
CA ALA G 201 28.26 -39.43 9.25
C ALA G 201 28.40 -40.40 8.08
N LEU G 202 29.04 -39.94 7.01
CA LEU G 202 29.12 -40.76 5.79
C LEU G 202 30.06 -41.96 5.98
N ASP G 203 31.17 -41.67 6.63
CA ASP G 203 32.27 -42.63 6.85
C ASP G 203 31.89 -43.66 7.91
N LEU G 204 31.21 -43.24 8.98
CA LEU G 204 30.93 -44.17 10.08
C LEU G 204 29.53 -44.76 10.03
N GLY G 205 28.73 -44.30 9.07
CA GLY G 205 27.40 -44.86 8.81
C GLY G 205 27.33 -46.37 8.69
N PRO G 206 28.19 -46.97 7.85
CA PRO G 206 28.19 -48.42 7.62
C PRO G 206 28.53 -49.21 8.87
N ASP G 207 29.08 -48.53 9.88
CA ASP G 207 29.38 -49.12 11.18
C ASP G 207 28.25 -48.91 12.17
N ASN G 208 27.14 -48.34 11.71
CA ASN G 208 25.97 -48.04 12.54
C ASN G 208 26.23 -46.97 13.61
N ILE G 209 27.10 -46.03 13.27
CA ILE G 209 27.39 -44.95 14.20
C ILE G 209 26.82 -43.67 13.59
N ARG G 210 25.85 -43.06 14.24
CA ARG G 210 25.26 -41.81 13.77
C ARG G 210 26.06 -40.61 14.27
N VAL G 211 26.22 -39.60 13.43
CA VAL G 211 26.92 -38.40 13.86
C VAL G 211 26.02 -37.24 13.53
N ASN G 212 25.78 -36.37 14.51
CA ASN G 212 24.87 -35.24 14.41
C ASN G 212 25.40 -34.04 15.19
N ALA G 213 24.64 -32.95 15.12
CA ALA G 213 25.05 -31.65 15.65
C ALA G 213 23.80 -31.00 16.22
N ILE G 214 23.91 -30.49 17.45
CA ILE G 214 22.94 -29.55 17.97
C ILE G 214 23.47 -28.13 17.81
N SER G 215 22.68 -27.29 17.17
CA SER G 215 22.99 -25.87 17.03
C SER G 215 22.26 -25.11 18.15
N ALA G 216 22.96 -24.82 19.23
CA ALA G 216 22.33 -24.22 20.39
C ALA G 216 22.18 -22.71 20.21
N GLY G 217 21.08 -22.14 20.67
CA GLY G 217 20.96 -20.68 20.70
C GLY G 217 21.85 -20.18 21.83
N PRO G 218 21.99 -18.84 21.96
CA PRO G 218 22.90 -18.29 23.00
C PRO G 218 22.50 -18.60 24.46
N ILE G 219 23.48 -19.00 25.26
CA ILE G 219 23.26 -19.45 26.62
C ILE G 219 24.39 -18.82 27.47
N ARG G 220 24.07 -18.25 28.62
CA ARG G 220 25.08 -17.66 29.47
C ARG G 220 26.00 -18.73 30.02
N THR G 221 27.20 -18.82 29.46
CA THR G 221 28.24 -19.71 29.96
C THR G 221 29.56 -18.95 30.10
N LEU G 222 30.57 -19.63 30.65
CA LEU G 222 31.93 -19.14 30.76
C LEU G 222 32.53 -18.77 29.39
N SER G 223 32.32 -19.62 28.40
CA SER G 223 32.86 -19.35 27.08
C SER G 223 32.13 -18.18 26.42
N ALA G 224 30.86 -17.97 26.75
CA ALA G 224 30.08 -16.86 26.18
C ALA G 224 30.72 -15.53 26.51
N LYS G 225 31.42 -15.49 27.63
CA LYS G 225 32.04 -14.28 28.13
C LYS G 225 33.15 -13.79 27.20
N GLY G 226 33.56 -14.61 26.25
CA GLY G 226 34.60 -14.22 25.32
C GLY G 226 34.03 -13.76 23.99
N VAL G 227 32.72 -13.88 23.81
CA VAL G 227 32.09 -13.43 22.59
C VAL G 227 31.65 -11.96 22.66
N GLY G 228 32.27 -11.06 21.92
CA GLY G 228 31.80 -9.68 21.92
C GLY G 228 30.32 -9.60 21.65
N GLY G 229 29.64 -8.63 22.26
CA GLY G 229 28.24 -8.36 21.93
C GLY G 229 27.27 -9.40 22.44
N PHE G 230 27.78 -10.37 23.18
CA PHE G 230 26.92 -11.46 23.68
C PHE G 230 25.58 -11.06 24.35
N ASN G 231 25.52 -9.98 25.12
CA ASN G 231 24.21 -9.57 25.65
C ASN G 231 23.26 -9.13 24.54
N THR G 232 23.80 -8.42 23.55
CA THR G 232 23.02 -8.06 22.36
C THR G 232 22.41 -9.26 21.65
N ILE G 233 23.14 -10.37 21.55
CA ILE G 233 22.67 -11.62 20.93
C ILE G 233 21.46 -12.22 21.68
N LEU G 234 21.59 -12.39 22.98
CA LEU G 234 20.48 -12.82 23.83
C LEU G 234 19.23 -12.00 23.62
N LYS G 235 19.37 -10.67 23.67
CA LYS G 235 18.22 -9.78 23.59
C LYS G 235 17.58 -9.93 22.22
N GLU G 236 18.40 -10.15 21.20
CA GLU G 236 17.80 -10.25 19.87
C GLU G 236 16.96 -11.53 19.71
N ILE G 237 17.39 -12.61 20.38
CA ILE G 237 16.59 -13.80 20.43
C ILE G 237 15.23 -13.52 21.03
N GLU G 238 15.20 -12.88 22.21
CA GLU G 238 13.94 -12.59 22.90
C GLU G 238 13.00 -11.80 22.02
N GLU G 239 13.55 -10.87 21.26
CA GLU G 239 12.71 -9.98 20.49
C GLU G 239 12.27 -10.58 19.16
N ARG G 240 13.09 -11.44 18.54
CA ARG G 240 12.85 -11.80 17.13
C ARG G 240 12.57 -13.30 16.86
N ALA G 241 13.14 -14.20 17.65
CA ALA G 241 12.91 -15.63 17.46
C ALA G 241 11.43 -15.99 17.62
N PRO G 242 10.97 -16.96 16.83
CA PRO G 242 9.58 -17.36 16.93
C PRO G 242 9.06 -17.56 18.36
N LEU G 243 9.85 -18.13 19.26
CA LEU G 243 9.30 -18.42 20.58
C LEU G 243 9.45 -17.21 21.49
N LYS G 244 10.23 -16.22 21.07
CA LYS G 244 10.44 -14.98 21.81
C LYS G 244 11.00 -15.22 23.21
N ARG G 245 11.94 -16.14 23.33
CA ARG G 245 12.51 -16.41 24.65
C ARG G 245 13.83 -17.08 24.36
N ASN G 246 14.78 -16.97 25.29
CA ASN G 246 16.00 -17.74 25.13
C ASN G 246 15.84 -19.21 25.53
N VAL G 247 16.80 -20.03 25.15
CA VAL G 247 16.76 -21.42 25.54
C VAL G 247 17.75 -21.56 26.65
N ASP G 248 17.67 -22.69 27.34
CA ASP G 248 18.68 -23.05 28.29
C ASP G 248 19.29 -24.41 27.98
N GLN G 249 20.19 -24.78 28.90
CA GLN G 249 21.04 -25.94 28.81
C GLN G 249 20.25 -27.23 28.89
N VAL G 250 19.27 -27.33 29.78
CA VAL G 250 18.42 -28.51 29.84
C VAL G 250 17.72 -28.76 28.47
N GLU G 251 17.33 -27.70 27.77
CA GLU G 251 16.66 -27.90 26.50
C GLU G 251 17.61 -28.47 25.45
N VAL G 252 18.87 -28.06 25.48
CA VAL G 252 19.89 -28.68 24.64
C VAL G 252 20.09 -30.13 25.04
N GLY G 253 20.16 -30.37 26.34
CA GLY G 253 20.16 -31.73 26.89
C GLY G 253 19.04 -32.65 26.42
N LYS G 254 17.81 -32.13 26.37
CA LYS G 254 16.66 -32.95 25.95
C LYS G 254 16.77 -33.38 24.48
N THR G 255 17.23 -32.48 23.60
CA THR G 255 17.50 -32.86 22.21
C THR G 255 18.67 -33.84 22.12
N ALA G 256 19.70 -33.64 22.94
CA ALA G 256 20.80 -34.61 23.02
C ALA G 256 20.34 -36.02 23.40
N ALA G 257 19.40 -36.14 24.33
CA ALA G 257 18.79 -37.42 24.69
C ALA G 257 18.19 -38.06 23.45
N TYR G 258 17.36 -37.29 22.73
CA TYR G 258 16.77 -37.73 21.48
C TYR G 258 17.89 -38.25 20.53
N LEU G 259 18.93 -37.45 20.32
CA LEU G 259 19.99 -37.81 19.36
C LEU G 259 20.83 -39.01 19.79
N LEU G 260 21.02 -39.18 21.10
CA LEU G 260 21.88 -40.22 21.68
C LEU G 260 21.10 -41.53 21.76
N SER G 261 19.78 -41.45 21.65
CA SER G 261 18.98 -42.63 21.92
C SER G 261 18.45 -43.23 20.63
N ASP G 262 17.80 -44.39 20.77
CA ASP G 262 17.13 -45.06 19.67
C ASP G 262 16.02 -44.22 19.04
N LEU G 263 15.53 -43.19 19.73
CA LEU G 263 14.46 -42.36 19.18
C LEU G 263 14.85 -41.79 17.84
N SER G 264 16.13 -41.53 17.64
CA SER G 264 16.57 -40.87 16.43
C SER G 264 17.25 -41.82 15.46
N SER G 265 16.81 -43.08 15.41
N SER G 265 16.84 -43.09 15.45
CA SER G 265 17.61 -44.14 14.79
CA SER G 265 17.35 -43.99 14.43
C SER G 265 17.91 -44.02 13.28
C SER G 265 16.93 -43.44 13.06
N GLY G 266 17.12 -43.23 12.57
N GLY G 266 17.75 -43.68 12.04
CA GLY G 266 17.30 -43.01 11.12
CA GLY G 266 17.55 -43.00 10.76
C GLY G 266 17.81 -41.60 10.78
C GLY G 266 18.08 -41.58 10.67
N VAL G 267 18.32 -40.90 11.79
CA VAL G 267 18.76 -39.52 11.71
C VAL G 267 20.29 -39.46 11.81
N THR G 268 20.95 -39.06 10.74
CA THR G 268 22.40 -38.86 10.87
C THR G 268 22.82 -37.75 9.94
N GLY G 269 23.98 -37.15 10.21
CA GLY G 269 24.50 -36.05 9.38
C GLY G 269 23.62 -34.81 9.51
N GLU G 270 22.85 -34.74 10.59
CA GLU G 270 21.83 -33.72 10.70
C GLU G 270 22.25 -32.64 11.71
N ASN G 271 21.74 -31.43 11.48
CA ASN G 271 21.99 -30.33 12.38
C ASN G 271 20.66 -29.79 12.96
N ILE G 272 20.39 -30.05 14.24
CA ILE G 272 19.12 -29.67 14.85
C ILE G 272 19.27 -28.40 15.67
N HIS G 273 18.50 -27.38 15.29
CA HIS G 273 18.66 -26.05 15.88
C HIS G 273 17.82 -25.95 17.13
N VAL G 274 18.46 -25.80 18.29
CA VAL G 274 17.68 -25.73 19.52
C VAL G 274 17.76 -24.28 19.96
N ASP G 275 16.96 -23.45 19.32
CA ASP G 275 17.25 -22.01 19.39
C ASP G 275 16.02 -21.14 19.26
N SER G 276 14.87 -21.68 19.64
CA SER G 276 13.62 -20.94 19.63
C SER G 276 13.14 -20.56 18.25
N GLY G 277 13.71 -21.16 17.21
CA GLY G 277 13.27 -20.90 15.85
C GLY G 277 14.09 -19.90 15.08
N PHE G 278 15.11 -19.34 15.75
CA PHE G 278 15.85 -18.18 15.22
C PHE G 278 16.46 -18.46 13.86
N HIS G 279 16.88 -19.70 13.60
CA HIS G 279 17.60 -20.03 12.37
C HIS G 279 16.65 -19.85 11.16
N ALA G 280 15.35 -19.98 11.40
CA ALA G 280 14.41 -20.06 10.30
C ALA G 280 13.87 -18.69 9.91
N ILE G 281 14.23 -17.65 10.64
CA ILE G 281 13.73 -16.31 10.37
C ILE G 281 14.87 -15.38 9.87
N LYS G 282 14.51 -14.33 9.17
CA LYS G 282 15.39 -13.20 8.90
C LYS G 282 14.68 -11.84 9.07
N VAL H 28 31.18 -6.39 -19.70
CA VAL H 28 32.49 -6.52 -18.97
C VAL H 28 33.68 -6.03 -19.84
N ASN H 29 33.78 -4.73 -20.10
CA ASN H 29 35.06 -4.25 -20.60
C ASN H 29 36.07 -3.99 -19.45
N LEU H 30 37.14 -4.78 -19.34
CA LEU H 30 38.04 -4.64 -18.17
C LEU H 30 39.36 -3.88 -18.41
N GLU H 31 39.37 -3.01 -19.40
CA GLU H 31 40.58 -2.25 -19.73
C GLU H 31 40.88 -1.32 -18.57
N ASN H 32 42.15 -1.18 -18.21
CA ASN H 32 42.50 -0.39 -17.05
C ASN H 32 42.07 -1.00 -15.71
N LYS H 33 41.70 -2.29 -15.71
CA LYS H 33 41.61 -3.04 -14.47
C LYS H 33 42.87 -3.88 -14.27
N THR H 34 43.24 -4.11 -13.02
CA THR H 34 44.38 -4.96 -12.69
C THR H 34 43.97 -6.03 -11.70
N TYR H 35 44.18 -7.30 -12.04
CA TYR H 35 43.81 -8.39 -11.17
C TYR H 35 44.98 -9.29 -10.89
N VAL H 36 45.04 -9.79 -9.65
CA VAL H 36 46.08 -10.71 -9.22
C VAL H 36 45.50 -12.12 -9.25
N ILE H 37 46.21 -13.03 -9.91
CA ILE H 37 45.65 -14.35 -10.10
C ILE H 37 46.55 -15.37 -9.42
N MET H 38 45.97 -16.06 -8.46
CA MET H 38 46.79 -16.95 -7.64
C MET H 38 46.40 -18.38 -7.92
N GLY H 39 47.39 -19.17 -8.33
CA GLY H 39 47.23 -20.59 -8.37
C GLY H 39 47.29 -21.22 -9.76
N ILE H 40 48.01 -20.63 -10.71
CA ILE H 40 48.22 -21.31 -11.98
C ILE H 40 49.41 -22.25 -11.82
N ALA H 41 49.20 -23.54 -12.06
CA ALA H 41 50.29 -24.51 -12.09
C ALA H 41 50.64 -24.92 -13.52
N ASN H 42 49.62 -25.21 -14.33
CA ASN H 42 49.79 -25.52 -15.75
C ASN H 42 48.60 -25.06 -16.60
N LYS H 43 48.55 -25.54 -17.83
CA LYS H 43 47.54 -25.11 -18.79
C LYS H 43 46.14 -25.58 -18.41
N ARG H 44 46.04 -26.60 -17.55
CA ARG H 44 44.74 -27.08 -17.08
C ARG H 44 44.25 -26.42 -15.79
N SER H 45 45.06 -25.61 -15.11
CA SER H 45 44.58 -25.05 -13.85
C SER H 45 43.33 -24.21 -14.06
N ILE H 46 42.39 -24.27 -13.13
CA ILE H 46 41.19 -23.44 -13.23
C ILE H 46 41.57 -21.96 -13.34
N ALA H 47 42.62 -21.55 -12.64
CA ALA H 47 43.04 -20.17 -12.70
C ALA H 47 43.52 -19.77 -14.08
N PHE H 48 44.00 -20.71 -14.91
CA PHE H 48 44.42 -20.31 -16.26
C PHE H 48 43.22 -20.02 -17.15
N GLY H 49 42.08 -20.66 -16.87
CA GLY H 49 40.85 -20.34 -17.57
C GLY H 49 40.35 -18.96 -17.20
N VAL H 50 40.32 -18.67 -15.89
CA VAL H 50 40.10 -17.33 -15.40
C VAL H 50 41.01 -16.34 -16.13
N ALA H 51 42.29 -16.67 -16.25
CA ALA H 51 43.28 -15.76 -16.77
C ALA H 51 42.98 -15.43 -18.23
N LYS H 52 42.83 -16.45 -19.06
CA LYS H 52 42.48 -16.29 -20.47
C LYS H 52 41.29 -15.36 -20.69
N VAL H 53 40.30 -15.45 -19.80
CA VAL H 53 39.06 -14.73 -19.98
C VAL H 53 39.29 -13.27 -19.65
N LEU H 54 39.86 -12.98 -18.48
CA LEU H 54 40.14 -11.61 -18.11
C LEU H 54 41.12 -10.97 -19.11
N ASP H 55 42.01 -11.78 -19.66
CA ASP H 55 42.99 -11.27 -20.59
C ASP H 55 42.27 -10.83 -21.86
N GLN H 56 41.36 -11.65 -22.36
CA GLN H 56 40.51 -11.26 -23.49
C GLN H 56 39.76 -9.98 -23.24
N LEU H 57 39.39 -9.69 -21.99
CA LEU H 57 38.59 -8.50 -21.77
C LEU H 57 39.43 -7.23 -21.53
N GLY H 58 40.75 -7.38 -21.66
CA GLY H 58 41.69 -6.25 -21.58
C GLY H 58 42.27 -5.95 -20.22
N ALA H 59 42.02 -6.82 -19.23
CA ALA H 59 42.61 -6.57 -17.91
C ALA H 59 44.14 -6.74 -17.98
N LYS H 60 44.83 -6.01 -17.12
CA LYS H 60 46.22 -6.32 -16.78
C LYS H 60 46.21 -7.40 -15.68
N LEU H 61 47.06 -8.40 -15.85
CA LEU H 61 47.17 -9.52 -14.93
C LEU H 61 48.52 -9.62 -14.22
N VAL H 62 48.45 -9.80 -12.90
CA VAL H 62 49.60 -10.17 -12.10
C VAL H 62 49.44 -11.62 -11.68
N PHE H 63 50.49 -12.41 -11.74
CA PHE H 63 50.37 -13.83 -11.37
C PHE H 63 51.18 -14.23 -10.14
N THR H 64 50.62 -15.07 -9.28
CA THR H 64 51.45 -15.57 -8.20
C THR H 64 51.61 -17.07 -8.30
N TYR H 65 52.73 -17.60 -7.84
CA TYR H 65 53.04 -19.02 -7.99
C TYR H 65 53.77 -19.52 -6.74
N ARG H 66 53.82 -20.84 -6.53
CA ARG H 66 54.43 -21.36 -5.31
C ARG H 66 55.90 -21.74 -5.51
N LYS H 67 56.16 -22.54 -6.54
CA LYS H 67 57.51 -23.07 -6.73
C LYS H 67 58.06 -22.60 -8.07
N GLU H 68 59.29 -22.96 -8.43
CA GLU H 68 59.76 -22.59 -9.77
C GLU H 68 59.17 -23.44 -10.91
N ARG H 69 58.87 -24.70 -10.61
CA ARG H 69 58.21 -25.62 -11.55
C ARG H 69 56.96 -24.98 -12.15
N SER H 70 56.46 -23.96 -11.47
CA SER H 70 55.38 -23.15 -12.02
C SER H 70 55.88 -21.86 -12.69
N ARG H 71 57.13 -21.48 -12.46
CA ARG H 71 57.60 -20.17 -12.95
C ARG H 71 57.99 -20.33 -14.42
N LYS H 72 59.09 -21.04 -14.65
CA LYS H 72 59.53 -21.48 -15.98
C LYS H 72 58.36 -21.85 -16.92
N GLU H 73 57.22 -22.18 -16.34
CA GLU H 73 56.06 -22.77 -17.01
C GLU H 73 54.98 -21.73 -17.23
N LEU H 74 54.57 -21.07 -16.15
CA LEU H 74 53.81 -19.82 -16.22
C LEU H 74 54.31 -18.96 -17.35
N GLU H 75 55.63 -18.79 -17.42
CA GLU H 75 56.25 -17.90 -18.39
C GLU H 75 55.94 -18.34 -19.82
N LYS H 76 55.92 -19.64 -20.07
CA LYS H 76 55.51 -20.19 -21.37
C LYS H 76 54.02 -20.02 -21.63
N LEU H 77 53.18 -20.22 -20.61
CA LEU H 77 51.74 -20.02 -20.74
C LEU H 77 51.35 -18.58 -21.05
N LEU H 78 52.07 -17.63 -20.46
CA LEU H 78 51.81 -16.20 -20.70
C LEU H 78 52.06 -15.72 -22.12
N GLU H 79 52.72 -16.54 -22.94
CA GLU H 79 52.94 -16.22 -24.34
C GLU H 79 51.63 -16.20 -25.13
N GLN H 80 50.66 -17.00 -24.69
CA GLN H 80 49.33 -17.12 -25.32
C GLN H 80 48.41 -15.96 -24.98
N LEU H 81 48.70 -15.28 -23.88
CA LEU H 81 47.93 -14.12 -23.50
C LEU H 81 48.43 -12.89 -24.26
N ASN H 82 47.63 -11.85 -24.29
CA ASN H 82 48.05 -10.59 -24.87
C ASN H 82 48.66 -9.68 -23.80
N GLN H 83 49.08 -10.26 -22.69
CA GLN H 83 49.75 -9.51 -21.65
C GLN H 83 51.07 -9.01 -22.20
N PRO H 84 51.25 -7.67 -22.23
CA PRO H 84 52.45 -7.09 -22.82
C PRO H 84 53.68 -7.36 -21.95
N GLU H 85 53.45 -7.67 -20.68
CA GLU H 85 54.55 -7.96 -19.77
C GLU H 85 54.20 -8.95 -18.67
N ALA H 86 55.22 -9.69 -18.24
CA ALA H 86 55.06 -10.74 -17.24
C ALA H 86 55.24 -10.13 -15.86
N HIS H 87 54.16 -10.05 -15.10
CA HIS H 87 54.24 -9.70 -13.69
C HIS H 87 54.10 -10.96 -12.83
N LEU H 88 55.22 -11.53 -12.42
CA LEU H 88 55.25 -12.82 -11.72
C LEU H 88 55.91 -12.70 -10.33
N TYR H 89 55.24 -13.23 -9.32
CA TYR H 89 55.70 -13.11 -7.95
C TYR H 89 55.60 -14.45 -7.29
N GLN H 90 56.68 -14.86 -6.64
CA GLN H 90 56.62 -16.08 -5.87
C GLN H 90 55.99 -15.77 -4.53
N ILE H 91 54.90 -16.48 -4.23
CA ILE H 91 54.24 -16.42 -2.94
C ILE H 91 53.76 -17.81 -2.54
N ASP H 92 54.29 -18.31 -1.43
CA ASP H 92 53.75 -19.49 -0.75
C ASP H 92 52.85 -19.09 0.44
N VAL H 93 51.55 -19.34 0.33
CA VAL H 93 50.62 -18.77 1.32
C VAL H 93 50.73 -19.39 2.70
N GLN H 94 51.65 -20.34 2.87
CA GLN H 94 52.01 -20.85 4.18
C GLN H 94 52.92 -19.90 4.97
N SER H 95 53.45 -18.89 4.29
CA SER H 95 54.26 -17.87 4.95
C SER H 95 53.58 -16.50 4.91
N ASP H 96 53.26 -15.97 6.10
CA ASP H 96 52.80 -14.59 6.27
C ASP H 96 53.69 -13.60 5.54
N GLU H 97 54.99 -13.65 5.85
CA GLU H 97 55.98 -12.79 5.19
C GLU H 97 55.95 -12.86 3.67
N GLU H 98 55.84 -14.04 3.06
CA GLU H 98 55.74 -14.07 1.60
C GLU H 98 54.44 -13.45 1.11
N VAL H 99 53.35 -13.55 1.87
CA VAL H 99 52.10 -12.96 1.39
C VAL H 99 52.19 -11.44 1.53
N ILE H 100 52.68 -11.00 2.69
CA ILE H 100 52.87 -9.59 3.00
C ILE H 100 53.83 -8.93 2.00
N ASN H 101 55.08 -9.41 1.93
CA ASN H 101 56.08 -8.84 1.04
C ASN H 101 55.69 -8.93 -0.42
N GLY H 102 55.11 -10.06 -0.82
CA GLY H 102 54.52 -10.23 -2.14
C GLY H 102 53.54 -9.14 -2.53
N PHE H 103 52.48 -8.96 -1.75
CA PHE H 103 51.49 -7.96 -2.14
C PHE H 103 52.07 -6.55 -2.06
N GLU H 104 53.02 -6.36 -1.17
CA GLU H 104 53.73 -5.09 -1.09
C GLU H 104 54.51 -4.80 -2.38
N GLN H 105 55.26 -5.78 -2.89
CA GLN H 105 55.98 -5.64 -4.16
C GLN H 105 55.01 -5.34 -5.31
N ILE H 106 53.87 -6.06 -5.34
CA ILE H 106 52.87 -5.93 -6.41
C ILE H 106 52.38 -4.47 -6.50
N GLY H 107 52.09 -3.87 -5.35
CA GLY H 107 51.70 -2.47 -5.24
C GLY H 107 52.76 -1.53 -5.79
N LYS H 108 54.02 -1.76 -5.42
CA LYS H 108 55.14 -0.95 -5.93
C LYS H 108 55.36 -1.13 -7.44
N ASP H 109 55.18 -2.33 -7.97
CA ASP H 109 55.47 -2.59 -9.38
C ASP H 109 54.30 -2.15 -10.27
N VAL H 110 53.08 -2.17 -9.72
CA VAL H 110 51.91 -2.12 -10.57
C VAL H 110 50.82 -1.15 -10.10
N GLY H 111 50.90 -0.66 -8.87
CA GLY H 111 49.90 0.27 -8.35
C GLY H 111 48.75 -0.44 -7.66
N ASN H 112 47.64 0.27 -7.48
CA ASN H 112 46.42 -0.33 -6.91
C ASN H 112 45.79 -1.37 -7.82
N ILE H 113 45.34 -2.47 -7.22
CA ILE H 113 44.60 -3.48 -7.96
C ILE H 113 43.08 -3.38 -7.78
N ASP H 114 42.36 -4.03 -8.68
CA ASP H 114 40.91 -4.08 -8.62
C ASP H 114 40.39 -5.40 -8.08
N GLY H 115 41.24 -6.42 -7.97
CA GLY H 115 40.78 -7.63 -7.31
C GLY H 115 41.74 -8.79 -7.31
N VAL H 116 41.35 -9.86 -6.62
CA VAL H 116 42.15 -11.07 -6.50
C VAL H 116 41.35 -12.31 -6.86
N TYR H 117 41.88 -13.14 -7.75
CA TYR H 117 41.32 -14.49 -7.90
C TYR H 117 42.19 -15.51 -7.15
N HIS H 118 41.59 -16.08 -6.11
CA HIS H 118 42.23 -17.07 -5.28
C HIS H 118 41.81 -18.47 -5.74
N SER H 119 42.80 -19.24 -6.19
CA SER H 119 42.57 -20.57 -6.69
C SER H 119 43.56 -21.56 -6.08
N ILE H 120 43.75 -21.48 -4.78
CA ILE H 120 44.78 -22.24 -4.07
C ILE H 120 44.18 -23.26 -3.10
N ALA H 121 44.67 -24.51 -3.14
CA ALA H 121 44.23 -25.51 -2.16
C ALA H 121 45.23 -26.65 -2.10
N PHE H 122 45.23 -27.40 -1.01
CA PHE H 122 46.14 -28.52 -0.89
C PHE H 122 45.71 -29.48 0.22
N ALA H 123 45.88 -30.78 -0.03
CA ALA H 123 45.84 -31.78 1.04
C ALA H 123 46.81 -32.91 0.72
N ASN H 124 47.36 -33.59 1.73
CA ASN H 124 48.18 -34.77 1.47
C ASN H 124 47.30 -35.79 0.76
N MET H 125 47.85 -36.41 -0.27
CA MET H 125 47.16 -37.49 -0.96
C MET H 125 46.58 -38.59 -0.03
N GLU H 126 47.32 -38.98 1.02
CA GLU H 126 46.83 -40.00 1.95
CA GLU H 126 46.84 -39.99 1.98
C GLU H 126 45.48 -39.65 2.58
N ASP H 127 45.19 -38.35 2.73
CA ASP H 127 43.96 -37.93 3.37
C ASP H 127 42.79 -37.72 2.38
N LEU H 128 42.97 -38.05 1.11
CA LEU H 128 41.93 -37.84 0.08
C LEU H 128 41.31 -39.13 -0.49
N ARG H 129 41.24 -40.15 0.37
CA ARG H 129 40.85 -41.51 -0.03
C ARG H 129 40.60 -42.36 1.22
N GLY H 130 39.74 -43.35 1.10
CA GLY H 130 39.43 -44.22 2.24
C GLY H 130 38.79 -43.39 3.35
N ARG H 131 39.25 -43.52 4.59
CA ARG H 131 38.36 -43.19 5.72
C ARG H 131 38.60 -41.78 6.28
N PHE H 132 37.60 -40.91 6.23
CA PHE H 132 37.75 -39.58 6.77
C PHE H 132 38.18 -39.61 8.24
N SER H 133 37.58 -40.53 9.00
CA SER H 133 37.84 -40.68 10.43
C SER H 133 39.31 -40.96 10.75
N GLU H 134 40.11 -41.33 9.76
CA GLU H 134 41.50 -41.68 10.02
C GLU H 134 42.41 -40.52 9.65
N THR H 135 41.84 -39.34 9.41
CA THR H 135 42.66 -38.18 9.04
C THR H 135 43.59 -37.73 10.18
N SER H 136 44.89 -37.52 9.90
CA SER H 136 45.82 -36.96 10.89
C SER H 136 45.57 -35.48 11.15
N ARG H 137 45.84 -35.06 12.37
CA ARG H 137 45.78 -33.67 12.81
C ARG H 137 46.64 -32.76 11.92
N GLU H 138 47.86 -33.22 11.64
CA GLU H 138 48.77 -32.49 10.78
CA GLU H 138 48.76 -32.46 10.78
C GLU H 138 48.17 -32.29 9.39
N GLY H 139 47.63 -33.35 8.82
CA GLY H 139 47.03 -33.23 7.50
C GLY H 139 45.76 -32.38 7.46
N PHE H 140 44.92 -32.52 8.47
CA PHE H 140 43.74 -31.68 8.61
C PHE H 140 44.13 -30.20 8.71
N LEU H 141 45.12 -29.86 9.55
CA LEU H 141 45.43 -28.46 9.78
C LEU H 141 46.14 -27.87 8.56
N LEU H 142 46.80 -28.72 7.79
CA LEU H 142 47.50 -28.28 6.59
C LEU H 142 46.46 -27.86 5.54
N ALA H 143 45.43 -28.67 5.39
CA ALA H 143 44.41 -28.37 4.41
C ALA H 143 43.74 -27.03 4.77
N GLN H 144 43.49 -26.80 6.06
CA GLN H 144 42.85 -25.59 6.56
C GLN H 144 43.75 -24.39 6.33
N ASP H 145 45.02 -24.57 6.64
CA ASP H 145 46.02 -23.52 6.51
C ASP H 145 46.08 -22.97 5.08
N ILE H 146 46.27 -23.87 4.12
CA ILE H 146 46.47 -23.53 2.71
C ILE H 146 45.18 -23.22 1.95
N SER H 147 44.10 -23.92 2.27
CA SER H 147 42.90 -23.89 1.44
C SER H 147 41.85 -22.90 1.98
N SER H 148 42.03 -22.44 3.21
CA SER H 148 41.06 -21.57 3.84
C SER H 148 41.75 -20.36 4.45
N TYR H 149 42.60 -20.58 5.45
CA TYR H 149 43.22 -19.44 6.10
C TYR H 149 43.88 -18.54 5.06
N SER H 150 44.47 -19.13 4.01
CA SER H 150 45.20 -18.32 3.02
C SER H 150 44.38 -17.19 2.37
N LEU H 151 43.06 -17.34 2.33
CA LEU H 151 42.20 -16.27 1.84
C LEU H 151 42.16 -15.09 2.79
N THR H 152 42.03 -15.32 4.09
CA THR H 152 42.06 -14.26 5.10
C THR H 152 43.30 -13.37 4.95
N ILE H 153 44.48 -13.98 4.87
CA ILE H 153 45.69 -13.20 4.87
C ILE H 153 45.85 -12.53 3.49
N VAL H 154 45.54 -13.23 2.42
CA VAL H 154 45.53 -12.60 1.11
C VAL H 154 44.60 -11.38 1.04
N ALA H 155 43.43 -11.48 1.68
CA ALA H 155 42.46 -10.40 1.66
C ALA H 155 42.93 -9.21 2.49
N HIS H 156 43.50 -9.47 3.67
CA HIS H 156 44.03 -8.39 4.50
C HIS H 156 45.12 -7.60 3.77
N GLU H 157 45.96 -8.32 3.03
CA GLU H 157 47.08 -7.66 2.37
C GLU H 157 46.66 -7.02 1.06
N ALA H 158 45.71 -7.63 0.35
CA ALA H 158 45.19 -7.08 -0.89
C ALA H 158 44.35 -5.82 -0.66
N LYS H 159 43.61 -5.76 0.45
CA LYS H 159 42.87 -4.56 0.83
C LYS H 159 43.76 -3.32 0.82
N LYS H 160 44.99 -3.45 1.28
CA LYS H 160 45.95 -2.34 1.26
C LYS H 160 46.12 -1.75 -0.14
N LEU H 161 45.85 -2.55 -1.16
CA LEU H 161 45.98 -2.13 -2.56
C LEU H 161 44.64 -1.84 -3.21
N MET H 162 43.56 -1.89 -2.43
CA MET H 162 42.25 -1.56 -3.00
C MET H 162 41.57 -0.47 -2.21
N PRO H 163 42.13 0.75 -2.22
CA PRO H 163 41.58 1.77 -1.32
C PRO H 163 40.21 2.26 -1.76
N GLU H 164 39.93 2.19 -3.06
CA GLU H 164 38.64 2.64 -3.57
C GLU H 164 37.63 1.50 -3.64
N GLY H 165 37.97 0.35 -3.03
CA GLY H 165 37.16 -0.84 -3.21
C GLY H 165 37.68 -1.81 -4.26
N GLY H 166 37.03 -2.96 -4.35
CA GLY H 166 37.52 -4.06 -5.16
C GLY H 166 36.75 -5.35 -4.94
N SER H 167 37.33 -6.46 -5.39
CA SER H 167 36.58 -7.70 -5.47
C SER H 167 37.51 -8.89 -5.32
N ILE H 168 37.16 -9.82 -4.43
CA ILE H 168 37.96 -11.02 -4.19
C ILE H 168 37.11 -12.25 -4.46
N VAL H 169 37.66 -13.18 -5.24
CA VAL H 169 36.94 -14.40 -5.58
C VAL H 169 37.75 -15.66 -5.25
N ALA H 170 37.13 -16.63 -4.57
CA ALA H 170 37.82 -17.89 -4.21
C ALA H 170 37.13 -19.09 -4.89
N THR H 171 37.92 -20.07 -5.30
CA THR H 171 37.33 -21.29 -5.85
C THR H 171 36.91 -22.30 -4.79
N THR H 172 35.71 -22.82 -4.89
CA THR H 172 35.36 -23.88 -3.97
C THR H 172 34.78 -25.08 -4.72
N TYR H 173 34.25 -26.03 -3.98
CA TYR H 173 33.67 -27.21 -4.60
C TYR H 173 32.45 -27.67 -3.77
N LEU H 174 31.46 -28.27 -4.40
CA LEU H 174 30.27 -28.76 -3.70
C LEU H 174 30.52 -29.63 -2.45
N GLY H 175 31.63 -30.36 -2.44
CA GLY H 175 32.06 -31.12 -1.26
C GLY H 175 32.27 -30.32 0.01
N GLY H 176 32.29 -29.00 -0.10
CA GLY H 176 32.23 -28.13 1.07
C GLY H 176 30.86 -28.03 1.71
N GLU H 177 29.81 -28.44 1.00
CA GLU H 177 28.44 -28.25 1.47
C GLU H 177 27.75 -29.57 1.74
N PHE H 178 28.23 -30.64 1.09
CA PHE H 178 27.73 -31.99 1.33
C PHE H 178 28.90 -32.93 1.51
N ALA H 179 28.70 -34.06 2.15
CA ALA H 179 29.79 -35.01 2.27
C ALA H 179 29.87 -35.79 0.96
N VAL H 180 30.96 -35.63 0.22
CA VAL H 180 31.16 -36.36 -1.04
C VAL H 180 32.19 -37.47 -0.82
N GLN H 181 31.89 -38.68 -1.28
CA GLN H 181 32.82 -39.78 -1.14
C GLN H 181 34.27 -39.35 -1.53
N ASN H 182 35.25 -39.65 -0.67
CA ASN H 182 36.68 -39.42 -0.94
C ASN H 182 37.21 -38.01 -0.72
N TYR H 183 36.45 -36.98 -1.03
CA TYR H 183 37.00 -35.64 -0.95
C TYR H 183 37.48 -35.27 0.47
N ASN H 184 36.80 -35.84 1.48
CA ASN H 184 37.28 -35.95 2.86
C ASN H 184 37.80 -34.64 3.48
N VAL H 185 39.07 -34.58 3.82
CA VAL H 185 39.60 -33.41 4.50
C VAL H 185 39.43 -32.16 3.63
N MET H 186 39.51 -32.28 2.32
CA MET H 186 39.31 -31.11 1.47
C MET H 186 37.90 -30.54 1.57
N GLY H 187 36.95 -31.43 1.87
CA GLY H 187 35.56 -31.03 2.05
C GLY H 187 35.39 -30.18 3.29
N VAL H 188 36.09 -30.55 4.35
CA VAL H 188 36.04 -29.77 5.58
C VAL H 188 36.83 -28.44 5.39
N ALA H 189 37.95 -28.45 4.67
CA ALA H 189 38.62 -27.20 4.31
C ALA H 189 37.78 -26.29 3.43
N LYS H 190 37.09 -26.84 2.43
CA LYS H 190 36.16 -26.03 1.66
C LYS H 190 35.01 -25.47 2.47
N ALA H 191 34.45 -26.25 3.38
CA ALA H 191 33.37 -25.73 4.21
C ALA H 191 33.89 -24.50 4.96
N SER H 192 35.12 -24.63 5.42
CA SER H 192 35.79 -23.57 6.16
C SER H 192 36.05 -22.34 5.28
N LEU H 193 36.51 -22.57 4.06
CA LEU H 193 36.67 -21.50 3.06
C LEU H 193 35.36 -20.74 2.76
N GLU H 194 34.27 -21.48 2.60
CA GLU H 194 33.00 -20.82 2.31
C GLU H 194 32.55 -19.88 3.42
N ALA H 195 32.61 -20.33 4.68
CA ALA H 195 32.45 -19.43 5.82
C ALA H 195 33.47 -18.28 5.83
N ASN H 196 34.74 -18.58 5.57
CA ASN H 196 35.77 -17.55 5.46
C ASN H 196 35.26 -16.42 4.57
N VAL H 197 34.68 -16.79 3.44
CA VAL H 197 34.20 -15.87 2.43
C VAL H 197 33.05 -15.01 2.99
N LYS H 198 32.20 -15.62 3.81
CA LYS H 198 31.13 -14.84 4.38
C LYS H 198 31.62 -13.91 5.49
N TYR H 199 32.58 -14.37 6.30
CA TYR H 199 33.06 -13.51 7.38
C TYR H 199 33.89 -12.39 6.77
N LEU H 200 34.60 -12.67 5.67
CA LEU H 200 35.33 -11.59 4.98
C LEU H 200 34.38 -10.60 4.29
N ALA H 201 33.31 -11.12 3.69
CA ALA H 201 32.29 -10.28 3.09
C ALA H 201 31.77 -9.26 4.11
N LEU H 202 31.48 -9.73 5.33
CA LEU H 202 30.92 -8.87 6.37
C LEU H 202 31.96 -7.85 6.84
N ASP H 203 33.20 -8.30 7.05
CA ASP H 203 34.29 -7.40 7.45
C ASP H 203 34.59 -6.30 6.45
N LEU H 204 34.71 -6.69 5.18
CA LEU H 204 35.40 -5.88 4.17
C LEU H 204 34.37 -5.06 3.38
N GLY H 205 33.10 -5.30 3.69
CA GLY H 205 31.97 -4.74 2.96
C GLY H 205 31.92 -3.24 3.10
N PRO H 206 32.17 -2.72 4.32
CA PRO H 206 32.19 -1.28 4.54
C PRO H 206 33.35 -0.59 3.84
N ASP H 207 34.42 -1.33 3.52
CA ASP H 207 35.49 -0.78 2.68
C ASP H 207 35.18 -0.91 1.20
N ASN H 208 33.99 -1.42 0.89
CA ASN H 208 33.58 -1.64 -0.50
C ASN H 208 34.36 -2.75 -1.23
N ILE H 209 34.69 -3.82 -0.52
CA ILE H 209 35.39 -4.93 -1.11
C ILE H 209 34.42 -6.09 -0.98
N ARG H 210 34.08 -6.65 -2.13
CA ARG H 210 33.14 -7.77 -2.16
C ARG H 210 33.95 -9.07 -2.16
N VAL H 211 33.41 -10.10 -1.52
CA VAL H 211 34.10 -11.39 -1.44
C VAL H 211 33.05 -12.43 -1.73
N ASN H 212 33.37 -13.28 -2.70
CA ASN H 212 32.47 -14.31 -3.21
C ASN H 212 33.28 -15.56 -3.54
N ALA H 213 32.59 -16.65 -3.83
CA ALA H 213 33.17 -17.95 -4.16
C ALA H 213 32.55 -18.44 -5.45
N ILE H 214 33.30 -19.21 -6.20
CA ILE H 214 32.76 -19.93 -7.34
C ILE H 214 32.95 -21.39 -7.00
N SER H 215 31.85 -22.13 -6.98
CA SER H 215 31.84 -23.58 -6.76
C SER H 215 31.89 -24.25 -8.11
N ALA H 216 33.05 -24.73 -8.51
CA ALA H 216 33.27 -25.21 -9.88
C ALA H 216 32.87 -26.67 -9.93
N GLY H 217 32.21 -27.09 -10.98
CA GLY H 217 31.99 -28.52 -11.19
C GLY H 217 33.34 -29.20 -11.43
N PRO H 218 33.36 -30.55 -11.46
CA PRO H 218 34.62 -31.26 -11.69
C PRO H 218 35.26 -30.98 -13.06
N ILE H 219 36.57 -30.71 -13.03
CA ILE H 219 37.38 -30.41 -14.21
C ILE H 219 38.71 -31.18 -14.08
N ARG H 220 39.20 -31.75 -15.19
CA ARG H 220 40.49 -32.45 -15.16
CA ARG H 220 40.50 -32.44 -15.19
C ARG H 220 41.66 -31.46 -14.98
N THR H 221 42.11 -31.32 -13.73
CA THR H 221 43.33 -30.55 -13.42
C THR H 221 44.49 -31.40 -12.84
N LEU H 222 45.68 -30.81 -12.70
CA LEU H 222 46.74 -31.37 -11.84
C LEU H 222 46.29 -31.81 -10.43
N SER H 223 45.72 -30.91 -9.63
CA SER H 223 45.26 -31.27 -8.29
C SER H 223 44.18 -32.36 -8.31
N ALA H 224 43.47 -32.46 -9.44
CA ALA H 224 42.33 -33.39 -9.52
C ALA H 224 42.80 -34.84 -9.69
N LYS H 225 44.05 -35.06 -10.04
CA LYS H 225 44.64 -36.39 -9.99
C LYS H 225 44.75 -36.90 -8.55
N GLY H 226 44.88 -35.98 -7.60
CA GLY H 226 44.93 -36.32 -6.17
C GLY H 226 43.64 -36.79 -5.51
N VAL H 227 42.49 -36.46 -6.10
CA VAL H 227 41.19 -36.77 -5.49
C VAL H 227 40.80 -38.21 -5.82
N GLY H 228 40.60 -39.06 -4.82
CA GLY H 228 40.04 -40.39 -5.08
C GLY H 228 38.76 -40.42 -5.91
N GLY H 229 38.69 -41.31 -6.89
CA GLY H 229 37.45 -41.54 -7.64
C GLY H 229 36.98 -40.42 -8.54
N PHE H 230 37.92 -39.60 -8.99
CA PHE H 230 37.63 -38.47 -9.88
C PHE H 230 36.87 -38.80 -11.17
N ASN H 231 37.29 -39.79 -11.96
CA ASN H 231 36.56 -40.08 -13.19
C ASN H 231 35.09 -40.46 -12.97
N THR H 232 34.79 -41.03 -11.79
CA THR H 232 33.44 -41.43 -11.48
C THR H 232 32.60 -40.16 -11.24
N ILE H 233 33.22 -39.15 -10.64
CA ILE H 233 32.63 -37.82 -10.53
C ILE H 233 32.22 -37.23 -11.89
N LEU H 234 33.15 -37.21 -12.85
CA LEU H 234 32.86 -36.65 -14.19
C LEU H 234 31.65 -37.30 -14.82
N LYS H 235 31.61 -38.63 -14.78
CA LYS H 235 30.57 -39.33 -15.49
C LYS H 235 29.23 -39.07 -14.85
N GLU H 236 29.20 -38.91 -13.53
CA GLU H 236 27.95 -38.67 -12.86
C GLU H 236 27.34 -37.33 -13.30
N ILE H 237 28.17 -36.30 -13.33
CA ILE H 237 27.76 -35.02 -13.84
C ILE H 237 27.07 -35.18 -15.19
N GLU H 238 27.76 -35.76 -16.18
CA GLU H 238 27.19 -36.00 -17.50
C GLU H 238 25.83 -36.69 -17.45
N GLU H 239 25.62 -37.60 -16.51
CA GLU H 239 24.40 -38.38 -16.54
C GLU H 239 23.24 -37.70 -15.85
N ARG H 240 23.54 -36.90 -14.81
CA ARG H 240 22.53 -36.50 -13.83
CA ARG H 240 22.52 -36.51 -13.86
C ARG H 240 22.33 -34.99 -13.79
N ALA H 241 23.37 -34.22 -14.07
CA ALA H 241 23.27 -32.77 -13.95
C ALA H 241 22.32 -32.23 -15.04
N PRO H 242 21.53 -31.19 -14.70
CA PRO H 242 20.56 -30.59 -15.62
C PRO H 242 21.09 -30.36 -17.03
N LEU H 243 22.28 -29.79 -17.18
CA LEU H 243 22.84 -29.58 -18.53
C LEU H 243 23.47 -30.81 -19.18
N LYS H 244 23.63 -31.92 -18.46
CA LYS H 244 24.08 -33.18 -19.06
C LYS H 244 25.45 -33.07 -19.73
N ARG H 245 26.30 -32.19 -19.22
CA ARG H 245 27.66 -32.06 -19.71
C ARG H 245 28.49 -31.54 -18.55
N ASN H 246 29.80 -31.69 -18.66
CA ASN H 246 30.72 -31.07 -17.70
C ASN H 246 31.04 -29.65 -18.09
N VAL H 247 31.59 -28.89 -17.14
CA VAL H 247 32.00 -27.53 -17.39
C VAL H 247 33.50 -27.51 -17.66
N ASP H 248 34.00 -26.36 -18.12
CA ASP H 248 35.45 -26.20 -18.26
C ASP H 248 35.95 -24.91 -17.66
N GLN H 249 37.27 -24.77 -17.66
CA GLN H 249 38.00 -23.65 -17.09
C GLN H 249 37.46 -22.30 -17.57
N VAL H 250 37.12 -22.22 -18.85
CA VAL H 250 36.67 -20.96 -19.43
C VAL H 250 35.31 -20.57 -18.84
N GLU H 251 34.44 -21.55 -18.60
CA GLU H 251 33.16 -21.25 -17.96
C GLU H 251 33.38 -20.77 -16.53
N VAL H 252 34.40 -21.27 -15.85
CA VAL H 252 34.64 -20.71 -14.51
C VAL H 252 35.12 -19.27 -14.68
N GLY H 253 36.00 -19.04 -15.65
CA GLY H 253 36.53 -17.70 -15.90
C GLY H 253 35.48 -16.68 -16.28
N LYS H 254 34.49 -17.10 -17.05
CA LYS H 254 33.45 -16.17 -17.48
C LYS H 254 32.68 -15.72 -16.23
N THR H 255 32.40 -16.62 -15.30
CA THR H 255 31.77 -16.23 -14.05
C THR H 255 32.72 -15.44 -13.14
N ALA H 256 34.00 -15.74 -13.19
CA ALA H 256 34.97 -14.94 -12.45
C ALA H 256 34.96 -13.48 -12.91
N ALA H 257 34.87 -13.30 -14.23
CA ALA H 257 34.73 -12.00 -14.87
C ALA H 257 33.51 -11.22 -14.37
N TYR H 258 32.33 -11.85 -14.34
CA TYR H 258 31.17 -11.20 -13.73
C TYR H 258 31.47 -10.80 -12.27
N LEU H 259 31.98 -11.74 -11.48
CA LEU H 259 32.26 -11.46 -10.06
C LEU H 259 33.34 -10.40 -9.82
N LEU H 260 34.35 -10.36 -10.68
CA LEU H 260 35.45 -9.42 -10.51
C LEU H 260 35.08 -8.03 -11.05
N SER H 261 34.01 -7.94 -11.83
CA SER H 261 33.65 -6.68 -12.46
C SER H 261 32.49 -5.99 -11.73
N ASP H 262 32.18 -4.77 -12.16
CA ASP H 262 31.01 -4.01 -11.74
C ASP H 262 29.66 -4.67 -12.08
N LEU H 263 29.65 -5.71 -12.91
CA LEU H 263 28.40 -6.37 -13.23
C LEU H 263 27.78 -6.96 -11.96
N SER H 264 28.64 -7.32 -11.02
CA SER H 264 28.19 -7.99 -9.81
C SER H 264 28.16 -7.04 -8.61
N SER H 265 27.96 -5.74 -8.84
N SER H 265 28.01 -5.74 -8.89
CA SER H 265 28.25 -4.75 -7.80
CA SER H 265 27.83 -4.80 -7.81
C SER H 265 27.42 -4.87 -6.51
C SER H 265 26.58 -5.19 -7.04
N GLY H 266 26.29 -5.59 -6.58
N GLY H 266 26.66 -5.10 -5.71
CA GLY H 266 25.40 -5.73 -5.43
CA GLY H 266 25.57 -5.60 -4.87
C GLY H 266 25.51 -7.06 -4.72
C GLY H 266 25.62 -7.07 -4.50
N VAL H 267 26.49 -7.85 -5.13
CA VAL H 267 26.62 -9.26 -4.79
C VAL H 267 27.87 -9.52 -3.93
N THR H 268 27.69 -9.88 -2.67
CA THR H 268 28.82 -10.25 -1.82
C THR H 268 28.39 -11.36 -0.86
N GLY H 269 29.36 -12.13 -0.39
CA GLY H 269 29.09 -13.27 0.48
C GLY H 269 28.37 -14.38 -0.26
N GLU H 270 28.41 -14.33 -1.58
CA GLU H 270 27.71 -15.30 -2.40
C GLU H 270 28.63 -16.47 -2.86
N ASN H 271 28.00 -17.63 -3.12
CA ASN H 271 28.65 -18.81 -3.67
C ASN H 271 28.01 -19.14 -5.03
N ILE H 272 28.67 -18.91 -6.17
CA ILE H 272 27.98 -19.21 -7.44
C ILE H 272 28.40 -20.56 -7.99
N HIS H 273 27.43 -21.45 -8.15
CA HIS H 273 27.77 -22.78 -8.63
C HIS H 273 27.93 -22.77 -10.16
N VAL H 274 29.14 -23.07 -10.65
CA VAL H 274 29.34 -23.17 -12.09
C VAL H 274 29.62 -24.64 -12.39
N ASP H 275 28.52 -25.40 -12.39
CA ASP H 275 28.53 -26.87 -12.30
C ASP H 275 27.43 -27.60 -13.09
N SER H 276 26.85 -26.97 -14.11
CA SER H 276 25.83 -27.61 -14.94
C SER H 276 24.53 -27.89 -14.21
N GLY H 277 24.37 -27.33 -13.01
CA GLY H 277 23.13 -27.40 -12.25
C GLY H 277 23.16 -28.50 -11.21
N PHE H 278 24.27 -29.23 -11.18
CA PHE H 278 24.37 -30.42 -10.34
C PHE H 278 24.07 -30.11 -8.89
N HIS H 279 24.38 -28.89 -8.46
CA HIS H 279 24.16 -28.53 -7.07
C HIS H 279 22.68 -28.55 -6.67
N ALA H 280 21.80 -28.43 -7.65
CA ALA H 280 20.39 -28.15 -7.35
C ALA H 280 19.58 -29.44 -7.47
N ILE H 281 20.23 -30.54 -7.79
CA ILE H 281 19.50 -31.78 -7.89
C ILE H 281 19.92 -32.75 -6.82
N LYS H 282 19.16 -33.82 -6.67
CA LYS H 282 19.49 -34.86 -5.70
C LYS H 282 18.93 -36.18 -6.25
#